data_5ELP
#
_entry.id   5ELP
#
_cell.length_a   61.620
_cell.length_b   99.950
_cell.length_c   100.840
_cell.angle_alpha   91.93
_cell.angle_beta   88.18
_cell.angle_gamma   96.04
#
_symmetry.space_group_name_H-M   'P 1'
#
_entity_poly.entity_id   1
_entity_poly.type   'polypeptide(L)'
_entity_poly.pdbx_seq_one_letter_code
;MGSSHHHHHHSSGLVPRGSSFPDYYEDSLAVIGISCEFPGAKDHYEFWNNIKEGKESITFFSKEELRRSGISEELADHPG
FVPAKSVLEGKEMFDPGFFGFSPKDAEYMDPQLRMLLLHSWKAIEDAGYISKEIPETSVYMSASTNSYRSLLPEETTAQL
ETPDGYVSWVLAQSGTIPTMISHKLGLKGPSYFVHANCSSSLIGLHSAFQSLQSGEAKYALVGGATLHTESSAGYVHQPG
LNFSSDGHIKAFDADADGMIGGEGAGAVLLKKASDAVKDGDHIYALLRGIGVNNDGADKVGFYAPSVKGQAEVIQKVIDQ
TGIHPETIAYVEAHGTGTKLGDPIELSALQSVYGRYTDKKQYCGIGSVKTNLGHLDTAAGMAGCIKVVMSLYHQEIAPSI
NYKEPNPNLHLEDSPFFVAEEKKELTRENRAHRMALSSFGLGGTNTHAIFEQYPDASEAADAAGPFIIPLSARKKDRLKE
YAKQLLAFLERKTDTDLADLAYTFQVGREAMEERAAFITSGTAELKRQLADFINDKPAVTGCFRGEKQQAKDIAWLSDDD
DSAELIEKWLAKGKGPKLCEMWSKGVAINWHKLYKDKHPKRISLPVYPFAKEPYWPKKAEKN
;
_entity_poly.pdbx_strand_id   C,A,B,D
#
# COMPACT_ATOMS: atom_id res chain seq x y z
N TYR A 24 -17.44 -13.71 -46.17
CA TYR A 24 -16.71 -12.47 -46.01
C TYR A 24 -15.31 -12.88 -46.14
N TYR A 25 -14.46 -12.27 -45.35
CA TYR A 25 -13.05 -12.67 -45.42
C TYR A 25 -13.25 -13.75 -44.36
N GLU A 26 -13.53 -14.92 -44.67
CA GLU A 26 -13.57 -15.93 -43.67
C GLU A 26 -12.75 -16.80 -44.58
N ASP A 27 -11.47 -16.45 -44.70
CA ASP A 27 -10.53 -17.19 -45.52
C ASP A 27 -9.42 -17.72 -44.63
N SER A 28 -9.25 -17.08 -43.47
CA SER A 28 -8.22 -17.47 -42.51
C SER A 28 -8.73 -18.54 -41.55
N LEU A 29 -8.06 -18.97 -40.60
CA LEU A 29 -8.53 -19.99 -39.68
C LEU A 29 -9.22 -19.74 -38.36
N ALA A 30 -9.91 -20.73 -37.85
CA ALA A 30 -10.48 -20.66 -36.53
C ALA A 30 -9.70 -21.52 -35.59
N VAL A 31 -9.49 -21.04 -34.38
CA VAL A 31 -8.86 -21.85 -33.39
C VAL A 31 -10.00 -22.46 -32.57
N ILE A 32 -10.10 -23.76 -32.64
CA ILE A 32 -11.24 -24.44 -32.09
C ILE A 32 -10.86 -25.36 -30.95
N GLY A 33 -9.56 -25.48 -30.68
CA GLY A 33 -9.11 -26.22 -29.53
C GLY A 33 -7.82 -25.66 -28.98
N ILE A 34 -7.70 -25.66 -27.65
CA ILE A 34 -6.47 -25.27 -26.97
C ILE A 34 -6.11 -26.24 -25.85
N SER A 35 -4.83 -26.54 -25.73
CA SER A 35 -4.32 -27.22 -24.54
C SER A 35 -2.95 -26.66 -24.18
N CYS A 36 -2.72 -26.40 -22.90
CA CYS A 36 -1.41 -25.95 -22.52
C CYS A 36 -1.08 -26.10 -21.05
N GLU A 37 0.22 -26.17 -20.77
CA GLU A 37 0.75 -26.15 -19.42
C GLU A 37 1.86 -25.12 -19.40
N PHE A 38 1.76 -24.18 -18.47
CA PHE A 38 2.71 -23.10 -18.38
C PHE A 38 3.02 -22.89 -16.92
N PRO A 39 4.06 -22.12 -16.61
CA PRO A 39 4.32 -21.85 -15.22
C PRO A 39 3.12 -21.22 -14.55
N GLY A 40 2.68 -21.86 -13.48
CA GLY A 40 1.60 -21.33 -12.67
C GLY A 40 0.25 -21.69 -13.24
N ALA A 41 0.25 -22.31 -14.40
CA ALA A 41 -0.99 -22.66 -15.06
C ALA A 41 -0.88 -24.06 -15.58
N LYS A 42 -1.87 -24.88 -15.27
CA LYS A 42 -1.86 -26.23 -15.79
C LYS A 42 -2.83 -26.43 -16.93
N ASP A 43 -3.54 -25.37 -17.27
CA ASP A 43 -4.35 -25.41 -18.47
C ASP A 43 -4.59 -24.00 -18.93
N HIS A 44 -5.23 -23.86 -20.07
CA HIS A 44 -5.40 -22.55 -20.65
C HIS A 44 -6.35 -21.65 -19.84
N TYR A 45 -7.30 -22.24 -19.14
CA TYR A 45 -8.21 -21.46 -18.29
C TYR A 45 -7.57 -20.85 -17.05
N GLU A 46 -6.77 -21.64 -16.36
CA GLU A 46 -6.03 -21.15 -15.19
C GLU A 46 -5.04 -20.08 -15.62
N PHE A 47 -4.51 -20.28 -16.80
CA PHE A 47 -3.51 -19.42 -17.35
C PHE A 47 -4.08 -18.03 -17.52
N TRP A 48 -5.29 -17.95 -18.05
CA TRP A 48 -5.91 -16.66 -18.30
C TRP A 48 -6.19 -15.89 -17.01
N ASN A 49 -6.66 -16.60 -15.99
CA ASN A 49 -6.98 -15.95 -14.71
C ASN A 49 -5.75 -15.40 -14.03
N ASN A 50 -4.61 -16.06 -14.24
CA ASN A 50 -3.36 -15.61 -13.67
C ASN A 50 -2.85 -14.34 -14.31
N ILE A 51 -2.88 -14.30 -15.63
CA ILE A 51 -2.43 -13.13 -16.37
C ILE A 51 -3.38 -11.93 -16.22
N LYS A 52 -4.67 -12.22 -16.22
CA LYS A 52 -5.68 -11.19 -16.08
C LYS A 52 -5.61 -10.52 -14.71
N GLU A 53 -5.25 -11.32 -13.70
CA GLU A 53 -5.14 -10.83 -12.33
C GLU A 53 -3.76 -10.22 -12.05
N GLY A 54 -2.83 -10.42 -12.96
CA GLY A 54 -1.50 -9.87 -12.85
C GLY A 54 -0.57 -10.77 -12.07
N LYS A 55 -0.91 -12.04 -11.99
CA LYS A 55 -0.11 -13.03 -11.25
C LYS A 55 1.17 -13.39 -11.99
N GLU A 56 2.26 -13.45 -11.26
CA GLU A 56 3.57 -13.73 -11.78
C GLU A 56 3.93 -15.11 -11.38
N SER A 57 4.55 -15.84 -12.29
CA SER A 57 4.79 -17.26 -12.11
C SER A 57 6.25 -17.62 -12.00
N ILE A 58 7.09 -16.62 -11.88
CA ILE A 58 8.47 -16.88 -11.58
C ILE A 58 8.55 -17.31 -10.13
N THR A 59 9.60 -18.06 -9.79
CA THR A 59 9.74 -18.60 -8.47
C THR A 59 11.08 -18.21 -7.88
N PHE A 60 11.07 -18.05 -6.56
CA PHE A 60 12.22 -17.55 -5.83
C PHE A 60 12.55 -18.49 -4.71
N PHE A 61 13.83 -18.58 -4.37
CA PHE A 61 14.29 -19.44 -3.32
C PHE A 61 15.00 -18.60 -2.30
N SER A 62 14.63 -18.79 -1.05
CA SER A 62 15.18 -18.03 0.03
C SER A 62 16.48 -18.75 0.29
N LYS A 63 17.48 -18.10 0.79
CA LYS A 63 18.79 -18.71 1.03
C LYS A 63 18.95 -19.71 2.15
N GLU A 64 18.25 -20.79 2.06
CA GLU A 64 18.34 -21.87 3.03
C GLU A 64 18.24 -23.27 2.45
N GLU A 65 18.30 -23.24 1.12
CA GLU A 65 18.19 -24.34 0.22
C GLU A 65 19.50 -24.63 -0.44
N LEU A 66 19.71 -25.90 -0.74
CA LEU A 66 20.93 -26.38 -1.36
C LEU A 66 20.73 -26.86 -2.77
N HIS A 78 27.48 -18.35 -1.99
CA HIS A 78 27.75 -18.14 -3.40
C HIS A 78 26.67 -17.28 -4.01
N PRO A 79 26.63 -15.99 -3.55
CA PRO A 79 25.56 -15.17 -4.08
C PRO A 79 26.04 -13.96 -4.83
N GLY A 80 27.18 -14.08 -5.50
CA GLY A 80 27.71 -12.95 -6.23
C GLY A 80 26.58 -12.20 -6.89
N PHE A 81 25.80 -12.93 -7.67
CA PHE A 81 24.68 -12.38 -8.41
C PHE A 81 23.99 -13.68 -8.70
N VAL A 82 22.97 -13.96 -7.95
CA VAL A 82 22.24 -15.20 -8.05
C VAL A 82 20.77 -14.95 -7.82
N PRO A 83 19.98 -14.93 -8.95
CA PRO A 83 18.55 -14.72 -8.72
C PRO A 83 17.91 -16.12 -8.82
N ALA A 84 16.62 -16.26 -8.83
CA ALA A 84 15.92 -17.54 -8.93
C ALA A 84 15.22 -17.90 -10.24
N LYS A 85 14.55 -19.04 -10.33
CA LYS A 85 13.92 -19.44 -11.59
C LYS A 85 12.42 -19.54 -11.84
N SER A 86 12.08 -19.75 -13.10
CA SER A 86 10.66 -19.92 -13.47
C SER A 86 10.46 -21.32 -13.98
N VAL A 87 9.69 -22.12 -13.25
CA VAL A 87 9.69 -23.54 -13.51
C VAL A 87 8.32 -24.14 -13.78
N LEU A 88 8.36 -25.19 -14.58
CA LEU A 88 7.19 -25.93 -14.98
C LEU A 88 7.11 -27.23 -14.23
N GLU A 89 6.15 -27.32 -13.34
CA GLU A 89 6.03 -28.49 -12.51
C GLU A 89 5.53 -29.63 -13.34
N GLY A 90 5.98 -30.83 -12.97
CA GLY A 90 5.55 -32.06 -13.65
C GLY A 90 6.00 -32.18 -15.09
N LYS A 91 7.20 -31.71 -15.38
CA LYS A 91 7.78 -31.93 -16.70
C LYS A 91 8.11 -33.41 -16.90
N GLU A 92 8.53 -34.05 -15.82
CA GLU A 92 8.83 -35.49 -15.85
C GLU A 92 7.63 -36.42 -16.05
N MET A 93 6.46 -36.00 -15.59
CA MET A 93 5.33 -36.92 -15.51
C MET A 93 4.78 -37.30 -16.87
N PHE A 94 4.26 -38.52 -16.97
CA PHE A 94 3.82 -39.06 -18.25
C PHE A 94 2.90 -40.25 -18.09
N ASP A 95 2.19 -40.61 -19.17
CA ASP A 95 1.30 -41.76 -19.15
C ASP A 95 1.55 -42.72 -20.30
N PRO A 96 2.55 -43.59 -20.13
CA PRO A 96 2.97 -44.51 -21.19
C PRO A 96 1.93 -45.54 -21.58
N GLY A 97 1.16 -45.99 -20.60
CA GLY A 97 0.18 -47.07 -20.79
C GLY A 97 -0.98 -46.70 -21.70
N PHE A 98 -1.25 -45.41 -21.76
CA PHE A 98 -2.32 -44.88 -22.59
C PHE A 98 -1.99 -45.18 -24.03
N PHE A 99 -0.72 -45.07 -24.36
CA PHE A 99 -0.25 -45.14 -25.73
C PHE A 99 0.45 -46.44 -26.10
N GLY A 100 0.33 -47.46 -25.25
CA GLY A 100 1.03 -48.72 -25.47
C GLY A 100 2.54 -48.63 -25.50
N PHE A 101 3.08 -47.89 -24.53
CA PHE A 101 4.53 -47.65 -24.44
C PHE A 101 5.11 -48.42 -23.28
N SER A 102 6.32 -48.91 -23.46
CA SER A 102 7.06 -49.55 -22.38
C SER A 102 7.56 -48.43 -21.45
N PRO A 103 7.68 -48.71 -20.15
CA PRO A 103 8.28 -47.74 -19.23
C PRO A 103 9.70 -47.34 -19.58
N LYS A 104 10.47 -48.29 -20.06
CA LYS A 104 11.82 -48.01 -20.49
C LYS A 104 11.79 -47.07 -21.69
N ASP A 105 10.72 -47.11 -22.45
CA ASP A 105 10.64 -46.23 -23.59
C ASP A 105 10.47 -44.83 -23.14
N ALA A 106 9.61 -44.62 -22.20
CA ALA A 106 9.36 -43.26 -21.76
C ALA A 106 10.66 -42.59 -21.36
N GLU A 107 11.51 -43.34 -20.69
CA GLU A 107 12.78 -42.83 -20.17
C GLU A 107 13.69 -42.41 -21.32
N TYR A 108 13.53 -43.10 -22.44
CA TYR A 108 14.32 -42.86 -23.64
C TYR A 108 13.70 -41.83 -24.54
N MET A 109 12.76 -41.10 -23.97
CA MET A 109 11.91 -40.23 -24.71
C MET A 109 12.14 -38.89 -24.11
N ASP A 110 12.29 -37.93 -24.99
CA ASP A 110 12.40 -36.57 -24.59
C ASP A 110 11.12 -36.16 -23.90
N PRO A 111 11.26 -35.46 -22.77
CA PRO A 111 10.10 -34.98 -22.00
C PRO A 111 9.21 -34.11 -22.88
N GLN A 112 9.83 -33.24 -23.67
CA GLN A 112 9.09 -32.36 -24.56
C GLN A 112 8.25 -33.18 -25.53
N LEU A 113 8.84 -34.26 -26.04
CA LEU A 113 8.14 -35.14 -26.97
C LEU A 113 6.95 -35.78 -26.27
N ARG A 114 7.14 -36.12 -25.00
CA ARG A 114 6.07 -36.74 -24.21
C ARG A 114 4.99 -35.74 -23.93
N MET A 115 5.43 -34.54 -23.61
CA MET A 115 4.48 -33.48 -23.29
C MET A 115 3.67 -33.06 -24.51
N LEU A 116 4.34 -32.94 -25.65
CA LEU A 116 3.65 -32.54 -26.88
C LEU A 116 2.63 -33.58 -27.35
N LEU A 117 2.91 -34.82 -27.01
CA LEU A 117 1.97 -35.90 -27.26
C LEU A 117 0.69 -35.77 -26.48
N LEU A 118 0.82 -35.53 -25.19
CA LEU A 118 -0.34 -35.40 -24.33
C LEU A 118 -1.14 -34.17 -24.68
N HIS A 119 -0.45 -33.09 -24.99
CA HIS A 119 -1.14 -31.84 -25.34
C HIS A 119 -1.88 -31.90 -26.65
N SER A 120 -1.30 -32.60 -27.60
CA SER A 120 -1.95 -32.75 -28.90
C SER A 120 -3.23 -33.56 -28.75
N TRP A 121 -3.21 -34.56 -27.89
CA TRP A 121 -4.39 -35.34 -27.60
C TRP A 121 -5.48 -34.48 -26.99
N LYS A 122 -5.06 -33.68 -26.03
CA LYS A 122 -5.97 -32.85 -25.27
C LYS A 122 -6.66 -31.80 -26.13
N ALA A 123 -5.89 -31.20 -27.02
CA ALA A 123 -6.37 -30.10 -27.84
C ALA A 123 -7.51 -30.54 -28.74
N ILE A 124 -7.40 -31.77 -29.24
CA ILE A 124 -8.45 -32.38 -30.06
C ILE A 124 -9.70 -32.77 -29.27
N GLU A 125 -9.49 -33.20 -28.04
CA GLU A 125 -10.61 -33.44 -27.11
C GLU A 125 -11.25 -32.12 -26.72
N ASP A 126 -10.42 -31.10 -26.58
CA ASP A 126 -10.89 -29.75 -26.31
C ASP A 126 -11.77 -29.25 -27.43
N ALA A 127 -11.42 -29.65 -28.64
CA ALA A 127 -12.20 -29.34 -29.82
C ALA A 127 -13.55 -30.05 -29.84
N GLY A 128 -13.65 -31.17 -29.13
CA GLY A 128 -14.82 -32.04 -29.22
C GLY A 128 -14.81 -33.03 -30.37
N TYR A 129 -13.63 -33.52 -30.72
CA TYR A 129 -13.49 -34.46 -31.82
C TYR A 129 -12.73 -35.69 -31.36
N ILE A 130 -12.95 -36.79 -32.09
CA ILE A 130 -12.12 -37.98 -31.91
C ILE A 130 -11.05 -37.99 -32.98
N SER A 131 -9.80 -38.18 -32.55
CA SER A 131 -8.67 -38.03 -33.46
C SER A 131 -8.80 -38.96 -34.64
N LYS A 132 -9.23 -40.18 -34.36
CA LYS A 132 -9.36 -41.19 -35.41
C LYS A 132 -10.34 -40.72 -36.48
N GLU A 133 -11.36 -39.99 -36.05
CA GLU A 133 -12.41 -39.56 -36.96
C GLU A 133 -12.03 -38.36 -37.82
N ILE A 134 -10.93 -37.70 -37.48
CA ILE A 134 -10.44 -36.60 -38.32
C ILE A 134 -9.00 -36.84 -38.75
N PRO A 135 -8.82 -37.76 -39.70
CA PRO A 135 -7.52 -38.10 -40.22
C PRO A 135 -6.86 -37.00 -41.02
N GLU A 136 -7.62 -36.18 -41.70
CA GLU A 136 -7.08 -35.11 -42.53
C GLU A 136 -6.59 -33.92 -41.72
N THR A 137 -5.63 -34.15 -40.85
CA THR A 137 -5.08 -33.14 -39.97
C THR A 137 -3.59 -33.05 -40.21
N SER A 138 -3.07 -31.85 -40.41
CA SER A 138 -1.63 -31.69 -40.53
C SER A 138 -1.09 -31.52 -39.12
N VAL A 139 0.16 -31.92 -38.89
CA VAL A 139 0.79 -31.69 -37.59
C VAL A 139 2.08 -30.90 -37.73
N TYR A 140 2.16 -29.81 -37.02
CA TYR A 140 3.40 -29.05 -36.94
C TYR A 140 3.78 -28.86 -35.50
N MET A 141 4.95 -29.34 -35.15
CA MET A 141 5.44 -29.19 -33.80
C MET A 141 6.83 -28.60 -33.83
N SER A 142 7.21 -27.97 -32.72
CA SER A 142 8.55 -27.45 -32.58
C SER A 142 9.03 -27.61 -31.17
N ALA A 143 10.33 -27.80 -31.01
CA ALA A 143 10.88 -28.05 -29.68
C ALA A 143 12.33 -27.67 -29.50
N SER A 144 12.71 -27.48 -28.24
CA SER A 144 14.09 -27.11 -27.92
C SER A 144 14.76 -28.47 -27.80
N THR A 145 15.86 -28.67 -28.51
CA THR A 145 16.62 -29.92 -28.41
C THR A 145 17.40 -29.73 -27.12
N ASN A 146 16.96 -30.43 -26.07
CA ASN A 146 17.61 -30.33 -24.77
C ASN A 146 18.66 -31.40 -24.47
N SER A 147 19.35 -31.87 -25.51
CA SER A 147 20.38 -32.89 -25.30
C SER A 147 19.95 -33.88 -24.23
N TYR A 148 18.69 -34.29 -24.32
CA TYR A 148 18.12 -35.23 -23.37
C TYR A 148 18.84 -36.58 -23.40
N ARG A 149 19.26 -36.98 -24.59
CA ARG A 149 19.83 -38.30 -24.78
C ARG A 149 21.11 -38.47 -24.00
N SER A 150 21.81 -37.37 -23.81
CA SER A 150 23.13 -37.37 -23.17
C SER A 150 23.03 -37.64 -21.70
N LEU A 151 21.82 -37.57 -21.19
CA LEU A 151 21.50 -38.02 -19.84
C LEU A 151 21.61 -39.53 -19.66
N LEU A 152 21.40 -40.27 -20.74
CA LEU A 152 21.45 -41.72 -20.69
C LEU A 152 22.87 -42.27 -20.75
N PRO A 153 23.10 -43.44 -20.14
CA PRO A 153 24.42 -44.06 -20.02
C PRO A 153 25.13 -44.47 -21.32
N GLU A 154 24.42 -45.09 -22.25
CA GLU A 154 25.03 -45.61 -23.48
C GLU A 154 24.85 -44.64 -24.66
N ASP A 164 27.52 -48.59 -27.29
CA ASP A 164 27.23 -50.01 -27.43
C ASP A 164 26.78 -50.23 -28.83
N GLY A 165 27.71 -50.59 -29.69
CA GLY A 165 27.36 -50.84 -31.05
C GLY A 165 26.44 -52.00 -31.28
N TYR A 166 25.89 -52.55 -30.22
CA TYR A 166 25.03 -53.72 -30.39
C TYR A 166 23.51 -53.73 -30.13
N VAL A 167 22.99 -53.03 -29.11
CA VAL A 167 21.54 -53.07 -28.88
C VAL A 167 20.29 -52.26 -29.12
N SER A 168 20.38 -50.98 -28.81
CA SER A 168 19.27 -50.07 -28.97
C SER A 168 19.77 -48.71 -29.42
N TRP A 169 19.40 -48.41 -30.64
CA TRP A 169 19.71 -47.20 -31.31
C TRP A 169 19.48 -45.99 -30.48
N VAL A 170 18.21 -45.83 -30.12
CA VAL A 170 17.65 -44.66 -29.40
C VAL A 170 18.07 -43.31 -30.06
N LEU A 171 17.55 -43.12 -31.27
CA LEU A 171 17.89 -41.95 -32.08
C LEU A 171 16.61 -41.11 -32.06
N ALA A 172 16.44 -40.36 -30.98
CA ALA A 172 15.27 -39.47 -30.84
C ALA A 172 15.52 -38.11 -31.50
N GLN A 173 14.97 -37.95 -32.70
CA GLN A 173 15.17 -36.75 -33.48
C GLN A 173 13.98 -35.84 -33.41
N SER A 174 14.16 -34.66 -33.96
CA SER A 174 13.11 -33.67 -34.02
C SER A 174 11.93 -34.12 -34.86
N GLY A 175 12.22 -34.78 -35.96
CA GLY A 175 11.17 -35.27 -36.87
C GLY A 175 10.31 -36.32 -36.21
N THR A 176 10.88 -36.95 -35.20
CA THR A 176 10.18 -38.02 -34.51
C THR A 176 8.95 -37.51 -33.75
N ILE A 177 9.01 -36.30 -33.25
CA ILE A 177 7.92 -35.73 -32.43
C ILE A 177 6.57 -35.58 -33.15
N PRO A 178 6.55 -34.87 -34.27
CA PRO A 178 5.29 -34.70 -34.96
C PRO A 178 4.77 -36.03 -35.48
N THR A 179 5.69 -36.85 -35.96
CA THR A 179 5.36 -38.17 -36.52
C THR A 179 4.83 -39.21 -35.53
N MET A 180 5.36 -39.16 -34.31
CA MET A 180 4.87 -40.01 -33.23
C MET A 180 3.44 -39.63 -32.88
N ILE A 181 3.16 -38.33 -32.90
CA ILE A 181 1.83 -37.82 -32.59
C ILE A 181 0.82 -38.21 -33.66
N SER A 182 1.25 -38.08 -34.92
CA SER A 182 0.37 -38.41 -36.05
C SER A 182 0.02 -39.89 -36.04
N HIS A 183 0.96 -40.71 -35.64
CA HIS A 183 0.78 -42.15 -35.57
C HIS A 183 -0.11 -42.55 -34.42
N LYS A 184 0.13 -41.98 -33.28
CA LYS A 184 -0.69 -42.29 -32.11
C LYS A 184 -2.11 -41.78 -32.22
N LEU A 185 -2.29 -40.65 -32.87
CA LEU A 185 -3.63 -40.11 -33.08
C LEU A 185 -4.19 -40.53 -34.43
N GLY A 186 -3.36 -41.20 -35.22
CA GLY A 186 -3.74 -41.55 -36.59
C GLY A 186 -4.11 -40.39 -37.51
N LEU A 187 -3.18 -39.49 -37.74
CA LEU A 187 -3.46 -38.36 -38.60
C LEU A 187 -2.67 -38.45 -39.88
N LYS A 188 -3.38 -38.19 -40.97
CA LYS A 188 -2.91 -38.53 -42.30
C LYS A 188 -2.54 -37.31 -43.12
N GLY A 189 -2.57 -36.15 -42.48
CA GLY A 189 -2.08 -34.92 -43.10
C GLY A 189 -0.57 -34.84 -42.99
N PRO A 190 0.05 -33.96 -43.77
CA PRO A 190 1.52 -33.85 -43.71
C PRO A 190 1.97 -33.54 -42.31
N SER A 191 2.94 -34.29 -41.81
CA SER A 191 3.37 -34.09 -40.42
C SER A 191 4.87 -33.86 -40.35
N TYR A 192 5.26 -32.66 -39.94
CA TYR A 192 6.68 -32.35 -39.84
C TYR A 192 7.04 -31.33 -38.76
N PHE A 193 8.34 -31.16 -38.58
CA PHE A 193 8.90 -30.38 -37.49
C PHE A 193 9.39 -29.07 -38.07
N VAL A 194 9.07 -27.97 -37.39
CA VAL A 194 9.49 -26.64 -37.84
C VAL A 194 10.19 -25.94 -36.71
N HIS A 195 11.29 -25.27 -37.03
CA HIS A 195 12.00 -24.54 -36.02
C HIS A 195 12.70 -23.28 -36.49
N ALA A 196 12.36 -22.21 -35.78
CA ALA A 196 13.12 -20.98 -35.74
C ALA A 196 13.18 -20.78 -34.23
N ASN A 197 14.03 -19.92 -33.73
CA ASN A 197 14.40 -20.01 -32.31
C ASN A 197 13.50 -19.51 -31.18
N CYS A 198 13.01 -18.29 -31.36
CA CYS A 198 11.93 -17.75 -30.55
C CYS A 198 10.64 -17.74 -31.33
N SER A 199 10.74 -17.73 -32.65
CA SER A 199 9.55 -17.72 -33.51
C SER A 199 9.21 -19.11 -34.04
N SER A 200 9.20 -20.12 -33.16
CA SER A 200 8.94 -21.50 -33.58
C SER A 200 7.45 -21.74 -33.76
N SER A 201 6.67 -21.38 -32.74
CA SER A 201 5.22 -21.59 -32.77
C SER A 201 4.57 -20.86 -33.93
N LEU A 202 4.98 -19.62 -34.13
CA LEU A 202 4.45 -18.82 -35.25
C LEU A 202 4.78 -19.37 -36.61
N ILE A 203 5.90 -20.06 -36.74
CA ILE A 203 6.20 -20.76 -37.98
C ILE A 203 5.18 -21.86 -38.19
N GLY A 204 4.81 -22.50 -37.10
CA GLY A 204 3.79 -23.53 -37.18
C GLY A 204 2.46 -23.00 -37.66
N LEU A 205 2.07 -21.85 -37.11
CA LEU A 205 0.81 -21.25 -37.51
C LEU A 205 0.86 -20.85 -38.95
N HIS A 206 2.03 -20.41 -39.38
CA HIS A 206 2.23 -20.03 -40.78
C HIS A 206 2.11 -21.24 -41.69
N SER A 207 2.68 -22.35 -41.24
CA SER A 207 2.59 -23.58 -42.02
C SER A 207 1.16 -24.03 -42.09
N ALA A 208 0.49 -23.98 -40.96
CA ALA A 208 -0.91 -24.39 -40.87
C ALA A 208 -1.77 -23.50 -41.74
N PHE A 209 -1.40 -22.23 -41.80
CA PHE A 209 -2.14 -21.27 -42.59
C PHE A 209 -2.10 -21.58 -44.07
N GLN A 210 -0.90 -21.83 -44.57
CA GLN A 210 -0.73 -22.17 -45.97
C GLN A 210 -1.35 -23.51 -46.27
N SER A 211 -1.20 -24.43 -45.33
CA SER A 211 -1.72 -25.77 -45.55
C SER A 211 -3.22 -25.78 -45.71
N LEU A 212 -3.91 -25.15 -44.78
CA LEU A 212 -5.39 -25.16 -44.82
C LEU A 212 -6.03 -24.36 -45.93
N GLN A 213 -5.42 -23.24 -46.30
CA GLN A 213 -5.94 -22.40 -47.37
C GLN A 213 -5.74 -23.14 -48.67
N SER A 214 -4.63 -23.86 -48.74
CA SER A 214 -4.25 -24.65 -49.88
C SER A 214 -5.19 -25.84 -49.99
N GLY A 215 -5.88 -26.13 -48.91
CA GLY A 215 -6.91 -27.15 -48.91
C GLY A 215 -6.30 -28.52 -48.79
N GLU A 216 -5.00 -28.58 -48.52
CA GLU A 216 -4.30 -29.86 -48.44
C GLU A 216 -4.65 -30.64 -47.19
N ALA A 217 -5.28 -29.97 -46.24
CA ALA A 217 -5.86 -30.66 -45.08
C ALA A 217 -7.11 -29.95 -44.57
N LYS A 218 -7.99 -30.72 -43.94
CA LYS A 218 -9.13 -30.14 -43.26
C LYS A 218 -8.82 -29.47 -41.92
N TYR A 219 -7.91 -30.04 -41.14
CA TYR A 219 -7.58 -29.47 -39.82
C TYR A 219 -6.08 -29.30 -39.71
N ALA A 220 -5.65 -28.48 -38.77
CA ALA A 220 -4.24 -28.33 -38.50
C ALA A 220 -4.00 -28.29 -37.02
N LEU A 221 -2.90 -28.90 -36.62
CA LEU A 221 -2.55 -28.96 -35.23
C LEU A 221 -1.13 -28.48 -35.08
N VAL A 222 -0.97 -27.40 -34.35
CA VAL A 222 0.31 -26.72 -34.18
C VAL A 222 0.68 -26.75 -32.71
N GLY A 223 1.92 -27.10 -32.40
CA GLY A 223 2.40 -27.07 -31.02
C GLY A 223 3.83 -26.58 -30.88
N GLY A 224 4.18 -26.13 -29.69
CA GLY A 224 5.56 -25.73 -29.36
C GLY A 224 5.92 -26.10 -27.94
N ALA A 225 7.17 -26.41 -27.70
CA ALA A 225 7.58 -26.77 -26.37
C ALA A 225 9.03 -26.76 -26.04
N THR A 226 9.34 -26.14 -24.93
CA THR A 226 10.67 -26.08 -24.43
C THR A 226 10.73 -26.48 -22.96
N LEU A 227 11.46 -27.55 -22.69
CA LEU A 227 11.65 -28.06 -21.37
C LEU A 227 13.14 -28.20 -21.39
N HIS A 228 13.80 -27.97 -20.28
CA HIS A 228 15.25 -28.03 -20.20
C HIS A 228 15.69 -29.14 -19.35
N THR A 229 16.91 -29.57 -19.55
CA THR A 229 17.44 -30.69 -18.78
C THR A 229 18.69 -30.31 -17.98
N GLU A 230 18.77 -29.06 -17.53
CA GLU A 230 19.96 -28.67 -16.78
C GLU A 230 19.75 -28.52 -15.27
N SER A 231 18.50 -28.52 -14.83
CA SER A 231 18.14 -28.46 -13.37
C SER A 231 18.74 -27.41 -12.43
N SER A 232 18.31 -26.17 -12.56
CA SER A 232 18.90 -25.00 -11.84
C SER A 232 20.32 -24.71 -12.41
N VAL A 236 18.65 -18.12 -11.27
CA VAL A 236 19.91 -18.83 -11.36
C VAL A 236 20.61 -18.36 -12.61
N HIS A 237 21.13 -17.15 -12.55
CA HIS A 237 21.78 -16.57 -13.70
C HIS A 237 22.56 -15.35 -13.23
N GLN A 238 23.17 -14.62 -14.16
CA GLN A 238 23.95 -13.44 -13.80
C GLN A 238 23.83 -12.40 -14.90
N PRO A 239 23.70 -11.13 -14.55
CA PRO A 239 23.57 -10.16 -15.62
C PRO A 239 24.89 -10.08 -16.34
N GLY A 240 24.95 -9.22 -17.35
CA GLY A 240 26.13 -9.00 -18.16
C GLY A 240 25.91 -9.61 -19.51
N LEU A 241 25.45 -8.79 -20.43
CA LEU A 241 25.10 -9.23 -21.76
C LEU A 241 23.76 -9.98 -21.77
N ASN A 242 22.77 -9.33 -21.20
CA ASN A 242 21.43 -9.85 -21.11
C ASN A 242 21.31 -10.84 -20.00
N PHE A 243 20.16 -10.80 -19.35
CA PHE A 243 19.76 -11.60 -18.20
C PHE A 243 19.35 -10.55 -17.20
N SER A 244 18.17 -10.70 -16.66
CA SER A 244 17.66 -9.76 -15.74
C SER A 244 18.52 -9.70 -14.54
N SER A 245 18.83 -8.50 -14.11
CA SER A 245 19.56 -8.28 -12.87
C SER A 245 18.79 -8.87 -11.72
N ASP A 246 17.48 -8.63 -11.71
CA ASP A 246 16.65 -8.97 -10.56
C ASP A 246 15.81 -10.21 -10.76
N GLY A 247 15.90 -10.82 -11.94
CA GLY A 247 15.10 -11.99 -12.24
C GLY A 247 13.68 -11.69 -12.65
N HIS A 248 13.44 -10.45 -13.05
CA HIS A 248 12.14 -10.05 -13.57
C HIS A 248 12.29 -9.59 -15.00
N ILE A 249 11.22 -9.75 -15.76
CA ILE A 249 11.19 -9.27 -17.14
C ILE A 249 10.47 -7.92 -17.24
N LYS A 250 11.29 -6.86 -17.26
CA LYS A 250 10.77 -5.49 -17.46
C LYS A 250 10.31 -5.28 -18.88
N ALA A 251 9.00 -5.08 -19.06
CA ALA A 251 8.41 -4.88 -20.37
C ALA A 251 8.10 -3.41 -20.64
N PHE A 252 8.93 -2.79 -21.46
CA PHE A 252 8.74 -1.39 -21.88
C PHE A 252 8.85 -0.46 -20.71
N ASP A 253 9.61 -0.87 -19.71
CA ASP A 253 9.74 -0.07 -18.52
C ASP A 253 11.15 0.43 -18.54
N ALA A 254 11.34 1.51 -17.81
CA ALA A 254 12.61 2.19 -17.82
C ALA A 254 13.68 1.22 -17.26
N ASP A 255 13.27 0.42 -16.27
CA ASP A 255 14.23 -0.35 -15.49
C ASP A 255 14.55 -1.67 -16.15
N ALA A 256 14.20 -1.81 -17.42
CA ALA A 256 14.42 -3.06 -18.09
C ALA A 256 15.90 -3.33 -18.25
N ASP A 257 16.34 -4.48 -17.75
CA ASP A 257 17.77 -4.87 -17.83
C ASP A 257 18.02 -6.18 -18.58
N GLY A 258 16.98 -6.98 -18.74
CA GLY A 258 17.12 -8.24 -19.48
C GLY A 258 15.99 -9.20 -19.20
N MET A 259 16.14 -10.44 -19.64
CA MET A 259 15.08 -11.41 -19.45
C MET A 259 15.50 -12.70 -18.75
N ILE A 260 14.50 -13.48 -18.39
CA ILE A 260 14.70 -14.74 -17.73
C ILE A 260 14.02 -15.84 -18.54
N GLY A 261 14.67 -16.99 -18.59
CA GLY A 261 14.19 -18.14 -19.35
C GLY A 261 13.03 -18.88 -18.71
N GLY A 262 12.25 -19.56 -19.54
CA GLY A 262 11.04 -20.22 -19.06
C GLY A 262 10.77 -21.55 -19.72
N GLU A 263 9.87 -22.31 -19.13
CA GLU A 263 9.52 -23.62 -19.64
C GLU A 263 8.03 -23.81 -19.84
N GLY A 264 7.65 -24.29 -21.02
CA GLY A 264 6.26 -24.60 -21.29
C GLY A 264 6.02 -25.43 -22.53
N ALA A 265 4.79 -25.92 -22.65
CA ALA A 265 4.35 -26.56 -23.87
C ALA A 265 2.86 -26.33 -24.05
N GLY A 266 2.46 -26.18 -25.31
CA GLY A 266 1.04 -26.07 -25.63
C GLY A 266 0.79 -26.44 -27.08
N ALA A 267 -0.47 -26.72 -27.38
CA ALA A 267 -0.85 -27.03 -28.76
C ALA A 267 -2.24 -26.52 -29.04
N VAL A 268 -2.48 -26.16 -30.30
CA VAL A 268 -3.79 -25.71 -30.73
C VAL A 268 -4.32 -26.48 -31.93
N LEU A 269 -5.63 -26.52 -32.04
CA LEU A 269 -6.26 -27.13 -33.19
C LEU A 269 -6.98 -26.06 -34.00
N LEU A 270 -6.75 -26.09 -35.30
CA LEU A 270 -7.22 -25.05 -36.18
C LEU A 270 -8.04 -25.63 -37.29
N LYS A 271 -8.88 -24.78 -37.84
CA LYS A 271 -9.70 -25.15 -38.95
C LYS A 271 -9.88 -23.91 -39.77
N LYS A 272 -10.29 -24.08 -41.01
CA LYS A 272 -10.64 -22.94 -41.81
C LYS A 272 -11.89 -22.30 -41.20
N ALA A 273 -11.91 -20.97 -41.11
CA ALA A 273 -13.03 -20.22 -40.49
C ALA A 273 -14.42 -20.65 -40.96
N SER A 274 -14.60 -20.73 -42.27
CA SER A 274 -15.89 -21.12 -42.83
C SER A 274 -16.15 -22.56 -42.43
N ASP A 275 -15.10 -23.37 -42.48
CA ASP A 275 -15.19 -24.81 -42.15
C ASP A 275 -15.49 -25.02 -40.67
N ALA A 276 -15.63 -23.93 -39.92
CA ALA A 276 -15.84 -23.98 -38.49
C ALA A 276 -17.23 -23.54 -38.10
N VAL A 277 -17.64 -22.44 -38.69
CA VAL A 277 -18.98 -21.88 -38.50
C VAL A 277 -20.06 -22.77 -39.08
N LYS A 278 -19.80 -23.27 -40.27
CA LYS A 278 -20.72 -24.17 -40.96
C LYS A 278 -20.81 -25.52 -40.29
N ASP A 279 -19.69 -25.98 -39.77
CA ASP A 279 -19.67 -27.26 -39.08
C ASP A 279 -20.30 -27.17 -37.69
N GLY A 280 -20.45 -25.96 -37.17
CA GLY A 280 -20.97 -25.75 -35.81
C GLY A 280 -19.97 -25.99 -34.70
N ASP A 281 -18.70 -25.78 -35.01
CA ASP A 281 -17.66 -25.98 -34.02
C ASP A 281 -17.65 -24.85 -33.04
N HIS A 282 -16.92 -25.07 -31.97
CA HIS A 282 -16.80 -24.10 -30.92
C HIS A 282 -15.54 -23.29 -31.11
N ILE A 283 -15.69 -21.97 -31.29
CA ILE A 283 -14.57 -21.13 -31.69
C ILE A 283 -14.18 -20.12 -30.64
N TYR A 284 -12.94 -20.20 -30.18
CA TYR A 284 -12.41 -19.13 -29.33
C TYR A 284 -12.13 -17.85 -30.10
N ALA A 285 -11.49 -17.95 -31.26
CA ALA A 285 -11.09 -16.75 -32.00
C ALA A 285 -10.71 -17.06 -33.43
N LEU A 286 -10.46 -16.02 -34.20
CA LEU A 286 -10.10 -16.13 -35.63
C LEU A 286 -8.71 -15.62 -35.91
N LEU A 287 -8.00 -16.33 -36.76
CA LEU A 287 -6.66 -15.92 -37.16
C LEU A 287 -6.68 -15.39 -38.58
N ARG A 288 -6.57 -14.08 -38.71
CA ARG A 288 -6.68 -13.44 -40.02
C ARG A 288 -5.48 -13.59 -40.92
N GLY A 289 -4.29 -13.50 -40.36
CA GLY A 289 -3.07 -13.62 -41.15
C GLY A 289 -1.83 -13.78 -40.31
N ILE A 290 -0.78 -14.32 -40.90
CA ILE A 290 0.48 -14.52 -40.24
C ILE A 290 1.59 -14.49 -41.28
N GLY A 291 2.57 -13.62 -41.07
CA GLY A 291 3.67 -13.46 -42.02
C GLY A 291 5.04 -13.79 -41.44
N VAL A 292 5.97 -14.16 -42.31
CA VAL A 292 7.33 -14.50 -41.89
C VAL A 292 8.39 -13.91 -42.82
N ASN A 293 9.51 -13.52 -42.25
CA ASN A 293 10.64 -13.05 -43.04
C ASN A 293 11.91 -13.00 -42.19
N ASN A 294 13.03 -12.65 -42.79
CA ASN A 294 14.27 -12.60 -42.05
C ASN A 294 14.95 -11.28 -42.16
N ASP A 295 15.79 -10.97 -41.21
CA ASP A 295 16.50 -9.72 -41.12
C ASP A 295 17.56 -9.44 -42.16
N GLY A 296 18.30 -10.45 -42.57
CA GLY A 296 19.32 -10.23 -43.55
C GLY A 296 20.57 -9.92 -42.82
N ALA A 297 21.52 -9.34 -43.51
CA ALA A 297 22.74 -8.98 -42.87
C ALA A 297 22.48 -7.58 -42.43
N ASP A 298 23.06 -7.20 -41.31
CA ASP A 298 22.92 -5.87 -40.78
C ASP A 298 23.90 -5.91 -39.68
N LYS A 299 24.32 -4.76 -39.20
CA LYS A 299 25.30 -4.77 -38.17
C LYS A 299 24.53 -5.64 -37.28
N VAL A 300 25.13 -6.14 -36.23
CA VAL A 300 24.47 -7.01 -35.29
C VAL A 300 24.21 -8.21 -36.14
N GLY A 301 25.29 -8.79 -36.61
CA GLY A 301 25.22 -9.95 -37.48
C GLY A 301 24.09 -10.82 -37.00
N PHE A 302 24.09 -11.22 -35.74
CA PHE A 302 23.07 -12.11 -35.21
C PHE A 302 22.22 -11.97 -33.91
N TYR A 303 22.73 -11.25 -32.91
CA TYR A 303 22.01 -11.06 -31.65
C TYR A 303 21.57 -9.61 -31.48
N ALA A 304 20.36 -9.32 -31.92
CA ALA A 304 19.81 -7.97 -31.81
C ALA A 304 18.38 -7.94 -32.34
N PRO A 305 17.76 -6.70 -32.36
CA PRO A 305 16.39 -6.72 -32.87
C PRO A 305 16.44 -5.67 -33.97
N SER A 306 16.46 -6.11 -35.22
CA SER A 306 16.51 -5.21 -36.36
C SER A 306 15.18 -4.52 -36.54
N VAL A 307 15.20 -3.19 -36.52
CA VAL A 307 13.97 -2.40 -36.69
C VAL A 307 13.34 -2.56 -38.05
N LYS A 308 14.18 -2.53 -39.08
CA LYS A 308 13.69 -2.56 -40.44
C LYS A 308 13.03 -3.89 -40.76
N GLY A 309 13.60 -4.97 -40.26
CA GLY A 309 13.04 -6.30 -40.49
C GLY A 309 11.69 -6.55 -39.83
N GLN A 310 11.59 -6.19 -38.55
CA GLN A 310 10.33 -6.35 -37.84
C GLN A 310 9.28 -5.48 -38.52
N ALA A 311 9.75 -4.34 -39.02
CA ALA A 311 8.89 -3.39 -39.70
C ALA A 311 8.29 -4.02 -40.94
N GLU A 312 9.13 -4.72 -41.68
CA GLU A 312 8.77 -5.28 -42.99
C GLU A 312 7.65 -6.29 -42.87
N VAL A 313 7.72 -7.14 -41.86
CA VAL A 313 6.68 -8.15 -41.65
C VAL A 313 5.35 -7.59 -41.20
N ILE A 314 5.39 -6.61 -40.31
CA ILE A 314 4.14 -6.06 -39.80
C ILE A 314 3.42 -5.42 -40.96
N GLN A 315 4.18 -4.74 -41.80
CA GLN A 315 3.61 -4.13 -42.99
C GLN A 315 3.03 -5.21 -43.88
N LYS A 316 3.79 -6.29 -44.03
CA LYS A 316 3.45 -7.36 -44.94
C LYS A 316 2.12 -8.01 -44.57
N VAL A 317 1.93 -8.27 -43.30
CA VAL A 317 0.73 -8.90 -42.82
C VAL A 317 -0.45 -8.01 -43.06
N ILE A 318 -0.26 -6.73 -42.83
CA ILE A 318 -1.31 -5.73 -42.98
C ILE A 318 -1.75 -5.65 -44.43
N ASP A 319 -0.79 -5.64 -45.34
CA ASP A 319 -1.10 -5.61 -46.76
C ASP A 319 -1.89 -6.85 -47.11
N GLN A 320 -1.47 -7.96 -46.53
CA GLN A 320 -2.12 -9.24 -46.76
C GLN A 320 -3.54 -9.24 -46.20
N THR A 321 -3.66 -8.84 -44.94
CA THR A 321 -4.97 -8.82 -44.27
C THR A 321 -5.73 -7.53 -44.59
N GLY A 322 -5.02 -6.56 -45.16
CA GLY A 322 -5.59 -5.24 -45.46
C GLY A 322 -6.58 -4.86 -44.36
N ILE A 323 -6.17 -5.06 -43.12
CA ILE A 323 -7.01 -4.77 -41.96
C ILE A 323 -6.40 -3.45 -41.51
N HIS A 324 -7.26 -2.49 -41.25
CA HIS A 324 -6.78 -1.21 -40.75
C HIS A 324 -6.09 -1.49 -39.43
N PRO A 325 -5.41 -0.48 -38.90
CA PRO A 325 -4.60 -0.57 -37.72
C PRO A 325 -5.48 -0.02 -36.62
N GLU A 326 -6.34 0.95 -36.95
CA GLU A 326 -7.15 1.58 -35.90
C GLU A 326 -8.11 0.54 -35.34
N THR A 327 -8.26 -0.56 -36.08
CA THR A 327 -9.13 -1.65 -35.68
C THR A 327 -8.45 -2.60 -34.68
N ILE A 328 -7.22 -2.27 -34.26
CA ILE A 328 -6.50 -3.11 -33.32
C ILE A 328 -6.52 -2.48 -31.94
N ALA A 329 -7.18 -3.14 -31.01
CA ALA A 329 -7.24 -2.71 -29.62
C ALA A 329 -5.93 -2.97 -28.88
N TYR A 330 -5.38 -4.16 -29.12
CA TYR A 330 -4.24 -4.65 -28.35
C TYR A 330 -3.19 -5.27 -29.25
N VAL A 331 -1.93 -5.10 -28.90
CA VAL A 331 -0.84 -5.80 -29.57
C VAL A 331 -0.05 -6.56 -28.54
N GLU A 332 0.16 -7.84 -28.78
CA GLU A 332 0.97 -8.64 -27.89
C GLU A 332 2.39 -8.69 -28.42
N ALA A 333 3.25 -7.89 -27.84
CA ALA A 333 4.54 -7.61 -28.42
C ALA A 333 5.54 -8.70 -28.11
N HIS A 334 6.72 -8.61 -28.70
CA HIS A 334 7.80 -9.53 -28.37
C HIS A 334 8.19 -9.44 -26.89
N GLY A 335 8.20 -8.23 -26.35
CA GLY A 335 8.32 -8.03 -24.90
C GLY A 335 9.55 -8.63 -24.25
N THR A 336 10.69 -8.43 -24.91
CA THR A 336 11.97 -9.00 -24.47
C THR A 336 12.40 -8.49 -23.11
N GLY A 337 12.14 -7.22 -22.86
CA GLY A 337 12.53 -6.63 -21.59
C GLY A 337 13.97 -6.15 -21.55
N THR A 338 14.48 -5.75 -22.71
CA THR A 338 15.82 -5.17 -22.76
C THR A 338 15.76 -3.74 -23.23
N LYS A 339 16.69 -2.94 -22.74
CA LYS A 339 16.64 -1.51 -23.00
C LYS A 339 16.72 -1.25 -24.49
N LEU A 340 17.59 -2.00 -25.15
CA LEU A 340 17.80 -1.80 -26.59
C LEU A 340 16.66 -2.31 -27.46
N GLY A 341 16.11 -3.47 -27.13
CA GLY A 341 15.06 -4.08 -27.97
C GLY A 341 13.70 -3.41 -28.00
N ASP A 342 13.18 -3.09 -26.82
CA ASP A 342 11.78 -2.63 -26.69
C ASP A 342 11.52 -1.35 -27.48
N PRO A 343 12.47 -0.42 -27.42
CA PRO A 343 12.50 0.69 -28.33
C PRO A 343 12.45 0.30 -29.79
N ILE A 344 13.16 -0.76 -30.17
CA ILE A 344 13.16 -1.19 -31.56
C ILE A 344 11.77 -1.64 -32.00
N GLU A 345 11.11 -2.40 -31.15
CA GLU A 345 9.83 -2.96 -31.51
C GLU A 345 8.84 -1.85 -31.81
N LEU A 346 8.79 -0.89 -30.90
CA LEU A 346 7.81 0.20 -30.97
C LEU A 346 8.09 1.12 -32.09
N SER A 347 9.37 1.32 -32.35
CA SER A 347 9.78 2.18 -33.42
C SER A 347 9.23 1.60 -34.71
N ALA A 348 9.44 0.31 -34.89
CA ALA A 348 8.99 -0.38 -36.10
C ALA A 348 7.48 -0.51 -36.16
N LEU A 349 6.89 -0.85 -35.03
CA LEU A 349 5.45 -1.01 -34.97
C LEU A 349 4.77 0.29 -35.27
N GLN A 350 5.27 1.35 -34.66
CA GLN A 350 4.70 2.66 -34.83
C GLN A 350 4.83 3.10 -36.27
N SER A 351 5.98 2.81 -36.86
CA SER A 351 6.28 3.27 -38.20
C SER A 351 5.24 2.77 -39.16
N VAL A 352 4.81 1.53 -38.97
CA VAL A 352 3.79 0.94 -39.82
C VAL A 352 2.46 1.62 -39.57
N TYR A 353 2.18 1.89 -38.30
CA TYR A 353 0.94 2.55 -37.92
C TYR A 353 0.99 4.00 -38.38
N GLY A 354 2.19 4.59 -38.32
CA GLY A 354 2.37 5.97 -38.73
C GLY A 354 2.00 6.20 -40.18
N ARG A 355 2.17 5.17 -40.96
CA ARG A 355 1.89 5.33 -42.34
C ARG A 355 0.41 5.11 -42.53
N TYR A 356 -0.35 5.18 -41.45
CA TYR A 356 -1.80 4.98 -41.51
C TYR A 356 -2.53 6.02 -40.68
N THR A 357 -3.80 6.25 -40.99
CA THR A 357 -4.60 7.21 -40.26
C THR A 357 -4.29 6.50 -38.95
N ASP A 358 -3.84 7.25 -37.96
CA ASP A 358 -3.50 6.71 -36.65
C ASP A 358 -3.74 8.10 -36.07
N LYS A 359 -2.77 8.59 -35.29
CA LYS A 359 -2.86 9.92 -34.67
C LYS A 359 -3.70 9.88 -33.40
N LYS A 360 -3.32 9.02 -32.45
CA LYS A 360 -4.03 8.89 -31.18
C LYS A 360 -3.59 7.64 -30.43
N GLN A 361 -3.31 7.80 -29.13
CA GLN A 361 -2.87 6.66 -28.32
C GLN A 361 -4.09 5.83 -27.87
N TYR A 362 -4.36 4.80 -28.65
CA TYR A 362 -5.63 4.09 -28.60
C TYR A 362 -5.35 2.59 -28.46
N CYS A 363 -4.09 2.21 -28.60
CA CYS A 363 -3.75 0.80 -28.70
C CYS A 363 -2.91 0.28 -27.54
N GLY A 364 -3.41 -0.76 -26.89
CA GLY A 364 -2.69 -1.40 -25.79
C GLY A 364 -1.55 -2.28 -26.26
N ILE A 365 -0.45 -2.22 -25.52
CA ILE A 365 0.72 -3.00 -25.85
C ILE A 365 1.25 -3.74 -24.61
N GLY A 366 1.63 -4.99 -24.77
CA GLY A 366 1.99 -5.85 -23.65
C GLY A 366 2.86 -7.05 -23.95
N SER A 367 3.30 -7.71 -22.90
CA SER A 367 4.06 -8.94 -23.01
C SER A 367 3.57 -9.87 -21.93
N VAL A 368 3.29 -11.11 -22.30
CA VAL A 368 3.01 -12.14 -21.32
C VAL A 368 4.30 -12.76 -20.82
N LYS A 369 5.39 -12.39 -21.48
CA LYS A 369 6.70 -12.80 -21.06
C LYS A 369 6.98 -12.26 -19.67
N THR A 370 6.28 -11.19 -19.32
CA THR A 370 6.38 -10.60 -17.98
C THR A 370 5.86 -11.55 -16.90
N ASN A 371 4.73 -12.16 -17.20
CA ASN A 371 4.13 -13.17 -16.32
C ASN A 371 4.91 -14.47 -16.26
N LEU A 372 5.42 -14.90 -17.40
CA LEU A 372 5.87 -16.28 -17.55
C LEU A 372 7.34 -16.46 -17.83
N GLY A 373 7.99 -15.41 -18.30
CA GLY A 373 9.34 -15.53 -18.76
C GLY A 373 9.37 -15.76 -20.23
N HIS A 374 10.58 -15.90 -20.77
CA HIS A 374 10.75 -16.15 -22.20
C HIS A 374 10.72 -17.64 -22.52
N LEU A 375 9.82 -18.03 -23.42
CA LEU A 375 9.69 -19.43 -23.81
C LEU A 375 10.64 -19.77 -24.95
N ASP A 376 11.60 -20.65 -24.68
CA ASP A 376 12.58 -21.06 -25.69
C ASP A 376 11.90 -21.38 -27.01
N THR A 377 10.89 -22.24 -26.96
CA THR A 377 10.15 -22.63 -28.16
C THR A 377 8.66 -22.77 -27.86
N ALA A 378 8.13 -21.88 -27.04
CA ALA A 378 6.74 -21.91 -26.68
C ALA A 378 6.31 -20.49 -26.43
N ALA A 379 7.27 -19.62 -26.62
CA ALA A 379 7.10 -18.17 -26.59
C ALA A 379 5.91 -17.78 -27.47
N GLY A 380 5.97 -18.19 -28.74
CA GLY A 380 4.91 -17.89 -29.67
C GLY A 380 3.59 -18.45 -29.22
N MET A 381 3.61 -19.68 -28.70
CA MET A 381 2.41 -20.37 -28.27
C MET A 381 1.74 -19.66 -27.12
N ALA A 382 2.56 -19.21 -26.18
CA ALA A 382 2.06 -18.51 -25.00
C ALA A 382 1.42 -17.19 -25.38
N GLY A 383 2.11 -16.45 -26.22
CA GLY A 383 1.63 -15.17 -26.69
C GLY A 383 0.34 -15.41 -27.46
N CYS A 384 0.34 -16.48 -28.23
CA CYS A 384 -0.80 -16.84 -29.05
C CYS A 384 -2.05 -17.11 -28.19
N ILE A 385 -1.88 -17.88 -27.14
CA ILE A 385 -3.02 -18.26 -26.31
C ILE A 385 -3.59 -17.08 -25.55
N LYS A 386 -2.72 -16.18 -25.11
CA LYS A 386 -3.16 -15.00 -24.36
C LYS A 386 -4.07 -14.12 -25.20
N VAL A 387 -3.67 -13.96 -26.45
CA VAL A 387 -4.42 -13.18 -27.41
C VAL A 387 -5.74 -13.81 -27.83
N VAL A 388 -5.73 -15.12 -28.02
CA VAL A 388 -6.98 -15.81 -28.31
C VAL A 388 -7.89 -15.74 -27.10
N MET A 389 -7.30 -15.89 -25.93
CA MET A 389 -8.06 -15.82 -24.69
C MET A 389 -8.58 -14.41 -24.40
N SER A 390 -7.79 -13.40 -24.72
CA SER A 390 -8.22 -12.00 -24.54
C SER A 390 -9.40 -11.66 -25.44
N LEU A 391 -9.36 -12.15 -26.67
CA LEU A 391 -10.48 -11.99 -27.59
C LEU A 391 -11.71 -12.79 -27.18
N TYR A 392 -11.49 -13.97 -26.64
CA TYR A 392 -12.61 -14.86 -26.27
C TYR A 392 -13.45 -14.24 -25.18
N HIS A 393 -12.78 -13.67 -24.19
CA HIS A 393 -13.45 -13.10 -23.03
C HIS A 393 -13.62 -11.61 -23.14
N GLN A 394 -13.06 -11.04 -24.19
CA GLN A 394 -13.26 -9.64 -24.47
C GLN A 394 -12.63 -8.73 -23.44
N GLU A 395 -11.50 -9.13 -22.91
CA GLU A 395 -10.80 -8.31 -21.95
C GLU A 395 -9.36 -8.17 -22.38
N ILE A 396 -8.72 -7.11 -21.91
CA ILE A 396 -7.30 -6.95 -22.13
C ILE A 396 -6.65 -7.25 -20.81
N ALA A 397 -5.48 -7.85 -20.89
CA ALA A 397 -4.79 -8.34 -19.71
C ALA A 397 -3.62 -7.43 -19.38
N PRO A 398 -3.47 -7.11 -18.09
CA PRO A 398 -2.41 -6.22 -17.67
C PRO A 398 -1.06 -6.80 -17.98
N SER A 399 -0.12 -5.91 -18.25
CA SER A 399 1.25 -6.32 -18.39
C SER A 399 1.91 -5.83 -17.11
N ILE A 400 2.44 -6.79 -16.36
CA ILE A 400 2.88 -6.53 -14.99
C ILE A 400 4.36 -6.15 -14.91
N ASN A 401 4.81 -5.85 -13.70
CA ASN A 401 6.17 -5.39 -13.46
C ASN A 401 6.50 -4.12 -14.23
N TYR A 402 5.52 -3.23 -14.31
CA TYR A 402 5.69 -1.96 -15.00
C TYR A 402 5.43 -0.81 -14.03
N LYS A 403 6.33 0.17 -13.99
CA LYS A 403 6.05 1.40 -13.24
C LYS A 403 6.12 2.67 -14.06
N GLU A 404 7.26 2.96 -14.66
CA GLU A 404 7.38 4.18 -15.44
C GLU A 404 7.87 4.00 -16.86
N PRO A 405 7.30 4.79 -17.77
CA PRO A 405 7.55 4.71 -19.19
C PRO A 405 9.01 4.86 -19.51
N ASN A 406 9.53 3.99 -20.36
CA ASN A 406 10.89 4.18 -20.79
C ASN A 406 10.98 5.47 -21.56
N PRO A 407 11.93 6.32 -21.17
CA PRO A 407 12.17 7.57 -21.87
C PRO A 407 12.35 7.40 -23.37
N ASN A 408 12.95 6.28 -23.76
CA ASN A 408 13.28 6.01 -25.16
C ASN A 408 12.10 5.67 -26.05
N LEU A 409 11.04 5.14 -25.46
CA LEU A 409 9.91 4.70 -26.26
C LEU A 409 9.32 5.86 -27.04
N HIS A 410 9.35 7.05 -26.46
CA HIS A 410 8.73 8.19 -27.11
C HIS A 410 7.26 7.82 -27.31
N LEU A 411 6.69 7.31 -26.24
CA LEU A 411 5.40 6.66 -26.21
C LEU A 411 4.13 7.47 -26.36
N GLU A 412 4.26 8.79 -26.25
CA GLU A 412 3.13 9.69 -26.20
C GLU A 412 2.67 10.08 -27.63
N ASP A 413 3.62 10.19 -28.54
CA ASP A 413 3.30 10.42 -29.96
C ASP A 413 2.74 9.14 -30.58
N SER A 414 3.06 8.04 -29.92
CA SER A 414 2.76 6.71 -30.40
C SER A 414 1.30 6.38 -30.31
N PRO A 415 0.88 5.34 -31.05
CA PRO A 415 -0.47 4.80 -31.03
C PRO A 415 -0.74 3.87 -29.86
N PHE A 416 0.27 3.67 -29.02
CA PHE A 416 0.18 2.68 -27.97
C PHE A 416 0.22 3.26 -26.58
N PHE A 417 -0.51 2.63 -25.68
CA PHE A 417 -0.35 2.86 -24.26
C PHE A 417 -0.08 1.52 -23.59
N VAL A 418 0.89 1.49 -22.69
CA VAL A 418 1.20 0.27 -21.94
C VAL A 418 0.07 0.01 -20.99
N ALA A 419 -0.30 -1.24 -20.84
CA ALA A 419 -1.44 -1.58 -20.01
C ALA A 419 -1.00 -1.99 -18.63
N GLU A 420 -1.30 -1.15 -17.65
CA GLU A 420 -1.04 -1.45 -16.26
C GLU A 420 -2.28 -2.04 -15.61
N GLU A 421 -3.37 -2.22 -16.34
CA GLU A 421 -4.56 -2.74 -15.69
C GLU A 421 -5.59 -3.67 -16.31
N LYS A 422 -6.45 -4.22 -15.46
CA LYS A 422 -7.49 -5.13 -15.95
C LYS A 422 -8.73 -4.46 -16.56
N LYS A 423 -8.60 -3.92 -17.75
CA LYS A 423 -9.70 -3.22 -18.39
C LYS A 423 -10.70 -4.24 -18.88
N GLU A 424 -11.71 -3.77 -19.58
CA GLU A 424 -12.73 -4.60 -20.17
C GLU A 424 -12.89 -4.02 -21.52
N LEU A 425 -13.76 -4.58 -22.32
CA LEU A 425 -13.95 -4.12 -23.65
C LEU A 425 -15.41 -4.24 -23.99
N THR A 426 -15.80 -3.56 -25.05
CA THR A 426 -17.15 -3.58 -25.57
C THR A 426 -17.38 -2.40 -26.46
N ARG A 430 -18.92 -3.76 -33.91
CA ARG A 430 -17.75 -4.35 -34.58
C ARG A 430 -16.89 -5.21 -33.67
N ALA A 431 -16.35 -6.27 -34.24
CA ALA A 431 -15.52 -7.22 -33.52
C ALA A 431 -14.13 -6.72 -33.30
N HIS A 432 -13.52 -7.19 -32.25
CA HIS A 432 -12.19 -6.67 -31.92
C HIS A 432 -11.06 -7.45 -32.60
N ARG A 433 -9.91 -6.78 -32.68
CA ARG A 433 -8.74 -7.37 -33.31
C ARG A 433 -7.54 -7.16 -32.43
N MET A 434 -6.60 -8.09 -32.51
CA MET A 434 -5.36 -8.02 -31.74
C MET A 434 -4.23 -8.55 -32.57
N ALA A 435 -3.05 -8.01 -32.36
CA ALA A 435 -1.88 -8.41 -33.14
C ALA A 435 -0.89 -9.10 -32.25
N LEU A 436 -0.03 -9.90 -32.86
CA LEU A 436 0.97 -10.64 -32.12
C LEU A 436 2.30 -10.60 -32.84
N SER A 437 3.37 -10.46 -32.06
CA SER A 437 4.72 -10.45 -32.61
C SER A 437 5.59 -11.49 -31.92
N SER A 438 6.54 -12.02 -32.67
CA SER A 438 7.61 -12.84 -32.11
C SER A 438 8.82 -12.63 -32.96
N PHE A 439 9.95 -12.32 -32.34
CA PHE A 439 11.17 -12.13 -33.09
C PHE A 439 12.27 -13.03 -32.63
N GLY A 440 12.79 -13.76 -33.60
CA GLY A 440 13.71 -14.83 -33.35
C GLY A 440 15.08 -14.37 -33.00
N LEU A 441 15.83 -15.27 -32.37
CA LEU A 441 17.23 -15.04 -32.18
C LEU A 441 17.92 -15.02 -33.53
N GLY A 442 17.43 -15.85 -34.44
CA GLY A 442 17.98 -15.92 -35.77
C GLY A 442 17.86 -14.61 -36.53
N GLY A 443 16.75 -13.91 -36.31
CA GLY A 443 16.37 -12.84 -37.21
C GLY A 443 15.23 -13.25 -38.11
N THR A 444 14.54 -14.32 -37.74
CA THR A 444 13.32 -14.66 -38.42
C THR A 444 12.21 -14.09 -37.57
N ASN A 445 11.46 -13.17 -38.16
CA ASN A 445 10.40 -12.47 -37.43
C ASN A 445 9.05 -12.91 -37.91
N THR A 446 8.09 -12.85 -37.01
CA THR A 446 6.74 -13.17 -37.37
C THR A 446 5.76 -12.21 -36.73
N HIS A 447 4.69 -11.92 -37.46
CA HIS A 447 3.63 -11.07 -36.95
C HIS A 447 2.32 -11.70 -37.35
N ALA A 448 1.32 -11.57 -36.49
CA ALA A 448 0.00 -12.10 -36.77
C ALA A 448 -1.10 -11.22 -36.24
N ILE A 449 -2.27 -11.35 -36.83
CA ILE A 449 -3.43 -10.60 -36.37
C ILE A 449 -4.54 -11.58 -36.13
N PHE A 450 -5.35 -11.29 -35.13
CA PHE A 450 -6.45 -12.17 -34.80
C PHE A 450 -7.71 -11.34 -34.75
N GLU A 451 -8.84 -11.99 -34.94
CA GLU A 451 -10.11 -11.29 -34.86
C GLU A 451 -11.05 -12.06 -33.97
N GLN A 452 -11.99 -11.33 -33.40
CA GLN A 452 -12.94 -11.92 -32.50
C GLN A 452 -13.97 -12.73 -33.24
N TYR A 453 -14.40 -13.84 -32.64
CA TYR A 453 -15.57 -14.55 -33.13
C TYR A 453 -16.69 -14.45 -32.11
N PRO A 454 -17.69 -13.63 -32.43
CA PRO A 454 -18.75 -13.33 -31.53
C PRO A 454 -19.92 -14.18 -31.88
N ASP A 455 -20.84 -14.37 -30.95
CA ASP A 455 -22.04 -15.13 -31.22
C ASP A 455 -22.59 -14.80 -32.61
N ALA A 463 -33.68 -29.25 -22.76
CA ALA A 463 -34.31 -30.45 -23.28
C ALA A 463 -34.69 -31.35 -22.11
N GLY A 464 -34.92 -32.62 -22.39
CA GLY A 464 -35.39 -33.53 -21.36
C GLY A 464 -34.26 -34.31 -20.74
N PRO A 465 -34.23 -35.63 -20.98
CA PRO A 465 -33.22 -36.49 -20.39
C PRO A 465 -31.89 -36.41 -21.10
N PHE A 466 -30.82 -36.68 -20.36
CA PHE A 466 -29.46 -36.57 -20.87
C PHE A 466 -28.65 -37.81 -20.59
N ILE A 467 -27.76 -38.15 -21.51
CA ILE A 467 -26.88 -39.31 -21.35
C ILE A 467 -25.43 -38.93 -21.40
N ILE A 468 -24.68 -39.28 -20.36
CA ILE A 468 -23.23 -39.01 -20.34
C ILE A 468 -22.44 -40.30 -20.27
N PRO A 469 -21.70 -40.59 -21.33
CA PRO A 469 -20.81 -41.72 -21.32
C PRO A 469 -19.43 -41.35 -20.88
N LEU A 470 -18.98 -41.95 -19.79
CA LEU A 470 -17.67 -41.66 -19.24
C LEU A 470 -16.76 -42.85 -19.41
N SER A 471 -15.54 -42.60 -19.88
CA SER A 471 -14.62 -43.67 -20.19
C SER A 471 -13.18 -43.38 -19.84
N ALA A 472 -12.42 -44.44 -19.64
CA ALA A 472 -11.00 -44.31 -19.40
C ALA A 472 -10.31 -45.63 -19.60
N ARG A 473 -8.98 -45.61 -19.58
CA ARG A 473 -8.20 -46.83 -19.69
C ARG A 473 -8.35 -47.71 -18.45
N LYS A 474 -8.49 -47.07 -17.31
CA LYS A 474 -8.54 -47.75 -16.02
C LYS A 474 -9.65 -47.19 -15.16
N LYS A 475 -9.99 -47.91 -14.12
CA LYS A 475 -11.02 -47.48 -13.16
C LYS A 475 -10.62 -46.27 -12.35
N ASP A 476 -9.35 -46.21 -11.97
CA ASP A 476 -8.86 -45.08 -11.17
C ASP A 476 -8.88 -43.82 -12.01
N ARG A 477 -8.57 -43.97 -13.28
CA ARG A 477 -8.55 -42.84 -14.20
C ARG A 477 -9.95 -42.31 -14.32
N LEU A 478 -10.89 -43.25 -14.42
CA LEU A 478 -12.31 -42.96 -14.52
C LEU A 478 -12.88 -42.27 -13.29
N LYS A 479 -12.45 -42.67 -12.10
CA LYS A 479 -12.91 -42.00 -10.89
C LYS A 479 -12.38 -40.59 -10.92
N GLU A 480 -11.10 -40.45 -11.24
CA GLU A 480 -10.49 -39.12 -11.29
C GLU A 480 -11.10 -38.30 -12.40
N TYR A 481 -11.56 -38.98 -13.43
CA TYR A 481 -12.24 -38.31 -14.52
C TYR A 481 -13.49 -37.65 -14.02
N ALA A 482 -14.16 -38.35 -13.12
CA ALA A 482 -15.39 -37.85 -12.52
C ALA A 482 -15.13 -36.65 -11.65
N LYS A 483 -14.07 -36.70 -10.88
CA LYS A 483 -13.76 -35.59 -10.00
C LYS A 483 -13.62 -34.33 -10.82
N GLN A 484 -12.89 -34.44 -11.93
CA GLN A 484 -12.63 -33.29 -12.77
C GLN A 484 -13.90 -32.79 -13.45
N LEU A 485 -14.73 -33.72 -13.88
CA LEU A 485 -16.02 -33.39 -14.48
C LEU A 485 -16.92 -32.72 -13.44
N LEU A 486 -16.90 -33.28 -12.26
CA LEU A 486 -17.64 -32.74 -11.11
C LEU A 486 -17.13 -31.38 -10.65
N ALA A 487 -15.81 -31.25 -10.64
CA ALA A 487 -15.17 -30.02 -10.21
C ALA A 487 -15.53 -28.91 -11.15
N PHE A 488 -15.59 -29.27 -12.42
CA PHE A 488 -15.96 -28.36 -13.49
C PHE A 488 -17.40 -27.86 -13.35
N LEU A 489 -18.29 -28.78 -13.01
CA LEU A 489 -19.72 -28.50 -12.95
C LEU A 489 -20.07 -27.51 -11.87
N GLU A 490 -19.32 -27.57 -10.78
CA GLU A 490 -19.38 -26.59 -9.69
C GLU A 490 -18.99 -25.22 -10.22
N ARG A 491 -17.97 -25.19 -11.04
CA ARG A 491 -17.45 -23.93 -11.51
C ARG A 491 -18.32 -22.96 -12.23
N LYS A 492 -19.46 -23.43 -12.74
CA LYS A 492 -20.39 -22.57 -13.46
C LYS A 492 -21.83 -22.84 -13.02
N THR A 493 -22.58 -21.77 -12.79
CA THR A 493 -23.97 -21.88 -12.37
C THR A 493 -25.07 -22.30 -13.32
N ASP A 494 -24.77 -22.27 -14.62
CA ASP A 494 -25.75 -22.65 -15.64
C ASP A 494 -24.74 -22.88 -16.75
N THR A 495 -24.96 -23.92 -17.55
CA THR A 495 -24.07 -24.25 -18.65
C THR A 495 -25.24 -24.98 -19.31
N ASP A 496 -24.92 -25.91 -20.19
CA ASP A 496 -25.94 -26.69 -20.90
C ASP A 496 -25.55 -28.16 -20.99
N LEU A 497 -26.42 -29.04 -20.49
CA LEU A 497 -26.17 -30.46 -20.51
C LEU A 497 -26.55 -31.09 -21.84
N ALA A 498 -27.37 -30.40 -22.61
CA ALA A 498 -27.64 -30.84 -23.98
C ALA A 498 -26.31 -30.90 -24.68
N ASP A 499 -25.57 -29.81 -24.54
CA ASP A 499 -24.26 -29.66 -25.13
C ASP A 499 -23.19 -30.51 -24.47
N LEU A 500 -23.22 -30.59 -23.15
CA LEU A 500 -22.20 -31.38 -22.43
C LEU A 500 -22.32 -32.86 -22.76
N ALA A 501 -23.55 -33.33 -22.83
CA ALA A 501 -23.82 -34.72 -23.17
C ALA A 501 -23.40 -35.02 -24.59
N TYR A 502 -23.70 -34.09 -25.49
CA TYR A 502 -23.43 -34.31 -26.90
C TYR A 502 -21.95 -34.51 -27.10
N THR A 503 -21.19 -33.62 -26.48
CA THR A 503 -19.75 -33.59 -26.66
C THR A 503 -19.09 -34.84 -26.12
N PHE A 504 -19.62 -35.37 -25.04
CA PHE A 504 -19.16 -36.66 -24.51
C PHE A 504 -19.56 -37.88 -25.32
N GLN A 505 -20.76 -37.83 -25.91
CA GLN A 505 -21.25 -38.92 -26.73
C GLN A 505 -20.35 -39.01 -27.95
N VAL A 506 -20.14 -37.86 -28.58
CA VAL A 506 -19.30 -37.75 -29.74
C VAL A 506 -18.13 -36.88 -29.31
N GLY A 507 -16.98 -37.11 -29.90
CA GLY A 507 -15.83 -36.29 -29.53
C GLY A 507 -15.14 -36.74 -28.26
N ARG A 508 -15.55 -37.88 -27.72
CA ARG A 508 -14.73 -38.60 -26.76
C ARG A 508 -14.70 -40.06 -27.15
N GLU A 509 -13.49 -40.60 -27.20
CA GLU A 509 -13.31 -41.98 -27.54
C GLU A 509 -13.90 -42.82 -26.42
N ALA A 510 -14.44 -43.96 -26.79
CA ALA A 510 -15.05 -44.82 -25.85
C ALA A 510 -14.03 -45.82 -25.51
N MET A 511 -13.41 -45.64 -24.37
CA MET A 511 -12.38 -46.53 -23.96
C MET A 511 -12.87 -47.73 -23.19
N GLU A 512 -11.92 -48.53 -22.76
CA GLU A 512 -12.16 -49.75 -22.08
C GLU A 512 -13.05 -49.74 -20.87
N GLU A 513 -12.77 -48.84 -19.97
CA GLU A 513 -13.48 -48.73 -18.71
C GLU A 513 -14.51 -47.65 -18.80
N ARG A 514 -15.74 -47.98 -18.47
CA ARG A 514 -16.86 -47.13 -18.81
C ARG A 514 -17.78 -46.87 -17.64
N ALA A 515 -18.27 -45.65 -17.57
CA ALA A 515 -19.42 -45.31 -16.73
C ALA A 515 -20.37 -44.42 -17.51
N ALA A 516 -21.63 -44.81 -17.56
CA ALA A 516 -22.62 -44.05 -18.30
C ALA A 516 -23.69 -43.59 -17.34
N PHE A 517 -24.06 -42.33 -17.46
CA PHE A 517 -25.03 -41.74 -16.54
C PHE A 517 -26.24 -41.24 -17.28
N ILE A 518 -27.40 -41.46 -16.69
CA ILE A 518 -28.66 -41.01 -17.25
C ILE A 518 -29.22 -40.06 -16.19
N THR A 519 -29.37 -38.78 -16.52
CA THR A 519 -29.76 -37.79 -15.54
C THR A 519 -30.82 -36.87 -16.09
N SER A 520 -31.51 -36.22 -15.16
CA SER A 520 -32.59 -35.33 -15.46
C SER A 520 -32.16 -33.86 -15.48
N GLY A 521 -31.09 -33.55 -14.75
CA GLY A 521 -30.76 -32.15 -14.47
C GLY A 521 -29.34 -32.01 -13.97
N THR A 522 -28.93 -30.75 -13.80
CA THR A 522 -27.53 -30.44 -13.47
C THR A 522 -27.07 -30.86 -12.07
N ALA A 523 -27.81 -30.43 -11.06
CA ALA A 523 -27.51 -30.86 -9.71
C ALA A 523 -27.93 -32.31 -9.54
N GLU A 524 -28.75 -32.80 -10.45
CA GLU A 524 -29.17 -34.21 -10.41
C GLU A 524 -27.95 -35.07 -10.76
N LEU A 525 -27.06 -34.49 -11.56
CA LEU A 525 -25.83 -35.13 -12.00
C LEU A 525 -24.72 -35.08 -10.99
N LYS A 526 -24.63 -33.95 -10.31
CA LYS A 526 -23.54 -33.71 -9.38
C LYS A 526 -23.61 -34.73 -8.30
N ARG A 527 -24.84 -35.01 -7.88
CA ARG A 527 -25.11 -35.99 -6.84
C ARG A 527 -24.77 -37.41 -7.22
N GLN A 528 -25.12 -37.82 -8.43
CA GLN A 528 -24.76 -39.15 -8.91
C GLN A 528 -23.26 -39.29 -9.06
N LEU A 529 -22.63 -38.25 -9.56
CA LEU A 529 -21.20 -38.25 -9.75
C LEU A 529 -20.50 -38.45 -8.42
N ALA A 530 -21.00 -37.77 -7.40
CA ALA A 530 -20.37 -37.81 -6.09
C ALA A 530 -20.35 -39.23 -5.54
N ASP A 531 -21.41 -39.98 -5.83
CA ASP A 531 -21.49 -41.37 -5.39
C ASP A 531 -20.52 -42.31 -6.08
N PHE A 532 -20.39 -42.13 -7.38
CA PHE A 532 -19.56 -42.99 -8.20
C PHE A 532 -18.12 -42.85 -7.73
N ILE A 533 -17.76 -41.64 -7.34
CA ILE A 533 -16.42 -41.38 -6.86
C ILE A 533 -16.13 -42.08 -5.54
N ASN A 534 -17.11 -42.05 -4.64
CA ASN A 534 -17.04 -42.82 -3.40
C ASN A 534 -17.14 -44.34 -3.63
N ASP A 535 -17.84 -44.73 -4.68
CA ASP A 535 -17.62 -46.04 -5.35
C ASP A 535 -18.35 -47.27 -4.81
N LYS A 536 -19.17 -47.16 -3.80
CA LYS A 536 -19.82 -48.37 -3.35
C LYS A 536 -21.30 -48.17 -3.43
N PRO A 537 -21.69 -47.25 -4.39
CA PRO A 537 -23.12 -47.01 -4.44
C PRO A 537 -23.84 -48.02 -5.24
N ALA A 538 -24.96 -48.41 -4.66
CA ALA A 538 -25.90 -49.28 -5.29
C ALA A 538 -26.70 -48.34 -6.17
N VAL A 539 -26.97 -47.15 -5.65
CA VAL A 539 -27.75 -46.11 -6.31
C VAL A 539 -27.47 -45.92 -7.78
N THR A 540 -28.58 -46.06 -8.48
CA THR A 540 -28.70 -46.01 -9.91
C THR A 540 -28.45 -44.62 -10.41
N GLY A 541 -28.58 -44.47 -11.71
CA GLY A 541 -28.36 -43.24 -12.41
C GLY A 541 -27.31 -43.77 -13.33
N CYS A 542 -26.51 -44.68 -12.81
CA CYS A 542 -25.42 -45.18 -13.62
C CYS A 542 -25.19 -46.67 -13.73
N PHE A 543 -24.70 -47.03 -14.90
CA PHE A 543 -24.35 -48.36 -15.32
C PHE A 543 -22.85 -48.47 -15.48
N ARG A 544 -22.24 -49.42 -14.80
CA ARG A 544 -20.80 -49.60 -14.87
C ARG A 544 -20.52 -50.64 -15.90
N GLY A 545 -19.28 -50.75 -16.38
CA GLY A 545 -19.00 -51.75 -17.39
C GLY A 545 -17.60 -51.68 -17.89
N GLU A 546 -17.25 -52.64 -18.70
CA GLU A 546 -15.88 -52.74 -19.10
C GLU A 546 -16.00 -53.37 -20.51
N LYS A 547 -15.13 -52.92 -21.42
CA LYS A 547 -15.11 -53.42 -22.79
C LYS A 547 -14.48 -54.70 -22.32
N GLN A 548 -15.34 -55.74 -22.26
CA GLN A 548 -14.97 -57.17 -22.42
C GLN A 548 -15.96 -58.28 -23.00
N GLN A 549 -17.12 -57.89 -23.51
CA GLN A 549 -18.06 -58.88 -24.06
C GLN A 549 -17.89 -59.30 -25.55
N ALA A 550 -16.72 -59.82 -25.93
CA ALA A 550 -16.54 -60.30 -27.31
C ALA A 550 -17.55 -61.40 -27.65
N LYS A 551 -17.89 -62.19 -26.63
CA LYS A 551 -18.95 -63.20 -26.69
C LYS A 551 -20.37 -62.63 -26.73
N ASP A 552 -20.55 -61.37 -26.32
CA ASP A 552 -21.82 -60.67 -26.55
C ASP A 552 -21.71 -59.61 -27.65
N ILE A 553 -20.59 -58.88 -27.69
CA ILE A 553 -20.38 -57.76 -28.63
C ILE A 553 -20.01 -58.11 -30.05
N ALA A 554 -18.89 -58.82 -30.22
CA ALA A 554 -18.33 -59.03 -31.56
C ALA A 554 -19.28 -60.05 -32.18
N TRP A 555 -19.54 -61.04 -31.34
CA TRP A 555 -20.74 -61.87 -31.33
C TRP A 555 -22.17 -61.37 -31.68
N LEU A 556 -22.59 -60.20 -31.16
CA LEU A 556 -23.96 -59.69 -31.38
C LEU A 556 -23.75 -58.37 -32.07
N SER A 557 -22.50 -58.07 -32.38
CA SER A 557 -22.14 -56.81 -32.99
C SER A 557 -23.24 -56.44 -33.96
N ASP A 558 -23.65 -55.18 -33.93
CA ASP A 558 -24.61 -54.70 -34.90
C ASP A 558 -23.92 -55.35 -36.10
N ASP A 559 -24.54 -56.29 -36.78
CA ASP A 559 -23.84 -56.85 -37.92
C ASP A 559 -24.67 -56.35 -39.04
N ASP A 560 -24.85 -55.05 -39.05
CA ASP A 560 -25.70 -54.45 -40.03
C ASP A 560 -27.09 -55.05 -39.78
N ASP A 561 -27.38 -55.20 -38.50
CA ASP A 561 -28.62 -55.72 -37.98
C ASP A 561 -29.03 -54.83 -36.84
N SER A 562 -28.01 -54.18 -36.26
CA SER A 562 -28.25 -53.19 -35.23
C SER A 562 -29.09 -52.34 -36.14
N ALA A 563 -30.40 -52.40 -35.95
CA ALA A 563 -31.27 -51.73 -36.88
C ALA A 563 -32.44 -50.84 -36.57
N GLU A 564 -33.50 -51.38 -36.06
CA GLU A 564 -34.89 -50.98 -36.22
C GLU A 564 -34.97 -51.09 -34.70
N LEU A 565 -34.17 -51.99 -34.12
CA LEU A 565 -34.13 -52.17 -32.66
C LEU A 565 -33.14 -51.20 -31.97
N ILE A 566 -31.91 -51.13 -32.47
CA ILE A 566 -30.94 -50.20 -31.97
C ILE A 566 -31.57 -48.84 -32.32
N GLU A 567 -32.17 -48.78 -33.51
CA GLU A 567 -32.85 -47.60 -33.98
C GLU A 567 -33.95 -47.31 -32.96
N LYS A 568 -34.79 -48.32 -32.68
CA LYS A 568 -35.84 -48.07 -31.66
C LYS A 568 -35.25 -47.18 -30.59
N TRP A 569 -34.03 -47.56 -30.19
CA TRP A 569 -33.29 -46.88 -29.16
C TRP A 569 -33.19 -45.37 -29.39
N LEU A 570 -33.08 -44.98 -30.66
CA LEU A 570 -33.03 -43.57 -31.05
C LEU A 570 -34.40 -43.11 -31.54
N ALA A 571 -34.92 -43.75 -32.59
CA ALA A 571 -36.22 -43.41 -33.15
C ALA A 571 -37.30 -43.39 -32.07
N LYS A 572 -36.87 -43.48 -30.81
CA LYS A 572 -37.79 -43.47 -29.71
C LYS A 572 -37.25 -42.53 -28.62
N GLY A 573 -35.93 -42.62 -28.47
CA GLY A 573 -35.21 -41.98 -27.35
C GLY A 573 -35.40 -42.61 -25.99
N LYS A 574 -35.33 -43.95 -25.96
CA LYS A 574 -35.20 -44.69 -24.71
C LYS A 574 -33.73 -44.79 -24.35
N GLY A 575 -33.37 -44.11 -23.27
CA GLY A 575 -31.97 -44.01 -22.84
C GLY A 575 -31.39 -45.24 -22.18
N PRO A 576 -31.91 -45.60 -20.99
CA PRO A 576 -31.01 -46.38 -20.14
C PRO A 576 -30.50 -47.63 -20.84
N LYS A 577 -31.41 -48.55 -21.15
CA LYS A 577 -31.04 -49.78 -21.82
C LYS A 577 -29.86 -49.53 -22.75
N LEU A 578 -29.85 -48.35 -23.37
CA LEU A 578 -28.77 -47.98 -24.29
C LEU A 578 -27.46 -47.88 -23.52
N CYS A 579 -27.52 -47.27 -22.34
CA CYS A 579 -26.33 -47.13 -21.51
C CYS A 579 -25.77 -48.50 -21.16
N GLU A 580 -26.67 -49.44 -20.89
CA GLU A 580 -26.27 -50.79 -20.57
C GLU A 580 -25.42 -51.34 -21.69
N MET A 581 -26.00 -51.32 -22.90
CA MET A 581 -25.35 -51.88 -24.08
C MET A 581 -24.02 -51.21 -24.38
N TRP A 582 -23.98 -49.89 -24.20
CA TRP A 582 -22.73 -49.15 -24.41
C TRP A 582 -21.70 -49.49 -23.33
N SER A 583 -22.18 -49.75 -22.12
CA SER A 583 -21.28 -50.16 -21.02
C SER A 583 -20.32 -51.33 -21.35
N LYS A 584 -20.67 -52.17 -22.33
CA LYS A 584 -19.69 -53.10 -22.94
C LYS A 584 -19.20 -52.81 -24.38
N GLY A 585 -20.10 -52.58 -25.33
CA GLY A 585 -19.71 -52.28 -26.71
C GLY A 585 -20.62 -51.27 -27.40
N VAL A 586 -20.12 -50.72 -28.51
CA VAL A 586 -20.86 -50.25 -29.79
C VAL A 586 -22.05 -49.41 -30.41
N ALA A 587 -22.20 -48.15 -29.99
CA ALA A 587 -23.42 -47.34 -30.19
C ALA A 587 -23.03 -45.99 -30.81
N ILE A 588 -23.43 -45.75 -32.06
CA ILE A 588 -23.16 -44.47 -32.70
C ILE A 588 -24.19 -43.60 -31.96
N ASN A 589 -23.69 -42.70 -31.10
CA ASN A 589 -24.55 -41.93 -30.22
C ASN A 589 -25.03 -40.71 -30.97
N TRP A 590 -25.14 -40.85 -32.28
CA TRP A 590 -25.23 -39.68 -33.13
C TRP A 590 -26.63 -39.31 -33.59
N HIS A 591 -27.65 -39.78 -32.89
CA HIS A 591 -29.00 -39.56 -33.35
C HIS A 591 -30.02 -38.51 -32.91
N LYS A 592 -29.49 -37.36 -32.51
CA LYS A 592 -30.33 -36.25 -32.05
C LYS A 592 -31.09 -35.36 -33.02
N LYS A 597 -31.51 -31.20 -35.67
CA LYS A 597 -31.04 -30.14 -34.80
C LYS A 597 -30.33 -30.72 -33.59
N HIS A 598 -29.04 -30.94 -33.75
CA HIS A 598 -28.21 -31.49 -32.69
C HIS A 598 -27.48 -30.38 -31.95
N PRO A 599 -27.11 -30.63 -30.68
CA PRO A 599 -26.40 -29.65 -29.89
C PRO A 599 -25.02 -29.38 -30.43
N LYS A 600 -24.39 -28.37 -29.87
CA LYS A 600 -23.09 -27.92 -30.32
C LYS A 600 -22.04 -28.48 -29.40
N ARG A 601 -20.84 -28.60 -29.93
CA ARG A 601 -19.70 -29.07 -29.16
C ARG A 601 -19.27 -28.01 -28.19
N ILE A 602 -18.80 -28.45 -27.03
CA ILE A 602 -18.49 -27.56 -25.93
C ILE A 602 -17.18 -27.97 -25.29
N SER A 603 -16.47 -26.98 -24.75
CA SER A 603 -15.18 -27.25 -24.17
C SER A 603 -15.40 -27.75 -22.77
N LEU A 604 -15.09 -29.02 -22.58
CA LEU A 604 -15.28 -29.67 -21.30
C LEU A 604 -13.96 -30.29 -20.93
N PRO A 605 -13.86 -30.79 -19.69
CA PRO A 605 -12.60 -31.37 -19.23
C PRO A 605 -12.17 -32.56 -20.06
N VAL A 606 -10.88 -32.86 -20.03
CA VAL A 606 -10.33 -33.86 -20.93
C VAL A 606 -9.60 -34.91 -20.15
N TYR A 607 -9.10 -35.91 -20.86
CA TYR A 607 -8.58 -37.11 -20.21
C TYR A 607 -7.53 -36.71 -19.20
N PRO A 608 -7.67 -37.20 -17.97
CA PRO A 608 -6.70 -36.94 -16.94
C PRO A 608 -5.71 -38.06 -16.96
N PHE A 609 -4.54 -37.77 -17.50
CA PHE A 609 -3.51 -38.77 -17.59
C PHE A 609 -2.99 -39.09 -16.22
N ALA A 610 -2.58 -40.33 -16.03
CA ALA A 610 -1.91 -40.67 -14.80
C ALA A 610 -0.64 -39.83 -14.84
N LYS A 611 -0.17 -39.36 -13.70
CA LYS A 611 1.09 -38.62 -13.72
C LYS A 611 2.18 -39.42 -13.05
N GLU A 612 2.87 -40.22 -13.85
CA GLU A 612 3.91 -41.11 -13.38
C GLU A 612 5.22 -40.58 -13.94
N PRO A 613 6.25 -40.49 -13.10
CA PRO A 613 7.48 -39.81 -13.50
C PRO A 613 8.58 -40.71 -13.99
N TYR A 614 9.17 -40.32 -15.11
CA TYR A 614 10.30 -41.05 -15.67
C TYR A 614 11.44 -40.08 -15.94
N TRP A 615 12.64 -40.45 -15.52
CA TRP A 615 13.80 -39.62 -15.81
C TRP A 615 15.09 -40.41 -15.64
N PRO A 616 16.08 -40.14 -16.50
CA PRO A 616 17.36 -40.82 -16.47
C PRO A 616 18.12 -40.61 -15.14
N LYS A 617 18.96 -41.56 -14.78
CA LYS A 617 19.76 -41.42 -13.56
C LYS A 617 21.13 -42.03 -13.70
N GLU B 26 -32.27 -19.11 7.68
CA GLU B 26 -32.04 -19.39 9.06
C GLU B 26 -32.70 -20.63 9.58
N ASP B 27 -32.01 -21.74 9.25
CA ASP B 27 -32.33 -23.08 9.65
C ASP B 27 -31.17 -23.47 10.52
N SER B 28 -30.40 -22.52 11.04
CA SER B 28 -29.32 -22.90 11.94
C SER B 28 -29.53 -22.20 13.26
N LEU B 29 -28.55 -22.37 14.14
CA LEU B 29 -28.63 -21.92 15.52
C LEU B 29 -27.89 -20.61 15.74
N ALA B 30 -28.09 -20.05 16.91
CA ALA B 30 -27.42 -18.82 17.29
C ALA B 30 -26.79 -19.00 18.66
N VAL B 31 -25.61 -18.44 18.82
CA VAL B 31 -24.91 -18.52 20.08
C VAL B 31 -25.29 -17.25 20.78
N ILE B 32 -26.01 -17.36 21.88
CA ILE B 32 -26.54 -16.17 22.53
C ILE B 32 -25.96 -15.97 23.92
N GLY B 33 -25.19 -16.93 24.38
CA GLY B 33 -24.51 -16.77 25.64
C GLY B 33 -23.25 -17.57 25.71
N ILE B 34 -22.26 -17.04 26.42
CA ILE B 34 -20.97 -17.69 26.54
C ILE B 34 -20.40 -17.57 27.92
N SER B 35 -19.78 -18.63 28.40
CA SER B 35 -18.96 -18.56 29.59
C SER B 35 -17.76 -19.47 29.43
N CYS B 36 -16.58 -18.98 29.78
CA CYS B 36 -15.43 -19.86 29.71
C CYS B 36 -14.27 -19.48 30.62
N GLU B 37 -13.45 -20.49 30.90
CA GLU B 37 -12.21 -20.32 31.61
C GLU B 37 -11.18 -21.10 30.83
N PHE B 38 -10.11 -20.45 30.45
CA PHE B 38 -9.05 -21.11 29.68
C PHE B 38 -7.77 -20.63 30.26
N PRO B 39 -6.67 -21.31 29.94
CA PRO B 39 -5.44 -20.90 30.54
C PRO B 39 -5.18 -19.42 30.28
N GLY B 40 -5.01 -18.65 31.34
CA GLY B 40 -4.68 -17.24 31.20
C GLY B 40 -5.88 -16.35 30.87
N ALA B 41 -7.08 -16.91 30.85
CA ALA B 41 -8.29 -16.13 30.59
C ALA B 41 -9.37 -16.51 31.57
N LYS B 42 -10.01 -15.51 32.17
CA LYS B 42 -11.09 -15.79 33.11
C LYS B 42 -12.47 -15.63 32.52
N ASP B 43 -12.53 -15.11 31.31
CA ASP B 43 -13.79 -15.07 30.59
C ASP B 43 -13.49 -14.90 29.12
N HIS B 44 -14.52 -14.96 28.31
CA HIS B 44 -14.34 -14.97 26.87
C HIS B 44 -13.83 -13.66 26.33
N TYR B 45 -14.12 -12.57 27.04
CA TYR B 45 -13.58 -11.25 26.68
C TYR B 45 -12.09 -11.11 26.89
N GLU B 46 -11.61 -11.60 28.00
CA GLU B 46 -10.18 -11.66 28.24
C GLU B 46 -9.51 -12.65 27.30
N PHE B 47 -10.22 -13.73 27.02
CA PHE B 47 -9.70 -14.77 26.16
C PHE B 47 -9.50 -14.19 24.77
N TRP B 48 -10.47 -13.43 24.28
CA TRP B 48 -10.37 -12.88 22.94
C TRP B 48 -9.27 -11.86 22.78
N ASN B 49 -9.07 -11.03 23.80
CA ASN B 49 -7.99 -10.05 23.75
C ASN B 49 -6.62 -10.71 23.77
N ASN B 50 -6.53 -11.84 24.47
CA ASN B 50 -5.28 -12.58 24.53
C ASN B 50 -4.83 -13.16 23.21
N ILE B 51 -5.74 -13.83 22.52
CA ILE B 51 -5.43 -14.43 21.22
C ILE B 51 -5.24 -13.37 20.12
N LYS B 52 -5.96 -12.28 20.25
CA LYS B 52 -5.88 -11.16 19.32
C LYS B 52 -4.50 -10.53 19.26
N GLU B 53 -3.88 -10.39 20.43
CA GLU B 53 -2.57 -9.73 20.48
C GLU B 53 -1.43 -10.73 20.58
N GLY B 54 -1.75 -11.99 20.34
CA GLY B 54 -0.72 -13.01 20.14
C GLY B 54 -0.08 -13.61 21.36
N LYS B 55 -0.71 -13.46 22.52
CA LYS B 55 -0.11 -13.97 23.75
C LYS B 55 -0.29 -15.47 23.91
N GLU B 56 0.75 -16.12 24.43
CA GLU B 56 0.75 -17.55 24.61
C GLU B 56 0.63 -17.85 26.09
N SER B 57 -0.17 -18.84 26.40
CA SER B 57 -0.53 -19.10 27.79
C SER B 57 0.12 -20.35 28.38
N ILE B 58 1.14 -20.85 27.71
CA ILE B 58 1.96 -21.90 28.29
C ILE B 58 2.85 -21.27 29.35
N THR B 59 3.27 -22.10 30.29
CA THR B 59 4.09 -21.62 31.38
C THR B 59 5.41 -22.35 31.37
N PHE B 60 6.44 -21.67 31.84
CA PHE B 60 7.75 -22.28 31.96
C PHE B 60 8.26 -22.03 33.35
N PHE B 61 9.11 -22.95 33.81
CA PHE B 61 9.61 -22.89 35.16
C PHE B 61 11.11 -22.97 35.11
N SER B 62 11.72 -22.21 35.99
CA SER B 62 13.14 -22.19 36.10
C SER B 62 14.40 -22.93 36.40
N LYS B 63 14.56 -23.49 37.58
CA LYS B 63 14.67 -24.48 38.63
C LYS B 63 13.69 -24.08 39.73
N GLU B 64 12.69 -23.29 39.35
CA GLU B 64 11.61 -22.90 40.27
C GLU B 64 10.55 -23.93 40.05
N GLU B 65 11.00 -25.14 39.78
CA GLU B 65 10.13 -26.19 39.51
C GLU B 65 9.99 -27.05 40.71
N LEU B 66 9.46 -26.47 41.77
CA LEU B 66 9.23 -27.37 42.88
C LEU B 66 7.85 -27.87 43.18
N ARG B 67 7.30 -28.54 42.18
CA ARG B 67 6.04 -29.21 42.26
C ARG B 67 6.56 -30.53 42.72
N ARG B 68 7.67 -30.94 42.14
CA ARG B 68 8.51 -32.06 42.55
C ARG B 68 9.59 -32.26 41.48
N SER B 69 10.56 -33.13 41.72
CA SER B 69 11.93 -32.80 41.37
C SER B 69 12.94 -33.92 41.03
N GLY B 70 14.12 -33.47 40.62
CA GLY B 70 15.34 -34.29 40.60
C GLY B 70 15.84 -34.79 39.25
N ILE B 71 15.44 -34.17 38.15
CA ILE B 71 15.80 -34.68 36.81
C ILE B 71 16.10 -33.81 35.56
N SER B 72 16.45 -34.48 34.45
CA SER B 72 16.81 -33.85 33.17
C SER B 72 16.71 -34.72 31.89
N GLU B 73 16.87 -34.08 30.74
CA GLU B 73 16.84 -34.73 29.41
C GLU B 73 15.48 -34.78 28.71
N PHE B 81 13.04 -33.72 29.28
CA PHE B 81 12.24 -32.88 30.13
C PHE B 81 12.09 -31.46 29.62
N VAL B 82 10.86 -30.97 29.68
CA VAL B 82 10.55 -29.60 29.29
C VAL B 82 9.68 -29.06 30.40
N PRO B 83 10.21 -28.13 31.20
CA PRO B 83 9.40 -27.64 32.29
C PRO B 83 8.39 -26.65 31.75
N ALA B 84 7.44 -27.15 30.99
CA ALA B 84 6.42 -26.30 30.41
C ALA B 84 5.06 -26.89 30.67
N LYS B 85 4.16 -26.08 31.17
CA LYS B 85 2.78 -26.53 31.38
C LYS B 85 1.79 -25.46 30.97
N SER B 86 0.61 -25.91 30.53
CA SER B 86 -0.47 -25.01 30.13
C SER B 86 -1.57 -24.99 31.19
N VAL B 87 -1.20 -25.01 32.44
CA VAL B 87 -2.15 -24.97 33.51
C VAL B 87 -3.07 -23.78 33.47
N LEU B 88 -4.25 -23.93 34.06
CA LEU B 88 -5.22 -22.84 34.16
C LEU B 88 -5.41 -22.65 35.67
N GLU B 89 -5.20 -21.44 36.17
CA GLU B 89 -5.34 -21.26 37.62
C GLU B 89 -6.75 -21.33 38.20
N GLY B 90 -6.82 -21.89 39.41
CA GLY B 90 -8.03 -21.86 40.23
C GLY B 90 -8.99 -22.97 39.86
N LYS B 91 -8.44 -24.12 39.52
CA LYS B 91 -9.26 -25.25 39.10
C LYS B 91 -10.00 -25.86 40.28
N GLU B 92 -9.58 -25.51 41.48
CA GLU B 92 -10.16 -26.10 42.66
C GLU B 92 -11.25 -25.20 43.26
N MET B 93 -11.44 -24.03 42.66
CA MET B 93 -12.34 -23.04 43.22
C MET B 93 -13.80 -23.43 43.00
N PHE B 94 -14.63 -23.11 43.99
CA PHE B 94 -16.06 -23.42 43.91
C PHE B 94 -16.87 -22.61 44.93
N ASP B 95 -18.16 -22.45 44.66
CA ASP B 95 -19.06 -21.70 45.55
C ASP B 95 -20.21 -22.62 45.95
N PRO B 96 -19.97 -23.48 46.94
CA PRO B 96 -20.87 -24.57 47.26
C PRO B 96 -22.18 -24.10 47.90
N GLY B 97 -22.10 -23.00 48.64
CA GLY B 97 -23.25 -22.47 49.35
C GLY B 97 -24.35 -22.00 48.43
N PHE B 98 -23.96 -21.61 47.22
CA PHE B 98 -24.92 -21.14 46.21
C PHE B 98 -25.99 -22.19 45.90
N PHE B 99 -25.53 -23.38 45.50
CA PHE B 99 -26.45 -24.47 45.15
C PHE B 99 -26.79 -25.33 46.36
N GLY B 100 -26.79 -24.71 47.53
CA GLY B 100 -27.08 -25.41 48.78
C GLY B 100 -26.30 -26.70 48.90
N PHE B 101 -24.98 -26.59 48.75
CA PHE B 101 -24.09 -27.76 48.85
C PHE B 101 -23.22 -27.70 50.07
N SER B 102 -22.89 -28.87 50.60
CA SER B 102 -22.00 -28.98 51.76
C SER B 102 -20.55 -29.14 51.33
N PRO B 103 -19.64 -28.50 52.07
CA PRO B 103 -18.23 -28.64 51.83
C PRO B 103 -17.75 -30.06 51.66
N LYS B 104 -18.35 -31.02 52.35
CA LYS B 104 -18.00 -32.43 52.12
C LYS B 104 -18.42 -32.81 50.72
N ASP B 105 -19.54 -32.26 50.29
CA ASP B 105 -20.08 -32.57 49.00
C ASP B 105 -19.17 -32.12 47.88
N ALA B 106 -18.63 -30.92 48.03
CA ALA B 106 -17.74 -30.36 47.02
C ALA B 106 -16.47 -31.17 46.87
N GLU B 107 -15.90 -31.62 47.99
CA GLU B 107 -14.67 -32.39 47.96
C GLU B 107 -14.90 -33.69 47.21
N TYR B 108 -16.11 -34.20 47.35
CA TYR B 108 -16.55 -35.43 46.68
C TYR B 108 -16.84 -35.23 45.22
N MET B 109 -17.04 -33.99 44.83
CA MET B 109 -17.36 -33.67 43.45
C MET B 109 -16.13 -33.46 42.59
N ASP B 110 -16.25 -33.91 41.36
CA ASP B 110 -15.21 -33.74 40.39
C ASP B 110 -15.12 -32.28 40.06
N PRO B 111 -13.89 -31.76 39.94
CA PRO B 111 -13.71 -30.36 39.65
C PRO B 111 -14.43 -30.01 38.37
N GLN B 112 -14.45 -30.98 37.47
CA GLN B 112 -15.05 -30.79 36.16
C GLN B 112 -16.55 -30.52 36.26
N LEU B 113 -17.20 -31.27 37.13
CA LEU B 113 -18.62 -31.10 37.40
C LEU B 113 -18.85 -29.73 37.99
N ARG B 114 -17.99 -29.38 38.92
CA ARG B 114 -18.14 -28.14 39.62
C ARG B 114 -17.97 -26.99 38.68
N MET B 115 -16.99 -27.12 37.81
CA MET B 115 -16.67 -26.08 36.87
C MET B 115 -17.79 -25.86 35.88
N LEU B 116 -18.27 -26.96 35.33
CA LEU B 116 -19.30 -26.88 34.31
C LEU B 116 -20.60 -26.36 34.89
N LEU B 117 -20.80 -26.61 36.17
CA LEU B 117 -21.95 -26.06 36.87
C LEU B 117 -21.86 -24.55 36.97
N LEU B 118 -20.70 -24.06 37.35
CA LEU B 118 -20.52 -22.63 37.46
C LEU B 118 -20.69 -21.98 36.11
N HIS B 119 -20.10 -22.60 35.10
CA HIS B 119 -20.15 -22.02 33.75
C HIS B 119 -21.51 -22.01 33.10
N SER B 120 -22.31 -22.99 33.37
CA SER B 120 -23.61 -23.01 32.79
C SER B 120 -24.46 -21.93 33.37
N TRP B 121 -24.43 -21.75 34.66
CA TRP B 121 -25.24 -20.72 35.26
C TRP B 121 -24.91 -19.42 34.54
N LYS B 122 -23.61 -19.23 34.38
CA LYS B 122 -23.05 -17.99 33.86
C LYS B 122 -23.37 -17.71 32.40
N ALA B 123 -23.37 -18.77 31.61
CA ALA B 123 -23.64 -18.65 30.20
C ALA B 123 -25.08 -18.19 29.97
N ILE B 124 -25.99 -18.73 30.77
CA ILE B 124 -27.39 -18.31 30.72
C ILE B 124 -27.61 -16.88 31.23
N GLU B 125 -26.80 -16.49 32.19
CA GLU B 125 -26.80 -15.12 32.62
C GLU B 125 -26.28 -14.23 31.52
N ASP B 126 -25.26 -14.72 30.84
CA ASP B 126 -24.69 -13.95 29.75
C ASP B 126 -25.73 -13.71 28.69
N ALA B 127 -26.60 -14.70 28.53
CA ALA B 127 -27.70 -14.63 27.57
C ALA B 127 -28.74 -13.58 27.94
N GLY B 128 -28.79 -13.25 29.22
CA GLY B 128 -29.83 -12.35 29.74
C GLY B 128 -31.08 -13.06 30.22
N TYR B 129 -30.92 -14.30 30.66
CA TYR B 129 -32.06 -15.10 31.08
C TYR B 129 -31.89 -15.63 32.49
N ILE B 130 -33.01 -15.95 33.10
CA ILE B 130 -33.05 -16.62 34.39
C ILE B 130 -33.23 -18.09 34.11
N SER B 131 -32.42 -18.89 34.75
CA SER B 131 -32.41 -20.30 34.50
C SER B 131 -33.80 -20.89 34.50
N LYS B 132 -34.49 -20.66 35.61
CA LYS B 132 -35.78 -21.27 35.88
C LYS B 132 -36.94 -20.80 35.01
N GLU B 133 -36.77 -19.69 34.31
CA GLU B 133 -37.83 -19.14 33.44
C GLU B 133 -37.76 -19.72 32.05
N ILE B 134 -36.56 -20.09 31.64
CA ILE B 134 -36.38 -20.86 30.43
C ILE B 134 -36.13 -22.33 30.80
N PRO B 135 -37.20 -23.10 30.98
CA PRO B 135 -37.05 -24.50 31.41
C PRO B 135 -36.93 -25.47 30.27
N GLU B 136 -37.39 -25.06 29.09
CA GLU B 136 -37.44 -25.97 27.95
C GLU B 136 -36.08 -26.00 27.24
N THR B 137 -35.08 -26.41 28.01
CA THR B 137 -33.68 -26.27 27.62
C THR B 137 -32.99 -27.60 27.75
N SER B 138 -32.15 -27.93 26.77
CA SER B 138 -31.43 -29.18 26.82
C SER B 138 -30.03 -28.97 27.30
N VAL B 139 -29.45 -30.01 27.88
CA VAL B 139 -28.09 -29.93 28.39
C VAL B 139 -27.23 -31.04 27.84
N TYR B 140 -26.12 -30.64 27.22
CA TYR B 140 -25.17 -31.60 26.69
C TYR B 140 -23.79 -31.26 27.21
N MET B 141 -23.20 -32.17 27.97
CA MET B 141 -21.85 -31.94 28.51
C MET B 141 -20.85 -33.04 28.20
N SER B 142 -19.58 -32.69 28.26
CA SER B 142 -18.53 -33.67 28.17
C SER B 142 -17.36 -33.31 29.04
N ALA B 143 -16.70 -34.32 29.58
CA ALA B 143 -15.55 -34.11 30.42
C ALA B 143 -14.65 -35.32 30.39
N SER B 144 -13.39 -35.10 30.72
CA SER B 144 -12.43 -36.18 30.78
C SER B 144 -12.63 -37.03 32.02
N THR B 145 -12.13 -38.25 31.93
CA THR B 145 -12.14 -39.16 33.04
C THR B 145 -10.81 -39.05 33.77
N ASN B 146 -10.81 -38.27 34.83
CA ASN B 146 -9.60 -37.92 35.55
C ASN B 146 -9.32 -38.78 36.77
N SER B 147 -10.20 -39.71 37.06
CA SER B 147 -10.05 -40.58 38.22
C SER B 147 -9.99 -39.77 39.50
N TYR B 148 -10.86 -38.79 39.60
CA TYR B 148 -10.90 -37.91 40.75
C TYR B 148 -11.22 -38.69 42.01
N ARG B 149 -12.09 -39.69 41.89
CA ARG B 149 -12.51 -40.46 43.05
C ARG B 149 -11.34 -41.18 43.69
N SER B 150 -10.35 -41.46 42.86
CA SER B 150 -9.20 -42.24 43.27
C SER B 150 -8.38 -41.57 44.34
N LEU B 151 -8.50 -40.25 44.48
CA LEU B 151 -7.70 -39.54 45.46
C LEU B 151 -8.42 -39.45 46.79
N LEU B 152 -9.62 -39.99 46.86
CA LEU B 152 -10.37 -39.94 48.11
C LEU B 152 -9.96 -41.15 48.93
N PRO B 153 -10.06 -41.04 50.27
CA PRO B 153 -9.59 -42.13 51.13
C PRO B 153 -10.49 -43.37 51.10
N GLU B 154 -11.74 -43.20 51.50
CA GLU B 154 -12.62 -44.32 51.69
C GLU B 154 -13.83 -44.51 50.85
N GLU B 155 -14.12 -45.79 50.73
CA GLU B 155 -15.21 -46.28 49.98
C GLU B 155 -15.54 -47.61 50.63
N THR B 156 -15.94 -47.55 51.89
CA THR B 156 -16.24 -48.75 52.62
C THR B 156 -17.72 -48.84 52.73
N THR B 157 -18.15 -50.07 52.91
CA THR B 157 -19.51 -50.48 53.02
C THR B 157 -20.21 -49.54 53.91
N ALA B 158 -21.53 -49.46 53.79
CA ALA B 158 -22.30 -48.54 54.58
C ALA B 158 -22.12 -48.76 56.05
N ASP B 164 -21.73 -45.23 54.54
CA ASP B 164 -21.92 -44.48 53.30
C ASP B 164 -20.78 -44.76 52.31
N GLY B 165 -20.50 -43.79 51.46
CA GLY B 165 -19.44 -43.93 50.47
C GLY B 165 -19.99 -44.11 49.06
N TYR B 166 -21.19 -44.67 48.98
CA TYR B 166 -21.83 -44.90 47.67
C TYR B 166 -22.18 -43.60 46.97
N VAL B 167 -22.19 -42.51 47.72
CA VAL B 167 -22.51 -41.20 47.18
C VAL B 167 -21.39 -40.71 46.27
N SER B 168 -20.15 -41.03 46.62
CA SER B 168 -18.97 -40.63 45.83
C SER B 168 -19.03 -41.22 44.43
N TRP B 169 -19.46 -42.47 44.34
CA TRP B 169 -19.57 -43.16 43.04
C TRP B 169 -20.63 -42.54 42.15
N VAL B 170 -21.78 -42.20 42.71
CA VAL B 170 -22.82 -41.57 41.91
C VAL B 170 -22.31 -40.23 41.37
N LEU B 171 -21.64 -39.50 42.25
CA LEU B 171 -21.12 -38.19 41.91
C LEU B 171 -19.97 -38.27 40.95
N ALA B 172 -19.53 -39.48 40.66
CA ALA B 172 -18.35 -39.68 39.84
C ALA B 172 -18.70 -40.17 38.47
N GLN B 173 -19.99 -40.18 38.14
CA GLN B 173 -20.40 -40.70 36.87
C GLN B 173 -20.62 -39.56 35.93
N SER B 174 -20.52 -39.86 34.65
CA SER B 174 -20.61 -38.84 33.66
C SER B 174 -21.99 -38.22 33.66
N GLY B 175 -23.01 -39.05 33.85
CA GLY B 175 -24.39 -38.58 33.73
C GLY B 175 -24.75 -37.57 34.81
N THR B 176 -23.99 -37.59 35.89
CA THR B 176 -24.29 -36.74 37.01
C THR B 176 -24.08 -35.26 36.69
N ILE B 177 -23.10 -34.96 35.84
CA ILE B 177 -22.77 -33.59 35.50
C ILE B 177 -23.87 -32.79 34.79
N PRO B 178 -24.36 -33.27 33.63
CA PRO B 178 -25.41 -32.55 32.95
C PRO B 178 -26.67 -32.54 33.80
N THR B 179 -26.93 -33.66 34.44
CA THR B 179 -28.13 -33.87 35.24
C THR B 179 -28.19 -33.04 36.51
N MET B 180 -27.03 -32.82 37.11
CA MET B 180 -26.92 -31.94 38.27
C MET B 180 -27.21 -30.50 37.88
N ILE B 181 -26.72 -30.11 36.71
CA ILE B 181 -26.92 -28.76 36.20
C ILE B 181 -28.40 -28.54 35.86
N SER B 182 -29.04 -29.56 35.31
CA SER B 182 -30.46 -29.47 34.95
C SER B 182 -31.32 -29.27 36.19
N HIS B 183 -31.02 -30.04 37.23
CA HIS B 183 -31.77 -29.93 38.49
C HIS B 183 -31.56 -28.58 39.17
N LYS B 184 -30.31 -28.16 39.21
CA LYS B 184 -29.95 -26.89 39.84
C LYS B 184 -30.44 -25.67 39.10
N LEU B 185 -30.53 -25.76 37.78
CA LEU B 185 -31.04 -24.65 36.98
C LEU B 185 -32.50 -24.84 36.60
N GLY B 186 -33.05 -26.00 36.93
CA GLY B 186 -34.43 -26.31 36.57
C GLY B 186 -34.71 -26.39 35.07
N LEU B 187 -33.96 -27.21 34.38
CA LEU B 187 -34.16 -27.38 32.94
C LEU B 187 -34.79 -28.73 32.63
N LYS B 188 -35.83 -28.72 31.82
CA LYS B 188 -36.66 -29.91 31.62
C LYS B 188 -36.49 -30.52 30.25
N GLY B 189 -35.58 -29.97 29.49
CA GLY B 189 -35.22 -30.55 28.20
C GLY B 189 -34.30 -31.72 28.45
N PRO B 190 -34.06 -32.51 27.40
CA PRO B 190 -33.25 -33.70 27.57
C PRO B 190 -31.84 -33.40 28.02
N SER B 191 -31.37 -34.10 29.03
CA SER B 191 -30.07 -33.81 29.60
C SER B 191 -29.20 -35.04 29.60
N TYR B 192 -28.09 -35.00 28.88
CA TYR B 192 -27.15 -36.13 28.94
C TYR B 192 -25.69 -35.77 28.64
N PHE B 193 -24.82 -36.76 28.81
CA PHE B 193 -23.39 -36.61 28.68
C PHE B 193 -22.93 -37.22 27.37
N VAL B 194 -22.08 -36.51 26.64
CA VAL B 194 -21.55 -37.01 25.35
C VAL B 194 -20.04 -36.96 25.29
N HIS B 195 -19.41 -37.99 24.76
CA HIS B 195 -17.95 -37.99 24.65
C HIS B 195 -17.47 -38.69 23.42
N ALA B 196 -16.59 -38.01 22.71
CA ALA B 196 -15.73 -38.66 21.77
C ALA B 196 -14.49 -37.83 22.00
N ASN B 197 -13.36 -38.48 22.26
CA ASN B 197 -12.19 -37.77 22.74
C ASN B 197 -11.84 -36.68 21.77
N CYS B 198 -11.25 -35.59 22.28
CA CYS B 198 -10.93 -34.42 21.44
C CYS B 198 -12.17 -33.76 20.90
N SER B 199 -12.99 -34.46 20.17
CA SER B 199 -13.97 -33.83 19.29
C SER B 199 -15.30 -33.73 20.00
N SER B 200 -15.26 -33.91 21.32
CA SER B 200 -16.47 -34.08 22.12
C SER B 200 -17.35 -32.83 22.23
N SER B 201 -16.76 -31.64 22.29
CA SER B 201 -17.57 -30.41 22.41
C SER B 201 -18.47 -30.20 21.19
N LEU B 202 -17.95 -30.52 20.02
CA LEU B 202 -18.72 -30.47 18.77
C LEU B 202 -19.81 -31.52 18.69
N ILE B 203 -19.58 -32.62 19.37
CA ILE B 203 -20.60 -33.61 19.55
C ILE B 203 -21.75 -33.02 20.34
N GLY B 204 -21.45 -32.15 21.28
CA GLY B 204 -22.49 -31.43 22.00
C GLY B 204 -23.27 -30.49 21.10
N LEU B 205 -22.58 -29.74 20.27
CA LEU B 205 -23.23 -28.77 19.38
C LEU B 205 -24.13 -29.47 18.39
N HIS B 206 -23.66 -30.62 17.93
CA HIS B 206 -24.37 -31.44 16.97
C HIS B 206 -25.62 -32.02 17.57
N SER B 207 -25.53 -32.45 18.82
CA SER B 207 -26.67 -32.93 19.57
C SER B 207 -27.68 -31.82 19.75
N ALA B 208 -27.17 -30.66 20.16
CA ALA B 208 -27.99 -29.50 20.43
C ALA B 208 -28.72 -29.06 19.19
N PHE B 209 -28.02 -29.18 18.07
CA PHE B 209 -28.53 -28.78 16.76
C PHE B 209 -29.74 -29.58 16.33
N GLN B 210 -29.63 -30.89 16.45
CA GLN B 210 -30.74 -31.76 16.05
C GLN B 210 -31.90 -31.52 16.96
N SER B 211 -31.58 -31.35 18.23
CA SER B 211 -32.62 -31.17 19.23
C SER B 211 -33.37 -29.89 18.98
N LEU B 212 -32.62 -28.82 18.74
CA LEU B 212 -33.23 -27.53 18.49
C LEU B 212 -34.01 -27.52 17.18
N GLN B 213 -33.49 -28.22 16.20
CA GLN B 213 -34.18 -28.31 14.92
C GLN B 213 -35.44 -29.15 15.04
N SER B 214 -35.36 -30.19 15.83
CA SER B 214 -36.47 -31.12 16.05
C SER B 214 -37.64 -30.47 16.78
N GLY B 215 -37.41 -29.31 17.37
CA GLY B 215 -38.47 -28.58 18.04
C GLY B 215 -38.78 -29.16 19.41
N GLU B 216 -37.99 -30.15 19.82
CA GLU B 216 -38.17 -30.76 21.14
C GLU B 216 -37.65 -29.88 22.27
N ALA B 217 -36.74 -28.97 21.94
CA ALA B 217 -36.33 -27.99 22.93
C ALA B 217 -36.19 -26.62 22.30
N LYS B 218 -36.52 -25.62 23.10
CA LYS B 218 -36.30 -24.22 22.72
C LYS B 218 -34.88 -23.71 22.83
N TYR B 219 -34.14 -24.15 23.84
CA TYR B 219 -32.77 -23.67 24.05
C TYR B 219 -31.90 -24.88 24.22
N ALA B 220 -30.60 -24.68 24.04
CA ALA B 220 -29.66 -25.76 24.25
C ALA B 220 -28.42 -25.26 24.90
N LEU B 221 -27.86 -26.10 25.73
CA LEU B 221 -26.71 -25.74 26.50
C LEU B 221 -25.63 -26.77 26.30
N VAL B 222 -24.51 -26.34 25.76
CA VAL B 222 -23.40 -27.24 25.50
C VAL B 222 -22.17 -26.77 26.24
N GLY B 223 -21.53 -27.69 26.95
CA GLY B 223 -20.32 -27.36 27.68
C GLY B 223 -19.29 -28.44 27.58
N GLY B 224 -18.03 -28.07 27.75
CA GLY B 224 -16.95 -29.05 27.77
C GLY B 224 -15.89 -28.69 28.77
N ALA B 225 -15.29 -29.71 29.39
CA ALA B 225 -14.24 -29.49 30.38
C ALA B 225 -13.13 -30.53 30.34
N THR B 226 -11.91 -30.07 30.63
CA THR B 226 -10.83 -30.99 31.01
C THR B 226 -9.99 -30.44 32.13
N LEU B 227 -10.16 -30.99 33.32
CA LEU B 227 -9.26 -30.67 34.40
C LEU B 227 -8.67 -31.94 34.93
N HIS B 228 -7.36 -31.93 35.09
CA HIS B 228 -6.61 -33.11 35.44
C HIS B 228 -6.24 -33.15 36.90
N THR B 229 -5.76 -34.32 37.30
CA THR B 229 -5.45 -34.60 38.68
C THR B 229 -3.94 -34.82 38.88
N GLU B 230 -3.14 -34.07 38.12
CA GLU B 230 -1.71 -34.35 37.94
C GLU B 230 -0.77 -33.62 38.91
N SER B 231 -0.56 -34.27 40.03
CA SER B 231 0.66 -34.14 40.76
C SER B 231 0.32 -35.48 41.53
N SER B 232 1.37 -36.29 41.68
CA SER B 232 1.42 -37.49 42.51
C SER B 232 1.67 -38.69 41.60
N PRO B 239 9.90 -35.07 25.29
CA PRO B 239 9.38 -35.56 24.01
C PRO B 239 9.13 -37.06 24.04
N GLY B 240 8.19 -37.53 23.23
CA GLY B 240 7.87 -38.94 23.17
C GLY B 240 7.07 -39.30 21.94
N LEU B 241 5.75 -39.32 22.08
CA LEU B 241 4.87 -39.66 20.96
C LEU B 241 4.08 -38.44 20.49
N ASN B 242 4.74 -37.55 19.76
CA ASN B 242 4.12 -36.37 19.25
C ASN B 242 3.77 -35.51 20.43
N PHE B 243 4.76 -35.30 21.28
CA PHE B 243 4.65 -34.47 22.44
C PHE B 243 5.65 -33.56 21.90
N SER B 244 5.62 -32.30 22.26
CA SER B 244 6.57 -31.36 21.71
C SER B 244 7.87 -31.41 22.42
N SER B 245 8.88 -31.02 21.68
CA SER B 245 10.24 -31.03 22.10
C SER B 245 10.58 -29.83 22.90
N ASP B 246 10.08 -28.72 22.43
CA ASP B 246 10.35 -27.43 23.04
C ASP B 246 9.20 -26.87 23.87
N GLY B 247 8.09 -27.59 23.92
CA GLY B 247 6.94 -27.14 24.72
C GLY B 247 6.04 -26.15 24.00
N HIS B 248 6.21 -26.04 22.69
CA HIS B 248 5.39 -25.15 21.87
C HIS B 248 4.68 -25.90 20.79
N ILE B 249 3.42 -25.54 20.55
CA ILE B 249 2.73 -26.09 19.41
C ILE B 249 3.01 -25.22 18.21
N LYS B 250 3.91 -25.70 17.37
CA LYS B 250 4.31 -24.96 16.19
C LYS B 250 3.45 -25.44 15.05
N ALA B 251 2.38 -24.70 14.81
CA ALA B 251 1.32 -25.17 13.95
C ALA B 251 1.56 -24.66 12.56
N PHE B 252 1.65 -25.59 11.63
CA PHE B 252 1.81 -25.23 10.22
C PHE B 252 3.23 -24.83 9.85
N ASP B 253 4.16 -25.16 10.74
CA ASP B 253 5.54 -24.77 10.58
C ASP B 253 6.34 -25.96 10.20
N ALA B 254 7.50 -25.70 9.61
CA ALA B 254 8.39 -26.75 9.19
C ALA B 254 8.86 -27.47 10.43
N ASP B 255 9.07 -26.70 11.48
CA ASP B 255 9.70 -27.20 12.68
C ASP B 255 8.67 -27.78 13.65
N ALA B 256 7.49 -28.10 13.14
CA ALA B 256 6.44 -28.63 13.99
C ALA B 256 6.80 -30.01 14.48
N ASP B 257 6.65 -30.27 15.78
CA ASP B 257 6.95 -31.60 16.28
C ASP B 257 5.86 -32.36 17.03
N GLY B 258 5.22 -31.77 18.02
CA GLY B 258 4.22 -32.49 18.77
C GLY B 258 3.33 -31.43 19.38
N MET B 259 2.61 -31.83 20.42
CA MET B 259 1.58 -31.00 21.03
C MET B 259 1.86 -30.95 22.50
N ILE B 260 1.20 -30.05 23.19
CA ILE B 260 1.26 -30.01 24.64
C ILE B 260 -0.16 -29.84 25.14
N GLY B 261 -0.45 -30.47 26.27
CA GLY B 261 -1.77 -30.46 26.89
C GLY B 261 -2.14 -29.22 27.67
N GLY B 262 -3.44 -29.04 27.85
CA GLY B 262 -3.97 -27.90 28.58
C GLY B 262 -5.23 -28.24 29.32
N GLU B 263 -5.68 -27.32 30.16
CA GLU B 263 -6.94 -27.52 30.86
C GLU B 263 -7.89 -26.39 30.57
N GLY B 264 -9.18 -26.68 30.59
CA GLY B 264 -10.19 -25.63 30.47
C GLY B 264 -11.62 -26.12 30.67
N ALA B 265 -12.53 -25.18 30.79
CA ALA B 265 -13.95 -25.49 30.68
C ALA B 265 -14.69 -24.33 30.07
N GLY B 266 -15.75 -24.62 29.32
CA GLY B 266 -16.60 -23.57 28.77
C GLY B 266 -17.98 -24.09 28.45
N ALA B 267 -18.92 -23.16 28.37
CA ALA B 267 -20.28 -23.51 27.99
C ALA B 267 -20.90 -22.40 27.19
N VAL B 268 -21.76 -22.77 26.26
CA VAL B 268 -22.48 -21.78 25.46
C VAL B 268 -23.95 -22.08 25.43
N LEU B 269 -24.72 -21.04 25.21
CA LEU B 269 -26.15 -21.20 25.15
C LEU B 269 -26.61 -20.91 23.75
N LEU B 270 -27.44 -21.81 23.26
CA LEU B 270 -27.83 -21.79 21.87
C LEU B 270 -29.32 -21.67 21.78
N LYS B 271 -29.74 -20.99 20.73
CA LYS B 271 -31.14 -20.88 20.42
C LYS B 271 -31.26 -20.93 18.93
N LYS B 272 -32.46 -21.25 18.48
CA LYS B 272 -32.75 -21.22 17.05
C LYS B 272 -32.58 -19.79 16.54
N ALA B 273 -31.96 -19.62 15.39
CA ALA B 273 -31.62 -18.28 14.92
C ALA B 273 -32.85 -17.42 14.63
N SER B 274 -33.85 -18.03 14.02
CA SER B 274 -35.06 -17.30 13.65
C SER B 274 -35.72 -16.75 14.92
N ASP B 275 -35.80 -17.60 15.93
CA ASP B 275 -36.35 -17.18 17.22
C ASP B 275 -35.49 -16.14 17.95
N ALA B 276 -34.18 -16.20 17.77
CA ALA B 276 -33.29 -15.25 18.44
C ALA B 276 -33.50 -13.80 17.98
N VAL B 277 -33.66 -13.61 16.67
CA VAL B 277 -33.97 -12.26 16.11
C VAL B 277 -35.33 -11.75 16.54
N LYS B 278 -36.28 -12.66 16.51
CA LYS B 278 -37.67 -12.36 16.82
C LYS B 278 -37.81 -11.97 18.26
N ASP B 279 -37.05 -12.64 19.11
CA ASP B 279 -37.08 -12.39 20.54
C ASP B 279 -36.16 -11.27 20.97
N GLY B 280 -35.43 -10.70 20.01
CA GLY B 280 -34.49 -9.64 20.31
C GLY B 280 -33.40 -10.10 21.26
N ASP B 281 -32.92 -11.31 21.05
CA ASP B 281 -31.80 -11.85 21.82
C ASP B 281 -30.48 -11.32 21.30
N HIS B 282 -29.44 -11.43 22.10
CA HIS B 282 -28.15 -10.88 21.73
C HIS B 282 -27.26 -11.95 21.11
N ILE B 283 -26.95 -11.80 19.83
CA ILE B 283 -26.33 -12.89 19.09
C ILE B 283 -24.90 -12.59 18.73
N TYR B 284 -23.98 -13.38 19.26
CA TYR B 284 -22.59 -13.30 18.84
C TYR B 284 -22.39 -13.84 17.45
N ALA B 285 -23.00 -14.95 17.14
CA ALA B 285 -22.74 -15.61 15.88
C ALA B 285 -23.80 -16.61 15.54
N LEU B 286 -23.69 -17.17 14.35
CA LEU B 286 -24.68 -18.12 13.85
C LEU B 286 -23.99 -19.42 13.50
N LEU B 287 -24.59 -20.53 13.89
CA LEU B 287 -24.03 -21.83 13.58
C LEU B 287 -24.83 -22.42 12.45
N ARG B 288 -24.26 -22.46 11.26
CA ARG B 288 -24.98 -22.93 10.09
C ARG B 288 -25.16 -24.43 10.01
N GLY B 289 -24.10 -25.16 10.30
CA GLY B 289 -24.15 -26.62 10.23
C GLY B 289 -22.99 -27.26 10.95
N ILE B 290 -23.10 -28.56 11.17
CA ILE B 290 -22.06 -29.29 11.86
C ILE B 290 -22.14 -30.77 11.51
N GLY B 291 -21.09 -31.28 10.85
CA GLY B 291 -21.06 -32.67 10.44
C GLY B 291 -20.33 -33.53 11.46
N VAL B 292 -20.75 -34.79 11.55
CA VAL B 292 -20.15 -35.72 12.49
C VAL B 292 -19.96 -37.08 11.82
N ASN B 293 -18.76 -37.63 11.90
CA ASN B 293 -18.46 -38.91 11.30
C ASN B 293 -17.20 -39.51 11.87
N ASN B 294 -17.04 -40.81 11.79
CA ASN B 294 -15.93 -41.52 12.38
C ASN B 294 -15.08 -42.18 11.29
N ASP B 295 -13.76 -42.05 11.42
CA ASP B 295 -12.82 -42.65 10.50
C ASP B 295 -13.15 -44.15 10.49
N GLY B 296 -12.99 -44.75 9.33
CA GLY B 296 -13.28 -46.17 9.17
C GLY B 296 -12.00 -46.95 9.36
N ALA B 297 -12.10 -48.26 9.31
CA ALA B 297 -10.97 -49.12 9.64
C ALA B 297 -9.85 -48.91 8.64
N ASP B 298 -9.95 -47.83 7.87
CA ASP B 298 -9.02 -47.55 6.77
C ASP B 298 -7.62 -47.29 7.28
N LYS B 299 -7.56 -46.52 8.35
CA LYS B 299 -6.32 -45.95 8.82
C LYS B 299 -5.44 -47.04 9.36
N VAL B 300 -4.13 -46.78 9.37
CA VAL B 300 -3.20 -47.70 9.96
C VAL B 300 -3.05 -47.41 11.44
N GLY B 301 -3.80 -48.14 12.25
CA GLY B 301 -3.73 -47.96 13.68
C GLY B 301 -4.83 -47.08 14.20
N PHE B 302 -5.06 -47.21 15.49
CA PHE B 302 -6.08 -46.47 16.22
C PHE B 302 -5.78 -44.97 16.36
N TYR B 303 -4.50 -44.61 16.50
CA TYR B 303 -4.14 -43.21 16.71
C TYR B 303 -3.74 -42.57 15.41
N ALA B 304 -3.98 -43.26 14.30
CA ALA B 304 -3.69 -42.71 13.01
C ALA B 304 -4.84 -41.81 12.57
N PRO B 305 -4.51 -40.59 12.10
CA PRO B 305 -5.46 -39.74 11.43
C PRO B 305 -5.68 -40.15 9.99
N SER B 306 -6.88 -39.94 9.48
CA SER B 306 -7.19 -40.35 8.12
C SER B 306 -7.65 -39.19 7.25
N VAL B 307 -7.01 -38.99 6.12
CA VAL B 307 -7.38 -37.92 5.20
C VAL B 307 -8.78 -38.09 4.68
N LYS B 308 -9.09 -39.29 4.23
CA LYS B 308 -10.36 -39.51 3.55
C LYS B 308 -11.55 -39.32 4.49
N GLY B 309 -11.39 -39.72 5.74
CA GLY B 309 -12.42 -39.52 6.76
C GLY B 309 -12.71 -38.07 7.05
N GLN B 310 -11.66 -37.29 7.24
CA GLN B 310 -11.81 -35.86 7.46
C GLN B 310 -12.45 -35.17 6.28
N ALA B 311 -12.08 -35.63 5.10
CA ALA B 311 -12.54 -35.04 3.88
C ALA B 311 -14.06 -35.17 3.79
N GLU B 312 -14.56 -36.31 4.26
CA GLU B 312 -15.99 -36.60 4.20
C GLU B 312 -16.87 -35.70 5.06
N VAL B 313 -16.40 -35.34 6.25
CA VAL B 313 -17.16 -34.41 7.11
C VAL B 313 -17.21 -33.01 6.55
N ILE B 314 -16.09 -32.57 6.02
CA ILE B 314 -16.03 -31.23 5.48
C ILE B 314 -17.00 -31.16 4.33
N GLN B 315 -16.99 -32.22 3.53
CA GLN B 315 -17.91 -32.38 2.42
C GLN B 315 -19.36 -32.43 2.89
N LYS B 316 -19.57 -33.14 4.00
CA LYS B 316 -20.91 -33.36 4.52
C LYS B 316 -21.55 -32.04 4.91
N VAL B 317 -20.77 -31.20 5.57
CA VAL B 317 -21.29 -29.92 6.02
C VAL B 317 -21.60 -29.01 4.85
N ILE B 318 -20.74 -29.03 3.84
CA ILE B 318 -20.96 -28.18 2.67
C ILE B 318 -22.24 -28.59 1.98
N ASP B 319 -22.40 -29.89 1.82
CA ASP B 319 -23.60 -30.42 1.20
C ASP B 319 -24.81 -30.04 2.02
N GLN B 320 -24.69 -30.21 3.33
CA GLN B 320 -25.79 -29.98 4.23
C GLN B 320 -26.20 -28.52 4.26
N THR B 321 -25.21 -27.66 4.44
CA THR B 321 -25.46 -26.20 4.50
C THR B 321 -25.83 -25.54 3.16
N GLY B 322 -25.17 -25.95 2.10
CA GLY B 322 -25.27 -25.26 0.82
C GLY B 322 -24.34 -24.07 0.73
N ILE B 323 -23.47 -23.94 1.72
CA ILE B 323 -22.46 -22.92 1.76
C ILE B 323 -21.39 -23.19 0.73
N HIS B 324 -20.90 -22.11 0.12
CA HIS B 324 -19.87 -22.20 -0.88
C HIS B 324 -18.50 -21.78 -0.42
N PRO B 325 -17.52 -22.65 -0.59
CA PRO B 325 -16.18 -22.49 -0.05
C PRO B 325 -15.46 -21.16 -0.27
N GLU B 326 -15.85 -20.43 -1.30
CA GLU B 326 -15.34 -19.06 -1.52
C GLU B 326 -15.84 -18.13 -0.44
N THR B 327 -16.88 -18.60 0.22
CA THR B 327 -17.60 -17.81 1.19
C THR B 327 -16.85 -17.75 2.49
N ILE B 328 -15.81 -18.56 2.60
CA ILE B 328 -15.15 -18.76 3.88
C ILE B 328 -13.85 -17.96 3.99
N ALA B 329 -13.88 -17.00 4.90
CA ALA B 329 -12.73 -16.19 5.25
C ALA B 329 -11.68 -16.93 6.06
N TYR B 330 -12.13 -17.66 7.07
CA TYR B 330 -11.20 -18.28 8.01
C TYR B 330 -11.60 -19.70 8.36
N VAL B 331 -10.61 -20.55 8.59
CA VAL B 331 -10.85 -21.88 9.14
C VAL B 331 -9.98 -22.14 10.35
N GLU B 332 -10.61 -22.54 11.44
CA GLU B 332 -9.85 -22.94 12.63
C GLU B 332 -9.60 -24.42 12.57
N ALA B 333 -8.37 -24.76 12.25
CA ALA B 333 -8.01 -26.15 12.00
C ALA B 333 -7.91 -26.89 13.32
N HIS B 334 -7.80 -28.22 13.23
CA HIS B 334 -7.49 -29.01 14.42
C HIS B 334 -6.13 -28.62 14.98
N GLY B 335 -5.16 -28.43 14.09
CA GLY B 335 -3.88 -27.80 14.42
C GLY B 335 -3.06 -28.45 15.53
N THR B 336 -2.87 -29.75 15.41
CA THR B 336 -2.14 -30.50 16.42
C THR B 336 -0.68 -30.09 16.54
N GLY B 337 -0.07 -29.66 15.43
CA GLY B 337 1.35 -29.32 15.44
C GLY B 337 2.23 -30.53 15.29
N THR B 338 1.70 -31.54 14.61
CA THR B 338 2.41 -32.79 14.43
C THR B 338 2.86 -32.84 12.97
N LYS B 339 3.99 -33.49 12.75
CA LYS B 339 4.53 -33.55 11.40
C LYS B 339 3.60 -34.28 10.46
N LEU B 340 3.07 -35.42 10.91
CA LEU B 340 2.14 -36.21 10.10
C LEU B 340 0.79 -35.58 9.90
N GLY B 341 0.24 -35.01 10.96
CA GLY B 341 -1.14 -34.52 10.94
C GLY B 341 -1.45 -33.30 10.08
N ASP B 342 -0.63 -32.27 10.20
CA ASP B 342 -0.94 -30.99 9.57
C ASP B 342 -1.05 -31.15 8.07
N PRO B 343 -0.12 -31.88 7.46
CA PRO B 343 -0.20 -32.21 6.06
C PRO B 343 -1.51 -32.90 5.69
N ILE B 344 -1.93 -33.82 6.53
CA ILE B 344 -3.18 -34.54 6.33
C ILE B 344 -4.35 -33.59 6.40
N GLU B 345 -4.33 -32.72 7.39
CA GLU B 345 -5.48 -31.88 7.65
C GLU B 345 -5.73 -31.00 6.44
N LEU B 346 -4.65 -30.40 5.95
CA LEU B 346 -4.74 -29.46 4.83
C LEU B 346 -5.06 -30.14 3.55
N SER B 347 -4.52 -31.34 3.39
CA SER B 347 -4.71 -32.05 2.16
C SER B 347 -6.20 -32.23 1.98
N ALA B 348 -6.83 -32.58 3.09
CA ALA B 348 -8.25 -32.88 3.11
C ALA B 348 -9.09 -31.65 2.81
N LEU B 349 -8.74 -30.53 3.41
CA LEU B 349 -9.47 -29.29 3.15
C LEU B 349 -9.33 -28.86 1.69
N GLN B 350 -8.09 -28.86 1.23
CA GLN B 350 -7.76 -28.38 -0.09
C GLN B 350 -8.49 -29.23 -1.11
N SER B 351 -8.56 -30.50 -0.78
CA SER B 351 -9.16 -31.47 -1.65
C SER B 351 -10.67 -31.26 -1.82
N VAL B 352 -11.36 -30.96 -0.74
CA VAL B 352 -12.79 -30.65 -0.84
C VAL B 352 -13.02 -29.32 -1.52
N TYR B 353 -12.32 -28.30 -1.07
CA TYR B 353 -12.48 -26.96 -1.63
C TYR B 353 -12.13 -26.97 -3.12
N GLY B 354 -11.17 -27.81 -3.46
CA GLY B 354 -10.77 -27.95 -4.84
C GLY B 354 -11.99 -28.32 -5.67
N ARG B 355 -12.91 -29.02 -5.04
CA ARG B 355 -14.11 -29.46 -5.73
C ARG B 355 -14.99 -28.32 -6.22
N TYR B 356 -15.17 -27.29 -5.40
CA TYR B 356 -16.17 -26.27 -5.73
C TYR B 356 -15.64 -25.08 -6.44
N THR B 357 -14.40 -24.69 -6.17
CA THR B 357 -13.87 -23.57 -6.91
C THR B 357 -12.37 -23.31 -6.84
N ASP B 358 -11.93 -22.70 -7.93
CA ASP B 358 -10.59 -22.80 -8.43
C ASP B 358 -9.57 -22.08 -7.60
N LYS B 359 -8.36 -22.55 -7.73
CA LYS B 359 -7.37 -22.39 -6.70
C LYS B 359 -7.13 -20.90 -6.56
N LYS B 360 -6.72 -20.49 -5.38
CA LYS B 360 -6.56 -19.07 -5.08
C LYS B 360 -5.69 -19.00 -3.82
N GLN B 361 -5.72 -17.90 -3.07
CA GLN B 361 -5.25 -17.99 -1.67
C GLN B 361 -5.96 -17.03 -0.72
N TYR B 362 -7.24 -17.27 -0.53
CA TYR B 362 -8.12 -16.28 0.08
C TYR B 362 -8.50 -16.60 1.52
N CYS B 363 -8.16 -17.79 2.00
CA CYS B 363 -8.70 -18.26 3.26
C CYS B 363 -7.65 -18.38 4.36
N GLY B 364 -7.91 -17.73 5.48
CA GLY B 364 -7.02 -17.85 6.63
C GLY B 364 -7.19 -19.17 7.31
N ILE B 365 -6.09 -19.71 7.79
CA ILE B 365 -6.12 -20.97 8.52
C ILE B 365 -5.26 -20.82 9.75
N GLY B 366 -5.74 -21.30 10.88
CA GLY B 366 -5.01 -21.10 12.13
C GLY B 366 -5.45 -22.06 13.19
N SER B 367 -4.75 -22.05 14.32
CA SER B 367 -5.20 -22.83 15.46
C SER B 367 -4.94 -22.14 16.79
N VAL B 368 -5.97 -22.15 17.62
CA VAL B 368 -5.93 -21.57 18.94
C VAL B 368 -5.09 -22.39 19.89
N LYS B 369 -4.81 -23.62 19.51
CA LYS B 369 -4.01 -24.49 20.34
C LYS B 369 -2.64 -23.93 20.54
N THR B 370 -2.24 -23.08 19.61
CA THR B 370 -0.93 -22.48 19.66
C THR B 370 -0.85 -21.64 20.91
N ASN B 371 -1.91 -20.89 21.18
CA ASN B 371 -1.99 -20.08 22.38
C ASN B 371 -2.18 -20.88 23.65
N LEU B 372 -3.01 -21.90 23.57
CA LEU B 372 -3.58 -22.54 24.75
C LEU B 372 -3.03 -23.94 25.02
N GLY B 373 -2.59 -24.61 23.97
CA GLY B 373 -2.26 -26.02 24.04
C GLY B 373 -3.45 -26.84 23.64
N HIS B 374 -3.30 -28.15 23.74
CA HIS B 374 -4.37 -29.07 23.39
C HIS B 374 -5.25 -29.36 24.59
N LEU B 375 -6.49 -28.92 24.48
CA LEU B 375 -7.38 -28.92 25.62
C LEU B 375 -8.17 -30.18 25.70
N ASP B 376 -7.77 -31.16 24.91
CA ASP B 376 -8.42 -32.43 24.98
C ASP B 376 -9.90 -32.19 24.72
N THR B 377 -10.73 -32.41 25.73
CA THR B 377 -12.19 -32.48 25.58
C THR B 377 -12.80 -31.14 25.18
N ALA B 378 -12.23 -30.10 25.76
CA ALA B 378 -12.77 -28.74 25.62
C ALA B 378 -12.06 -28.01 24.49
N ALA B 379 -11.36 -28.77 23.68
CA ALA B 379 -10.64 -28.26 22.52
C ALA B 379 -11.61 -27.65 21.53
N GLY B 380 -12.70 -28.38 21.29
CA GLY B 380 -13.72 -27.95 20.36
C GLY B 380 -14.31 -26.65 20.84
N MET B 381 -14.46 -26.59 22.15
CA MET B 381 -15.06 -25.46 22.84
C MET B 381 -14.25 -24.18 22.67
N ALA B 382 -12.94 -24.31 22.85
CA ALA B 382 -12.02 -23.18 22.70
C ALA B 382 -11.97 -22.67 21.27
N GLY B 383 -11.95 -23.61 20.35
CA GLY B 383 -11.96 -23.27 18.94
C GLY B 383 -13.25 -22.56 18.64
N CYS B 384 -14.33 -23.09 19.19
CA CYS B 384 -15.68 -22.58 18.92
C CYS B 384 -15.81 -21.13 19.35
N ILE B 385 -15.32 -20.84 20.54
CA ILE B 385 -15.34 -19.48 21.07
C ILE B 385 -14.44 -18.53 20.31
N LYS B 386 -13.21 -18.97 20.08
CA LYS B 386 -12.22 -18.15 19.41
C LYS B 386 -12.80 -17.63 18.12
N VAL B 387 -13.70 -18.42 17.55
CA VAL B 387 -14.22 -18.19 16.23
C VAL B 387 -15.53 -17.44 16.30
N VAL B 388 -16.31 -17.73 17.32
CA VAL B 388 -17.53 -16.97 17.53
C VAL B 388 -17.11 -15.55 17.86
N MET B 389 -15.99 -15.42 18.56
CA MET B 389 -15.44 -14.10 18.92
C MET B 389 -14.86 -13.32 17.73
N SER B 390 -14.17 -14.02 16.86
CA SER B 390 -13.57 -13.42 15.66
C SER B 390 -14.62 -12.89 14.71
N LEU B 391 -15.70 -13.64 14.58
CA LEU B 391 -16.85 -13.18 13.82
C LEU B 391 -17.55 -12.04 14.51
N TYR B 392 -17.60 -12.08 15.83
CA TYR B 392 -18.30 -11.06 16.58
C TYR B 392 -17.63 -9.70 16.41
N HIS B 393 -16.31 -9.70 16.49
CA HIS B 393 -15.54 -8.46 16.37
C HIS B 393 -15.07 -8.24 14.94
N GLN B 394 -15.38 -9.18 14.07
CA GLN B 394 -15.06 -9.06 12.66
C GLN B 394 -13.57 -9.05 12.41
N GLU B 395 -12.83 -9.79 13.20
CA GLU B 395 -11.39 -9.85 13.04
C GLU B 395 -10.92 -11.27 12.94
N ILE B 396 -9.79 -11.43 12.28
CA ILE B 396 -9.09 -12.68 12.25
C ILE B 396 -7.93 -12.56 13.20
N ALA B 397 -7.71 -13.63 13.96
CA ALA B 397 -6.73 -13.66 15.01
C ALA B 397 -5.53 -14.48 14.59
N PRO B 398 -4.34 -14.01 14.92
CA PRO B 398 -3.12 -14.63 14.44
C PRO B 398 -2.86 -16.01 15.03
N SER B 399 -2.12 -16.79 14.28
CA SER B 399 -1.67 -18.09 14.73
C SER B 399 -0.20 -17.91 15.04
N ILE B 400 0.18 -18.23 16.27
CA ILE B 400 1.51 -17.89 16.74
C ILE B 400 2.51 -19.03 16.60
N ASN B 401 3.75 -18.75 16.98
CA ASN B 401 4.84 -19.71 16.90
C ASN B 401 5.12 -20.16 15.49
N TYR B 402 4.93 -19.24 14.56
CA TYR B 402 5.09 -19.52 13.16
C TYR B 402 6.05 -18.53 12.53
N LYS B 403 6.99 -19.05 11.76
CA LYS B 403 7.88 -18.20 10.98
C LYS B 403 7.93 -18.58 9.50
N GLU B 404 8.34 -19.80 9.22
CA GLU B 404 8.35 -20.29 7.85
C GLU B 404 7.47 -21.52 7.70
N PRO B 405 6.73 -21.61 6.59
CA PRO B 405 5.77 -22.67 6.35
C PRO B 405 6.38 -24.04 6.12
N ASN B 406 5.52 -25.04 6.21
CA ASN B 406 5.92 -26.41 6.01
C ASN B 406 5.91 -26.75 4.53
N PRO B 407 7.07 -27.12 3.99
CA PRO B 407 7.18 -27.47 2.59
C PRO B 407 6.28 -28.62 2.19
N ASN B 408 5.95 -29.46 3.16
CA ASN B 408 5.04 -30.57 2.94
C ASN B 408 3.66 -30.07 2.62
N LEU B 409 3.36 -28.89 3.11
CA LEU B 409 2.02 -28.30 3.02
C LEU B 409 1.54 -27.94 1.61
N HIS B 410 2.44 -27.57 0.72
CA HIS B 410 2.02 -27.10 -0.60
C HIS B 410 1.05 -25.99 -0.39
N LEU B 411 1.39 -25.09 0.52
CA LEU B 411 0.48 -24.03 0.89
C LEU B 411 0.21 -23.14 -0.30
N GLU B 412 1.19 -23.06 -1.19
CA GLU B 412 1.15 -22.10 -2.27
C GLU B 412 -0.02 -22.29 -3.21
N ASP B 413 -0.33 -23.55 -3.52
CA ASP B 413 -1.42 -23.89 -4.42
C ASP B 413 -2.73 -24.08 -3.68
N SER B 414 -2.62 -24.27 -2.37
CA SER B 414 -3.78 -24.37 -1.52
C SER B 414 -4.42 -23.02 -1.49
N PRO B 415 -5.69 -22.97 -1.11
CA PRO B 415 -6.48 -21.77 -0.97
C PRO B 415 -6.17 -20.99 0.30
N PHE B 416 -5.27 -21.52 1.10
CA PHE B 416 -5.11 -21.05 2.45
C PHE B 416 -3.81 -20.33 2.60
N PHE B 417 -3.79 -19.37 3.50
CA PHE B 417 -2.54 -18.82 4.00
C PHE B 417 -2.59 -18.88 5.52
N VAL B 418 -1.48 -19.27 6.11
CA VAL B 418 -1.38 -19.37 7.55
C VAL B 418 -1.45 -17.98 8.18
N ALA B 419 -2.40 -17.80 9.08
CA ALA B 419 -2.58 -16.50 9.75
C ALA B 419 -1.43 -16.20 10.69
N GLU B 420 -0.78 -15.09 10.40
CA GLU B 420 0.53 -14.72 10.94
C GLU B 420 0.40 -13.53 11.87
N GLU B 421 -0.52 -12.66 11.50
CA GLU B 421 -0.84 -11.43 12.23
C GLU B 421 -2.32 -11.11 12.07
N LYS B 422 -2.86 -10.40 13.04
CA LYS B 422 -4.28 -10.05 13.03
C LYS B 422 -4.58 -9.12 11.87
N LYS B 423 -5.58 -9.47 11.10
CA LYS B 423 -5.99 -8.65 9.97
C LYS B 423 -7.46 -8.52 10.17
N GLU B 424 -7.98 -7.31 9.99
CA GLU B 424 -9.43 -7.13 10.14
C GLU B 424 -10.15 -7.39 8.84
N LEU B 425 -11.26 -8.09 8.97
CA LEU B 425 -12.10 -8.41 7.83
C LEU B 425 -12.82 -7.18 7.29
N THR B 426 -13.26 -7.31 6.05
CA THR B 426 -13.75 -6.18 5.26
C THR B 426 -15.12 -5.74 5.75
N ARG B 427 -15.60 -4.62 5.24
CA ARG B 427 -16.92 -4.13 5.58
C ARG B 427 -17.90 -4.32 4.45
N GLU B 428 -17.41 -4.83 3.32
CA GLU B 428 -18.25 -4.95 2.13
C GLU B 428 -19.35 -5.94 2.35
N ASN B 429 -18.98 -7.16 2.73
CA ASN B 429 -19.95 -8.22 2.89
C ASN B 429 -20.27 -8.45 4.34
N ARG B 430 -21.54 -8.29 4.68
CA ARG B 430 -22.02 -8.33 6.06
C ARG B 430 -22.23 -9.72 6.68
N ALA B 431 -21.90 -10.76 5.92
CA ALA B 431 -22.15 -12.14 6.31
C ALA B 431 -20.88 -12.96 6.04
N HIS B 432 -19.80 -12.66 6.76
CA HIS B 432 -18.61 -13.50 6.69
C HIS B 432 -18.88 -14.87 7.31
N ARG B 433 -18.11 -15.86 6.91
CA ARG B 433 -18.25 -17.22 7.41
C ARG B 433 -16.92 -17.74 7.84
N MET B 434 -16.93 -18.67 8.78
CA MET B 434 -15.72 -19.30 9.27
C MET B 434 -16.01 -20.74 9.56
N ALA B 435 -14.99 -21.58 9.47
CA ALA B 435 -15.17 -22.99 9.71
C ALA B 435 -14.30 -23.49 10.83
N LEU B 436 -14.72 -24.57 11.47
CA LEU B 436 -14.00 -25.13 12.60
C LEU B 436 -13.91 -26.63 12.48
N SER B 437 -12.73 -27.17 12.74
CA SER B 437 -12.50 -28.59 12.61
C SER B 437 -12.06 -29.17 13.93
N SER B 438 -12.55 -30.37 14.23
CA SER B 438 -12.06 -31.14 15.37
C SER B 438 -12.10 -32.60 15.03
N PHE B 439 -10.97 -33.26 15.20
CA PHE B 439 -10.84 -34.66 14.87
C PHE B 439 -10.32 -35.44 16.05
N GLY B 440 -11.13 -36.38 16.48
CA GLY B 440 -10.83 -37.16 17.66
C GLY B 440 -9.74 -38.19 17.49
N LEU B 441 -9.23 -38.61 18.63
CA LEU B 441 -8.29 -39.71 18.70
C LEU B 441 -8.98 -40.96 18.25
N GLY B 442 -10.26 -41.01 18.56
CA GLY B 442 -11.06 -42.18 18.23
C GLY B 442 -11.11 -42.43 16.74
N GLY B 443 -11.04 -41.35 15.98
CA GLY B 443 -11.35 -41.42 14.56
C GLY B 443 -12.67 -40.77 14.28
N THR B 444 -13.17 -40.00 15.25
CA THR B 444 -14.41 -39.30 15.07
C THR B 444 -14.08 -37.87 14.72
N ASN B 445 -14.56 -37.44 13.58
CA ASN B 445 -14.23 -36.16 13.03
C ASN B 445 -15.44 -35.29 13.06
N THR B 446 -15.24 -34.02 13.36
CA THR B 446 -16.33 -33.05 13.36
C THR B 446 -15.90 -31.82 12.60
N HIS B 447 -16.81 -31.25 11.85
CA HIS B 447 -16.53 -29.99 11.15
C HIS B 447 -17.73 -29.09 11.29
N ALA B 448 -17.52 -27.80 11.47
CA ALA B 448 -18.63 -26.86 11.60
C ALA B 448 -18.38 -25.54 10.91
N ILE B 449 -19.46 -24.90 10.51
CA ILE B 449 -19.37 -23.59 9.88
C ILE B 449 -20.23 -22.60 10.64
N PHE B 450 -19.71 -21.39 10.74
CA PHE B 450 -20.38 -20.33 11.46
C PHE B 450 -20.56 -19.16 10.53
N GLU B 451 -21.53 -18.30 10.84
CA GLU B 451 -21.75 -17.12 10.03
C GLU B 451 -21.82 -15.88 10.88
N GLN B 452 -21.39 -14.75 10.31
CA GLN B 452 -21.42 -13.48 10.98
C GLN B 452 -22.82 -12.91 10.95
N TYR B 453 -23.26 -12.37 12.07
CA TYR B 453 -24.58 -11.79 12.21
C TYR B 453 -24.52 -10.31 12.43
N PRO B 454 -25.24 -9.56 11.51
CA PRO B 454 -25.23 -8.13 11.75
C PRO B 454 -26.57 -7.65 12.27
N ALA B 463 -34.42 7.16 27.54
CA ALA B 463 -35.06 7.53 28.79
C ALA B 463 -34.09 8.29 29.69
N GLY B 464 -34.63 8.78 30.81
CA GLY B 464 -33.87 9.57 31.78
C GLY B 464 -33.65 8.96 33.16
N PRO B 465 -34.59 8.10 33.63
CA PRO B 465 -34.41 7.38 34.90
C PRO B 465 -34.44 5.86 34.88
N PHE B 466 -33.31 5.24 35.18
CA PHE B 466 -33.22 3.78 35.21
C PHE B 466 -33.20 3.17 36.59
N ILE B 467 -33.63 1.93 36.65
CA ILE B 467 -33.51 1.16 37.88
C ILE B 467 -32.65 -0.06 37.66
N ILE B 468 -31.66 -0.22 38.53
CA ILE B 468 -30.81 -1.41 38.49
C ILE B 468 -30.96 -2.23 39.75
N PRO B 469 -31.55 -3.42 39.64
CA PRO B 469 -31.65 -4.30 40.81
C PRO B 469 -30.50 -5.27 40.91
N LEU B 470 -29.78 -5.23 42.01
CA LEU B 470 -28.65 -6.14 42.20
C LEU B 470 -28.84 -7.02 43.41
N SER B 471 -28.56 -8.30 43.26
CA SER B 471 -28.79 -9.23 44.32
C SER B 471 -27.71 -10.27 44.38
N ALA B 472 -27.60 -10.89 45.54
CA ALA B 472 -26.60 -11.91 45.74
C ALA B 472 -27.00 -12.76 46.90
N ARG B 473 -26.34 -13.90 47.02
CA ARG B 473 -26.56 -14.78 48.15
C ARG B 473 -25.99 -14.20 49.43
N LYS B 474 -24.85 -13.53 49.34
CA LYS B 474 -24.24 -12.96 50.53
C LYS B 474 -23.79 -11.54 50.27
N LYS B 475 -23.55 -10.83 51.34
CA LYS B 475 -23.25 -9.39 51.28
C LYS B 475 -21.91 -9.02 50.65
N ASP B 476 -20.88 -9.83 50.85
CA ASP B 476 -19.61 -9.59 50.14
C ASP B 476 -19.81 -9.86 48.67
N ARG B 477 -20.60 -10.88 48.38
CA ARG B 477 -20.89 -11.25 47.03
C ARG B 477 -21.54 -10.06 46.41
N LEU B 478 -22.61 -9.61 47.05
CA LEU B 478 -23.34 -8.48 46.54
C LEU B 478 -22.38 -7.29 46.44
N LYS B 479 -21.36 -7.28 47.30
CA LYS B 479 -20.37 -6.22 47.26
C LYS B 479 -19.36 -6.42 46.15
N GLU B 480 -18.88 -7.65 46.00
CA GLU B 480 -18.01 -7.99 44.87
C GLU B 480 -18.73 -7.74 43.56
N TYR B 481 -20.04 -7.94 43.60
CA TYR B 481 -20.85 -7.73 42.43
C TYR B 481 -20.68 -6.27 41.96
N ALA B 482 -20.62 -5.40 42.96
CA ALA B 482 -20.57 -3.97 42.74
C ALA B 482 -19.26 -3.46 42.15
N LYS B 483 -18.16 -4.11 42.53
CA LYS B 483 -16.85 -3.71 42.01
C LYS B 483 -16.79 -4.00 40.52
N GLN B 484 -17.37 -5.13 40.17
CA GLN B 484 -17.29 -5.65 38.81
C GLN B 484 -18.15 -4.91 37.83
N LEU B 485 -19.30 -4.45 38.28
CA LEU B 485 -20.16 -3.67 37.42
C LEU B 485 -19.54 -2.33 37.29
N LEU B 486 -18.99 -1.88 38.40
CA LEU B 486 -18.34 -0.61 38.41
C LEU B 486 -17.19 -0.66 37.44
N ALA B 487 -16.41 -1.73 37.55
CA ALA B 487 -15.22 -1.90 36.75
C ALA B 487 -15.57 -2.00 35.27
N PHE B 488 -16.67 -2.68 35.01
CA PHE B 488 -17.18 -2.85 33.66
C PHE B 488 -17.58 -1.53 33.07
N LEU B 489 -18.25 -0.73 33.84
CA LEU B 489 -18.73 0.53 33.33
C LEU B 489 -17.59 1.43 32.97
N GLU B 490 -16.56 1.41 33.77
CA GLU B 490 -15.40 2.26 33.46
C GLU B 490 -14.91 2.04 32.02
N ARG B 491 -14.49 0.81 31.73
CA ARG B 491 -13.92 0.35 30.47
C ARG B 491 -14.70 0.57 29.18
N LYS B 492 -15.90 -0.01 29.16
CA LYS B 492 -16.86 0.09 28.08
C LYS B 492 -17.65 1.32 28.44
N THR B 493 -17.59 2.36 27.63
CA THR B 493 -18.32 3.58 27.96
C THR B 493 -19.59 3.76 27.18
N ASP B 494 -19.52 3.68 25.85
CA ASP B 494 -20.71 3.95 25.08
C ASP B 494 -21.62 2.75 25.27
N THR B 495 -21.97 2.54 26.52
CA THR B 495 -22.74 1.38 26.91
C THR B 495 -24.05 1.89 27.47
N ASP B 496 -25.15 1.39 26.90
CA ASP B 496 -26.46 1.95 27.11
C ASP B 496 -27.11 1.42 28.37
N LEU B 497 -27.50 2.35 29.23
CA LEU B 497 -28.05 2.00 30.53
C LEU B 497 -29.43 1.42 30.39
N ALA B 498 -30.09 1.75 29.31
CA ALA B 498 -31.46 1.34 29.10
C ALA B 498 -31.58 -0.18 29.04
N ASP B 499 -30.65 -0.76 28.30
CA ASP B 499 -30.51 -2.20 28.18
C ASP B 499 -29.97 -2.85 29.45
N LEU B 500 -29.03 -2.19 30.09
CA LEU B 500 -28.40 -2.73 31.28
C LEU B 500 -29.43 -2.90 32.37
N ALA B 501 -30.27 -1.89 32.50
CA ALA B 501 -31.35 -1.91 33.46
C ALA B 501 -32.33 -3.00 33.13
N TYR B 502 -32.66 -3.11 31.85
CA TYR B 502 -33.61 -4.10 31.41
C TYR B 502 -33.06 -5.47 31.71
N THR B 503 -31.80 -5.67 31.40
CA THR B 503 -31.17 -6.97 31.54
C THR B 503 -30.91 -7.43 32.96
N PHE B 504 -30.85 -6.49 33.89
CA PHE B 504 -30.74 -6.84 35.32
C PHE B 504 -32.11 -7.02 35.95
N GLN B 505 -33.08 -6.27 35.46
CA GLN B 505 -34.44 -6.42 35.94
C GLN B 505 -34.91 -7.82 35.59
N VAL B 506 -34.53 -8.24 34.39
CA VAL B 506 -34.85 -9.59 33.94
C VAL B 506 -33.52 -10.28 33.76
N GLY B 507 -33.56 -11.58 33.55
CA GLY B 507 -32.32 -12.31 33.36
C GLY B 507 -31.26 -12.30 34.41
N ARG B 508 -31.58 -11.74 35.56
CA ARG B 508 -30.82 -12.02 36.78
C ARG B 508 -31.81 -12.35 37.85
N GLU B 509 -31.57 -13.43 38.57
CA GLU B 509 -32.52 -13.83 39.58
C GLU B 509 -32.41 -12.86 40.73
N ALA B 510 -33.52 -12.68 41.43
CA ALA B 510 -33.53 -11.80 42.57
C ALA B 510 -33.19 -12.62 43.78
N MET B 511 -31.98 -12.43 44.26
CA MET B 511 -31.44 -13.25 45.34
C MET B 511 -31.64 -12.63 46.71
N GLU B 512 -31.12 -13.29 47.73
CA GLU B 512 -31.46 -12.96 49.11
C GLU B 512 -31.15 -11.54 49.51
N GLU B 513 -29.95 -11.07 49.20
CA GLU B 513 -29.54 -9.74 49.64
C GLU B 513 -29.50 -8.81 48.49
N ARG B 514 -29.97 -7.59 48.71
CA ARG B 514 -30.34 -6.81 47.56
C ARG B 514 -29.88 -5.39 47.70
N ALA B 515 -29.62 -4.77 46.56
CA ALA B 515 -29.42 -3.34 46.50
C ALA B 515 -30.15 -2.93 45.25
N ALA B 516 -30.87 -1.82 45.30
CA ALA B 516 -31.55 -1.36 44.11
C ALA B 516 -31.20 0.10 43.89
N PHE B 517 -30.96 0.47 42.64
CA PHE B 517 -30.41 1.79 42.37
C PHE B 517 -31.27 2.57 41.43
N ILE B 518 -31.38 3.86 41.73
CA ILE B 518 -32.11 4.75 40.88
C ILE B 518 -31.12 5.76 40.35
N THR B 519 -31.13 5.91 39.03
CA THR B 519 -30.14 6.73 38.37
C THR B 519 -30.68 7.40 37.13
N SER B 520 -30.01 8.48 36.75
CA SER B 520 -30.27 9.19 35.51
C SER B 520 -29.14 9.05 34.50
N GLY B 521 -28.02 8.48 34.91
CA GLY B 521 -26.84 8.41 34.08
C GLY B 521 -25.91 7.33 34.59
N THR B 522 -24.93 6.97 33.79
CA THR B 522 -23.83 6.12 34.27
C THR B 522 -23.01 6.82 35.33
N ALA B 523 -22.64 8.06 35.01
CA ALA B 523 -21.70 8.81 35.84
C ALA B 523 -22.22 8.95 37.25
N GLU B 524 -23.52 9.15 37.33
CA GLU B 524 -24.21 9.11 38.60
C GLU B 524 -24.04 7.72 39.16
N LEU B 525 -24.16 6.74 38.26
CA LEU B 525 -24.22 5.35 38.64
C LEU B 525 -22.93 4.86 39.26
N LYS B 526 -21.81 5.26 38.69
CA LYS B 526 -20.53 4.82 39.23
C LYS B 526 -20.40 5.37 40.61
N ARG B 527 -20.75 6.63 40.75
CA ARG B 527 -20.55 7.32 42.00
C ARG B 527 -21.43 6.71 43.07
N GLN B 528 -22.68 6.41 42.73
CA GLN B 528 -23.54 5.74 43.70
C GLN B 528 -22.90 4.40 44.00
N LEU B 529 -22.40 3.75 42.95
CA LEU B 529 -21.76 2.46 43.09
C LEU B 529 -20.39 2.60 43.75
N ALA B 530 -19.58 3.52 43.25
CA ALA B 530 -18.25 3.75 43.80
C ALA B 530 -18.31 3.98 45.30
N ASP B 531 -19.26 4.80 45.74
CA ASP B 531 -19.42 5.10 47.15
C ASP B 531 -20.04 3.91 47.89
N PHE B 532 -20.86 3.14 47.17
CA PHE B 532 -21.50 1.98 47.76
C PHE B 532 -20.47 0.93 48.18
N ILE B 533 -19.49 0.69 47.31
CA ILE B 533 -18.45 -0.29 47.59
C ILE B 533 -17.83 -0.04 48.97
N ASN B 534 -17.68 1.23 49.32
CA ASN B 534 -17.10 1.59 50.61
C ASN B 534 -18.23 1.74 51.60
N ASP B 535 -18.03 1.19 52.78
CA ASP B 535 -19.05 0.38 53.40
C ASP B 535 -20.41 1.06 53.56
N LYS B 536 -20.48 2.22 54.20
CA LYS B 536 -21.80 2.81 54.44
C LYS B 536 -21.86 4.32 54.31
N PRO B 537 -21.80 4.83 53.07
CA PRO B 537 -22.18 6.22 52.82
C PRO B 537 -23.65 6.56 53.05
N ALA B 538 -24.57 5.79 52.47
CA ALA B 538 -26.03 6.03 52.60
C ALA B 538 -26.57 7.19 51.72
N VAL B 539 -25.71 7.71 50.87
CA VAL B 539 -25.88 9.03 50.21
C VAL B 539 -27.05 9.19 49.22
N THR B 540 -27.31 8.17 48.42
CA THR B 540 -28.06 8.41 47.18
C THR B 540 -29.41 7.68 47.14
N GLY B 541 -29.96 7.58 45.93
CA GLY B 541 -31.15 6.80 45.70
C GLY B 541 -30.77 5.33 45.68
N CYS B 542 -30.34 4.81 46.83
CA CYS B 542 -29.94 3.42 46.92
C CYS B 542 -30.60 2.71 48.11
N PHE B 543 -31.30 1.62 47.81
CA PHE B 543 -32.12 0.91 48.79
C PHE B 543 -31.58 -0.48 49.03
N ARG B 544 -31.38 -0.85 50.28
CA ARG B 544 -30.83 -2.16 50.60
C ARG B 544 -31.75 -2.93 51.50
N GLY B 545 -31.73 -4.25 51.34
CA GLY B 545 -32.52 -5.10 52.18
C GLY B 545 -32.11 -6.55 52.00
N GLU B 546 -32.57 -7.40 52.91
CA GLU B 546 -32.41 -8.87 52.79
C GLU B 546 -33.75 -9.59 52.53
N LYS B 572 -49.75 -3.06 37.80
CA LYS B 572 -50.57 -2.81 38.99
C LYS B 572 -49.67 -1.80 39.65
N GLY B 573 -50.23 -0.67 40.05
CA GLY B 573 -49.44 0.37 40.67
C GLY B 573 -48.24 0.72 39.84
N LYS B 574 -48.51 1.04 38.60
CA LYS B 574 -47.46 1.42 37.69
C LYS B 574 -46.92 2.79 37.54
N GLY B 575 -45.61 2.86 37.54
CA GLY B 575 -44.92 4.11 37.42
C GLY B 575 -43.96 4.64 38.44
N PRO B 576 -43.98 4.06 39.70
CA PRO B 576 -43.07 4.68 40.67
C PRO B 576 -41.87 3.93 41.31
N LYS B 577 -41.29 4.58 42.31
CA LYS B 577 -40.15 4.07 43.07
C LYS B 577 -40.54 2.88 43.87
N LEU B 578 -40.44 1.76 43.19
CA LEU B 578 -40.77 0.42 43.70
C LEU B 578 -39.59 -0.26 44.34
N CYS B 579 -38.44 0.39 44.30
CA CYS B 579 -37.20 -0.27 44.70
C CYS B 579 -37.18 -0.68 46.15
N GLU B 580 -37.60 0.22 47.02
CA GLU B 580 -37.50 -0.07 48.43
C GLU B 580 -38.32 -1.30 48.68
N MET B 581 -39.49 -1.33 48.10
CA MET B 581 -40.31 -2.49 48.27
C MET B 581 -40.22 -3.54 47.18
N TRP B 582 -39.18 -3.44 46.36
CA TRP B 582 -38.47 -4.52 45.65
C TRP B 582 -37.18 -4.83 46.34
N SER B 583 -36.89 -3.99 47.30
CA SER B 583 -35.70 -4.17 48.07
C SER B 583 -35.85 -5.64 48.35
N LYS B 584 -37.13 -5.96 48.60
CA LYS B 584 -37.61 -7.30 48.93
C LYS B 584 -39.02 -7.72 48.53
N GLY B 585 -39.87 -6.84 47.99
CA GLY B 585 -41.20 -7.27 47.59
C GLY B 585 -41.01 -8.13 46.36
N VAL B 586 -41.49 -7.69 45.21
CA VAL B 586 -41.24 -8.44 43.99
C VAL B 586 -41.11 -7.63 42.72
N ALA B 587 -42.21 -7.18 42.16
CA ALA B 587 -42.14 -6.40 40.93
C ALA B 587 -41.75 -7.32 39.81
N ILE B 588 -42.45 -7.20 38.71
CA ILE B 588 -42.20 -8.00 37.54
C ILE B 588 -41.82 -6.95 36.54
N ASN B 589 -40.70 -6.28 36.80
CA ASN B 589 -40.17 -5.19 35.97
C ASN B 589 -40.31 -5.64 34.54
N TRP B 590 -41.54 -5.99 34.21
CA TRP B 590 -41.82 -6.54 32.89
C TRP B 590 -42.87 -5.63 32.28
N HIS B 591 -43.80 -5.20 33.12
CA HIS B 591 -44.87 -4.29 32.70
C HIS B 591 -44.36 -2.90 32.64
N LYS B 592 -43.26 -2.64 33.34
CA LYS B 592 -42.66 -1.31 33.30
C LYS B 592 -42.10 -0.97 31.98
N LEU B 593 -41.17 -1.81 31.56
CA LEU B 593 -40.46 -1.58 30.33
C LEU B 593 -41.37 -2.22 29.27
N LYS B 595 -43.92 -0.82 28.01
CA LYS B 595 -45.28 -0.52 27.56
C LYS B 595 -45.61 -1.26 26.29
N ASP B 596 -44.72 -1.16 25.30
CA ASP B 596 -44.87 -1.88 24.06
C ASP B 596 -43.47 -2.33 23.65
N LYS B 597 -42.56 -1.37 23.51
CA LYS B 597 -41.17 -1.66 23.13
C LYS B 597 -40.18 -1.93 24.28
N HIS B 598 -39.59 -3.12 24.26
CA HIS B 598 -38.58 -3.48 25.26
C HIS B 598 -37.18 -3.26 24.71
N PRO B 599 -36.23 -2.95 25.61
CA PRO B 599 -34.82 -2.80 25.27
C PRO B 599 -34.17 -4.15 24.99
N LYS B 600 -32.94 -4.12 24.50
CA LYS B 600 -32.20 -5.34 24.24
C LYS B 600 -31.74 -5.94 25.54
N ARG B 601 -31.50 -7.23 25.51
CA ARG B 601 -30.68 -7.82 26.52
C ARG B 601 -29.27 -7.57 26.10
N ILE B 602 -28.36 -7.63 27.06
CA ILE B 602 -26.99 -7.18 26.85
C ILE B 602 -26.06 -8.09 27.63
N SER B 603 -24.81 -8.18 27.17
CA SER B 603 -23.84 -9.03 27.82
C SER B 603 -23.13 -8.22 28.88
N LEU B 604 -23.38 -8.58 30.13
CA LEU B 604 -22.84 -7.84 31.23
C LEU B 604 -22.25 -8.79 32.22
N PRO B 605 -21.51 -8.24 33.17
CA PRO B 605 -20.83 -9.09 34.11
C PRO B 605 -21.79 -9.99 34.83
N VAL B 606 -21.32 -11.18 35.09
CA VAL B 606 -22.16 -12.22 35.62
C VAL B 606 -21.89 -12.38 37.11
N TYR B 607 -22.68 -13.22 37.73
CA TYR B 607 -22.64 -13.34 39.16
C TYR B 607 -21.22 -13.66 39.60
N PRO B 608 -20.75 -13.02 40.68
CA PRO B 608 -19.42 -13.32 41.15
C PRO B 608 -19.43 -14.43 42.18
N PHE B 609 -18.98 -15.60 41.77
CA PHE B 609 -18.95 -16.70 42.69
C PHE B 609 -17.81 -16.50 43.65
N ALA B 610 -18.00 -17.06 44.83
CA ALA B 610 -16.98 -17.11 45.85
C ALA B 610 -15.90 -18.03 45.37
N LYS B 611 -14.68 -17.79 45.78
CA LYS B 611 -13.60 -18.63 45.32
C LYS B 611 -13.02 -19.39 46.48
N GLU B 612 -13.58 -20.56 46.72
CA GLU B 612 -13.17 -21.38 47.84
C GLU B 612 -12.58 -22.65 47.31
N PRO B 613 -11.43 -23.05 47.84
CA PRO B 613 -10.77 -24.25 47.39
C PRO B 613 -11.22 -25.54 48.04
N TYR B 614 -11.48 -26.53 47.20
CA TYR B 614 -11.80 -27.87 47.66
C TYR B 614 -11.01 -28.89 46.87
N TRP B 615 -10.30 -29.75 47.58
CA TRP B 615 -9.57 -30.81 46.95
C TRP B 615 -9.22 -31.81 48.02
N PRO B 616 -9.12 -33.08 47.66
CA PRO B 616 -8.76 -34.10 48.63
C PRO B 616 -7.37 -33.93 49.22
N LYS B 617 -7.20 -34.45 50.44
CA LYS B 617 -5.93 -34.42 51.13
C LYS B 617 -5.36 -35.83 51.24
N PRO C 22 -34.82 45.57 -10.81
CA PRO C 22 -35.61 44.53 -11.45
C PRO C 22 -36.96 44.33 -10.73
N ASP C 23 -37.28 43.14 -10.22
CA ASP C 23 -38.64 42.85 -9.72
C ASP C 23 -38.84 42.84 -8.20
N TYR C 24 -38.53 41.70 -7.59
CA TYR C 24 -38.72 41.50 -6.15
C TYR C 24 -37.50 41.93 -5.38
N TYR C 25 -36.83 42.95 -5.90
CA TYR C 25 -35.61 43.46 -5.24
C TYR C 25 -35.82 44.56 -4.22
N GLU C 26 -37.01 45.12 -4.18
CA GLU C 26 -37.27 46.18 -3.22
C GLU C 26 -37.61 45.59 -1.87
N ASP C 27 -37.74 44.26 -1.82
CA ASP C 27 -38.12 43.56 -0.58
C ASP C 27 -37.03 42.65 -0.10
N SER C 28 -35.82 42.93 -0.52
CA SER C 28 -34.72 42.03 -0.32
C SER C 28 -33.52 42.74 0.23
N LEU C 29 -32.59 41.94 0.72
CA LEU C 29 -31.35 42.44 1.27
C LEU C 29 -30.24 41.97 0.36
N ALA C 30 -29.11 42.65 0.43
CA ALA C 30 -27.94 42.23 -0.32
C ALA C 30 -26.77 42.12 0.62
N VAL C 31 -25.97 41.09 0.43
CA VAL C 31 -24.76 40.95 1.20
C VAL C 31 -23.69 41.69 0.44
N ILE C 32 -23.29 42.84 0.97
CA ILE C 32 -22.31 43.68 0.29
C ILE C 32 -20.93 43.65 0.94
N GLY C 33 -20.83 43.04 2.11
CA GLY C 33 -19.52 42.88 2.74
C GLY C 33 -19.45 41.64 3.58
N ILE C 34 -18.28 41.01 3.58
CA ILE C 34 -18.03 39.86 4.44
C ILE C 34 -16.66 39.97 5.10
N SER C 35 -16.60 39.55 6.35
CA SER C 35 -15.33 39.26 6.97
C SER C 35 -15.54 38.08 7.91
N CYS C 36 -14.64 37.11 7.87
CA CYS C 36 -14.77 35.99 8.78
C CYS C 36 -13.46 35.28 9.06
N GLU C 37 -13.43 34.60 10.21
CA GLU C 37 -12.32 33.74 10.59
C GLU C 37 -12.88 32.44 11.10
N PHE C 38 -12.49 31.35 10.47
CA PHE C 38 -12.96 30.02 10.87
C PHE C 38 -11.79 29.08 10.93
N PRO C 39 -11.99 27.90 11.52
CA PRO C 39 -10.88 26.99 11.62
C PRO C 39 -10.26 26.74 10.28
N GLY C 40 -8.97 27.00 10.17
CA GLY C 40 -8.25 26.77 8.93
C GLY C 40 -8.49 27.88 7.94
N ALA C 41 -9.19 28.93 8.36
CA ALA C 41 -9.46 30.05 7.46
C ALA C 41 -9.06 31.38 8.04
N LYS C 42 -8.10 32.00 7.35
CA LYS C 42 -7.69 33.37 7.63
C LYS C 42 -8.76 34.38 7.17
N ASP C 43 -9.43 34.06 6.08
CA ASP C 43 -10.40 34.97 5.48
C ASP C 43 -11.46 34.21 4.73
N HIS C 44 -12.49 34.92 4.28
CA HIS C 44 -13.61 34.26 3.64
C HIS C 44 -13.22 33.65 2.31
N TYR C 45 -12.25 34.25 1.64
CA TYR C 45 -11.75 33.71 0.38
C TYR C 45 -11.02 32.40 0.55
N GLU C 46 -10.15 32.34 1.56
CA GLU C 46 -9.45 31.09 1.85
C GLU C 46 -10.45 30.04 2.27
N PHE C 47 -11.47 30.48 2.97
CA PHE C 47 -12.43 29.59 3.53
C PHE C 47 -13.04 28.80 2.41
N TRP C 48 -13.47 29.53 1.40
CA TRP C 48 -14.26 28.95 0.33
C TRP C 48 -13.43 27.93 -0.38
N ASN C 49 -12.19 28.31 -0.64
CA ASN C 49 -11.34 27.46 -1.42
C ASN C 49 -10.99 26.22 -0.64
N ASN C 50 -11.07 26.32 0.68
CA ASN C 50 -10.93 25.16 1.51
C ASN C 50 -12.08 24.17 1.37
N ILE C 51 -13.30 24.67 1.42
CA ILE C 51 -14.49 23.79 1.33
C ILE C 51 -14.66 23.22 -0.06
N LYS C 52 -14.35 24.02 -1.08
CA LYS C 52 -14.54 23.60 -2.44
C LYS C 52 -13.66 22.39 -2.71
N GLU C 53 -12.50 22.38 -2.09
CA GLU C 53 -11.56 21.31 -2.32
C GLU C 53 -11.63 20.21 -1.28
N GLY C 54 -12.62 20.27 -0.40
CA GLY C 54 -12.90 19.17 0.52
C GLY C 54 -12.00 19.12 1.73
N LYS C 55 -11.32 20.23 2.00
CA LYS C 55 -10.39 20.31 3.13
C LYS C 55 -11.13 20.34 4.45
N GLU C 56 -10.60 19.59 5.40
CA GLU C 56 -11.23 19.44 6.69
C GLU C 56 -10.31 20.05 7.72
N SER C 57 -10.87 20.86 8.61
CA SER C 57 -10.05 21.69 9.48
C SER C 57 -10.04 21.29 10.94
N ILE C 58 -10.37 20.04 11.23
CA ILE C 58 -10.17 19.52 12.58
C ILE C 58 -8.68 19.38 12.77
N THR C 59 -8.25 19.14 13.98
CA THR C 59 -6.85 18.85 14.22
C THR C 59 -6.67 17.75 15.26
N PHE C 60 -5.55 17.05 15.17
CA PHE C 60 -5.30 15.88 16.00
C PHE C 60 -3.96 15.94 16.72
N PHE C 61 -3.87 15.22 17.82
CA PHE C 61 -2.67 15.22 18.65
C PHE C 61 -2.16 13.83 18.87
N SER C 62 -0.84 13.69 18.72
CA SER C 62 -0.17 12.43 18.93
C SER C 62 0.53 12.38 20.30
N LYS C 63 1.40 13.35 20.56
CA LYS C 63 2.28 13.28 21.72
C LYS C 63 1.94 14.23 22.87
N GLU C 64 0.94 15.08 22.68
CA GLU C 64 0.36 15.82 23.79
C GLU C 64 -1.13 16.10 23.58
N SER C 69 -2.09 14.86 29.55
CA SER C 69 -2.34 14.17 30.83
C SER C 69 -2.36 12.66 30.59
N GLY C 70 -2.15 11.87 31.64
CA GLY C 70 -2.14 10.43 31.50
C GLY C 70 -3.55 9.88 31.59
N ILE C 71 -4.40 10.24 30.64
CA ILE C 71 -5.79 9.79 30.61
C ILE C 71 -5.65 9.55 29.12
N SER C 72 -5.38 8.31 28.73
CA SER C 72 -5.56 7.84 27.36
C SER C 72 -6.77 6.94 27.52
N GLU C 73 -7.99 7.48 27.64
CA GLU C 73 -9.09 6.52 27.93
C GLU C 73 -10.37 6.22 27.22
N GLU C 74 -11.20 7.24 27.01
CA GLU C 74 -12.51 7.03 26.43
C GLU C 74 -11.86 7.50 25.15
N LEU C 75 -11.66 8.81 25.07
CA LEU C 75 -11.05 9.41 23.88
C LEU C 75 -9.91 10.34 24.27
N ALA C 76 -10.11 11.11 25.34
CA ALA C 76 -9.09 12.03 25.81
C ALA C 76 -8.50 12.84 24.67
N PRO C 79 -18.19 9.69 24.33
CA PRO C 79 -16.88 10.27 24.00
C PRO C 79 -16.58 11.50 24.86
N GLY C 80 -15.31 11.69 25.21
CA GLY C 80 -14.91 12.83 26.03
C GLY C 80 -14.21 13.90 25.22
N PHE C 81 -13.64 13.51 24.10
CA PHE C 81 -12.94 14.45 23.22
C PHE C 81 -11.82 15.16 23.98
N PRO C 83 -10.58 13.44 21.46
CA PRO C 83 -9.28 13.03 20.98
C PRO C 83 -8.71 14.02 19.96
N ALA C 84 -9.54 14.94 19.50
CA ALA C 84 -9.12 15.91 18.51
C ALA C 84 -9.94 17.18 18.65
N LYS C 85 -9.34 18.32 18.32
CA LYS C 85 -10.04 19.59 18.47
C LYS C 85 -10.07 20.39 17.18
N SER C 86 -11.04 21.30 17.12
CA SER C 86 -11.21 22.17 15.94
C SER C 86 -10.91 23.57 16.38
N VAL C 87 -9.83 24.11 15.85
CA VAL C 87 -9.17 25.20 16.51
C VAL C 87 -9.05 26.44 15.66
N LEU C 88 -9.18 27.57 16.32
CA LEU C 88 -8.88 28.86 15.71
C LEU C 88 -7.57 29.39 16.26
N GLU C 89 -6.54 29.42 15.41
CA GLU C 89 -5.27 29.99 15.83
C GLU C 89 -5.46 31.49 16.05
N GLY C 90 -4.79 32.00 17.07
CA GLY C 90 -4.84 33.43 17.37
C GLY C 90 -6.20 33.97 17.78
N LYS C 91 -6.91 33.21 18.61
CA LYS C 91 -8.11 33.76 19.25
C LYS C 91 -7.76 34.86 20.28
N GLU C 92 -6.62 34.70 20.94
CA GLU C 92 -6.13 35.71 21.89
C GLU C 92 -5.63 37.00 21.23
N MET C 93 -5.02 36.89 20.07
CA MET C 93 -4.41 38.04 19.44
C MET C 93 -5.33 39.22 19.27
N PHE C 94 -4.76 40.41 19.23
CA PHE C 94 -5.54 41.63 19.13
C PHE C 94 -4.67 42.85 18.85
N ASP C 95 -5.32 43.92 18.39
CA ASP C 95 -4.66 45.20 18.14
C ASP C 95 -5.42 46.27 18.91
N PRO C 96 -5.14 46.37 20.22
CA PRO C 96 -5.95 47.17 21.10
C PRO C 96 -5.76 48.64 20.82
N GLY C 97 -4.53 49.00 20.46
CA GLY C 97 -4.15 50.41 20.32
C GLY C 97 -4.90 51.09 19.21
N PHE C 98 -5.42 50.27 18.30
CA PHE C 98 -6.16 50.76 17.16
C PHE C 98 -7.39 51.53 17.63
N PHE C 99 -7.99 51.06 18.71
CA PHE C 99 -9.27 51.58 19.18
C PHE C 99 -9.15 52.47 20.41
N GLY C 100 -7.95 52.92 20.73
CA GLY C 100 -7.71 53.62 21.99
C GLY C 100 -8.03 52.76 23.20
N PHE C 101 -7.36 51.62 23.29
CA PHE C 101 -7.52 50.71 24.41
C PHE C 101 -6.22 50.46 25.16
N SER C 102 -6.30 50.52 26.48
CA SER C 102 -5.18 50.17 27.29
C SER C 102 -5.02 48.67 27.16
N PRO C 103 -3.78 48.21 27.19
CA PRO C 103 -3.45 46.80 27.23
C PRO C 103 -4.09 46.12 28.41
N LYS C 104 -4.17 46.82 29.52
CA LYS C 104 -4.81 46.28 30.70
C LYS C 104 -6.26 46.03 30.34
N ASP C 105 -6.82 46.95 29.57
CA ASP C 105 -8.23 46.90 29.23
C ASP C 105 -8.60 45.74 28.32
N ALA C 106 -7.73 45.43 27.37
CA ALA C 106 -7.95 44.30 26.47
C ALA C 106 -8.05 43.01 27.27
N GLU C 107 -7.20 42.89 28.28
CA GLU C 107 -7.14 41.68 29.07
C GLU C 107 -8.45 41.43 29.83
N TYR C 108 -9.20 42.49 30.02
CA TYR C 108 -10.51 42.42 30.68
C TYR C 108 -11.64 42.12 29.70
N MET C 109 -11.48 42.54 28.45
CA MET C 109 -12.50 42.35 27.42
C MET C 109 -12.50 40.91 26.94
N ASP C 110 -13.68 40.42 26.61
CA ASP C 110 -13.84 39.06 26.09
C ASP C 110 -13.23 38.94 24.70
N PRO C 111 -12.63 37.79 24.42
CA PRO C 111 -12.06 37.51 23.13
C PRO C 111 -13.10 37.59 22.04
N GLN C 112 -14.31 37.16 22.35
CA GLN C 112 -15.38 37.15 21.36
C GLN C 112 -15.72 38.58 20.92
N LEU C 113 -15.74 39.48 21.89
CA LEU C 113 -15.95 40.90 21.63
C LEU C 113 -14.83 41.50 20.79
N ARG C 114 -13.60 41.12 21.11
CA ARG C 114 -12.46 41.64 20.37
C ARG C 114 -12.50 41.19 18.93
N MET C 115 -12.81 39.93 18.75
CA MET C 115 -12.88 39.37 17.44
C MET C 115 -13.99 39.98 16.62
N LEU C 116 -15.13 40.16 17.25
CA LEU C 116 -16.26 40.77 16.56
C LEU C 116 -16.01 42.24 16.22
N LEU C 117 -15.22 42.88 17.05
CA LEU C 117 -14.80 44.24 16.77
C LEU C 117 -13.90 44.34 15.55
N LEU C 118 -12.91 43.46 15.47
CA LEU C 118 -11.99 43.50 14.32
C LEU C 118 -12.73 43.18 13.04
N HIS C 119 -13.60 42.19 13.13
CA HIS C 119 -14.36 41.73 11.98
C HIS C 119 -15.37 42.72 11.49
N SER C 120 -16.00 43.42 12.39
CA SER C 120 -16.95 44.43 12.01
C SER C 120 -16.24 45.55 11.25
N TRP C 121 -15.04 45.91 11.69
CA TRP C 121 -14.22 46.86 10.95
C TRP C 121 -13.91 46.33 9.57
N LYS C 122 -13.47 45.08 9.56
CA LYS C 122 -13.04 44.41 8.34
C LYS C 122 -14.14 44.26 7.32
N ALA C 123 -15.32 43.90 7.80
CA ALA C 123 -16.45 43.63 6.93
C ALA C 123 -16.90 44.87 6.17
N ILE C 124 -16.90 46.00 6.86
CA ILE C 124 -17.27 47.28 6.26
C ILE C 124 -16.24 47.76 5.24
N GLU C 125 -14.99 47.44 5.51
CA GLU C 125 -13.93 47.74 4.56
C GLU C 125 -14.08 46.90 3.31
N ASP C 126 -14.37 45.63 3.50
CA ASP C 126 -14.60 44.73 2.36
C ASP C 126 -15.81 45.20 1.55
N ALA C 127 -16.75 45.85 2.22
CA ALA C 127 -17.86 46.50 1.54
C ALA C 127 -17.38 47.69 0.70
N GLY C 128 -16.21 48.21 1.08
CA GLY C 128 -15.67 49.42 0.50
C GLY C 128 -16.03 50.72 1.19
N TYR C 129 -16.54 50.65 2.41
CA TYR C 129 -17.14 51.80 3.07
C TYR C 129 -16.30 52.19 4.27
N ILE C 130 -16.43 53.45 4.65
CA ILE C 130 -15.88 53.90 5.90
C ILE C 130 -17.02 54.02 6.90
N SER C 131 -16.91 53.34 8.01
CA SER C 131 -18.01 53.39 8.88
C SER C 131 -18.48 54.77 9.03
N LYS C 132 -17.59 55.60 9.48
CA LYS C 132 -17.95 56.95 9.88
C LYS C 132 -18.91 57.57 8.87
N GLU C 133 -18.76 57.15 7.62
CA GLU C 133 -19.56 57.67 6.51
C GLU C 133 -20.94 57.04 6.35
N ILE C 134 -21.19 55.96 7.07
CA ILE C 134 -22.51 55.36 7.06
C ILE C 134 -23.02 55.23 8.49
N PRO C 135 -23.36 56.38 9.09
CA PRO C 135 -23.88 56.41 10.43
C PRO C 135 -25.14 55.61 10.58
N GLU C 136 -25.93 55.60 9.51
CA GLU C 136 -27.20 54.90 9.49
C GLU C 136 -26.99 53.42 9.28
N THR C 137 -26.55 52.76 10.35
CA THR C 137 -26.29 51.34 10.29
C THR C 137 -26.73 50.64 11.55
N SER C 138 -27.29 49.45 11.40
CA SER C 138 -27.72 48.68 12.56
C SER C 138 -26.71 47.60 12.82
N VAL C 139 -26.61 47.23 14.08
CA VAL C 139 -25.65 46.23 14.49
C VAL C 139 -26.32 45.16 15.31
N TYR C 140 -26.21 43.92 14.86
CA TYR C 140 -26.70 42.80 15.64
C TYR C 140 -25.57 41.81 15.84
N MET C 141 -25.24 41.54 17.09
CA MET C 141 -24.16 40.59 17.35
C MET C 141 -24.65 39.53 18.30
N SER C 142 -24.00 38.38 18.25
CA SER C 142 -24.29 37.34 19.21
C SER C 142 -23.04 36.59 19.54
N ALA C 143 -22.96 36.10 20.76
CA ALA C 143 -21.78 35.37 21.22
C ALA C 143 -22.15 34.50 22.41
N SER C 144 -21.27 33.56 22.70
CA SER C 144 -21.50 32.68 23.84
C SER C 144 -21.08 33.27 25.17
N THR C 145 -21.56 32.63 26.23
CA THR C 145 -21.14 32.93 27.58
C THR C 145 -20.02 31.98 27.94
N ASN C 146 -18.81 32.44 27.82
CA ASN C 146 -17.67 31.62 28.12
C ASN C 146 -17.13 31.85 29.53
N SER C 147 -17.76 32.73 30.28
CA SER C 147 -17.40 32.96 31.68
C SER C 147 -15.97 33.45 31.74
N TYR C 148 -15.63 34.33 30.81
CA TYR C 148 -14.29 34.89 30.69
C TYR C 148 -13.85 35.69 31.91
N ARG C 149 -14.80 36.39 32.53
CA ARG C 149 -14.48 37.22 33.68
C ARG C 149 -13.92 36.36 34.78
N SER C 150 -14.32 35.10 34.75
CA SER C 150 -13.99 34.16 35.80
C SER C 150 -12.51 33.86 35.91
N LEU C 151 -11.79 34.08 34.82
CA LEU C 151 -10.37 33.77 34.78
C LEU C 151 -9.51 34.93 35.18
N LEU C 152 -10.14 36.06 35.45
CA LEU C 152 -9.39 37.20 35.91
C LEU C 152 -9.15 37.01 37.39
N PRO C 153 -8.05 37.60 37.91
CA PRO C 153 -7.78 37.55 39.32
C PRO C 153 -8.99 38.02 40.05
N GLU C 154 -8.94 37.93 41.36
CA GLU C 154 -10.09 38.37 42.13
C GLU C 154 -10.23 39.88 42.35
N GLU C 155 -11.14 40.43 41.56
CA GLU C 155 -11.65 41.78 41.70
C GLU C 155 -13.16 41.67 41.75
N VAL C 167 -11.46 50.05 41.58
CA VAL C 167 -12.39 48.93 41.68
C VAL C 167 -12.90 48.59 40.29
N SER C 168 -13.53 47.42 40.19
CA SER C 168 -13.77 46.78 38.91
C SER C 168 -15.23 46.51 38.66
N TRP C 169 -15.72 47.15 37.61
CA TRP C 169 -17.10 47.21 37.20
C TRP C 169 -17.31 46.25 36.06
N VAL C 170 -18.41 45.48 36.19
CA VAL C 170 -18.86 44.30 35.42
C VAL C 170 -19.24 44.55 33.99
N LEU C 171 -19.37 45.81 33.61
CA LEU C 171 -19.78 46.13 32.27
C LEU C 171 -18.75 45.73 31.27
N ALA C 172 -18.66 44.44 31.06
CA ALA C 172 -18.56 43.82 29.77
C ALA C 172 -19.80 42.95 30.09
N GLN C 173 -20.78 43.06 29.20
CA GLN C 173 -21.95 42.22 29.28
C GLN C 173 -22.09 41.95 27.82
N SER C 174 -23.10 41.18 27.49
CA SER C 174 -23.37 40.80 26.13
C SER C 174 -23.66 42.06 25.34
N GLY C 175 -24.36 42.99 25.98
CA GLY C 175 -24.76 44.25 25.36
C GLY C 175 -23.59 45.14 24.99
N THR C 176 -22.49 44.99 25.71
CA THR C 176 -21.33 45.82 25.47
C THR C 176 -20.77 45.56 24.09
N ILE C 177 -20.94 44.34 23.59
CA ILE C 177 -20.34 43.95 22.32
C ILE C 177 -20.85 44.69 21.09
N PRO C 178 -22.15 44.64 20.83
CA PRO C 178 -22.65 45.43 19.71
C PRO C 178 -22.45 46.91 19.95
N THR C 179 -22.69 47.31 21.19
CA THR C 179 -22.61 48.72 21.59
C THR C 179 -21.21 49.31 21.57
N MET C 180 -20.21 48.50 21.87
CA MET C 180 -18.82 48.91 21.76
C MET C 180 -18.46 49.15 20.30
N ILE C 181 -18.98 48.28 19.46
CA ILE C 181 -18.77 48.37 18.02
C ILE C 181 -19.40 49.61 17.38
N SER C 182 -20.63 49.91 17.79
CA SER C 182 -21.32 51.07 17.26
C SER C 182 -20.56 52.31 17.66
N HIS C 183 -20.08 52.31 18.89
CA HIS C 183 -19.35 53.44 19.40
C HIS C 183 -18.01 53.71 18.69
N LYS C 184 -17.30 52.66 18.32
CA LYS C 184 -15.99 52.81 17.68
C LYS C 184 -16.04 52.97 16.18
N LEU C 185 -17.20 52.71 15.60
CA LEU C 185 -17.39 52.91 14.18
C LEU C 185 -18.30 54.09 13.88
N GLY C 186 -18.87 54.65 14.94
CA GLY C 186 -19.78 55.79 14.79
C GLY C 186 -21.06 55.38 14.08
N LEU C 187 -21.71 54.36 14.61
CA LEU C 187 -22.98 53.89 14.06
C LEU C 187 -24.17 54.36 14.89
N LYS C 188 -25.22 54.76 14.20
CA LYS C 188 -26.43 55.29 14.85
C LYS C 188 -27.54 54.27 14.88
N GLY C 189 -27.53 53.37 13.91
CA GLY C 189 -28.56 52.34 13.85
C GLY C 189 -28.75 51.65 15.18
N PRO C 190 -29.98 51.17 15.43
CA PRO C 190 -30.26 50.42 16.62
C PRO C 190 -29.20 49.34 16.82
N SER C 191 -28.65 49.29 18.01
CA SER C 191 -27.55 48.39 18.27
C SER C 191 -27.87 47.53 19.46
N TYR C 192 -28.01 46.23 19.22
CA TYR C 192 -28.24 45.31 20.33
C TYR C 192 -27.81 43.88 20.06
N PHE C 193 -27.89 43.08 21.11
CA PHE C 193 -27.37 41.74 21.14
C PHE C 193 -28.54 40.77 21.08
N VAL C 194 -28.40 39.73 20.26
CA VAL C 194 -29.45 38.70 20.13
C VAL C 194 -28.88 37.31 20.21
N HIS C 195 -29.61 36.40 20.85
CA HIS C 195 -29.15 35.04 20.98
C HIS C 195 -30.28 34.03 20.97
N ALA C 196 -30.12 32.99 20.17
CA ALA C 196 -31.02 31.83 20.23
C ALA C 196 -30.27 30.51 20.18
N ASN C 197 -29.10 30.50 20.80
CA ASN C 197 -28.25 29.35 20.77
C ASN C 197 -27.86 29.11 19.31
N CYS C 198 -28.09 27.89 18.83
CA CYS C 198 -27.53 27.47 17.56
C CYS C 198 -28.03 28.39 16.46
N SER C 199 -29.20 28.99 16.70
CA SER C 199 -29.89 29.75 15.67
C SER C 199 -29.64 31.23 15.67
N SER C 200 -28.64 31.66 16.42
CA SER C 200 -28.50 33.09 16.75
C SER C 200 -28.17 33.99 15.58
N SER C 201 -27.33 33.52 14.67
CA SER C 201 -26.94 34.35 13.54
C SER C 201 -28.09 34.67 12.63
N LEU C 202 -28.93 33.68 12.37
CA LEU C 202 -30.14 33.86 11.57
C LEU C 202 -31.13 34.76 12.27
N ILE C 203 -31.07 34.77 13.60
CA ILE C 203 -31.77 35.77 14.36
C ILE C 203 -31.25 37.18 14.11
N GLY C 204 -29.95 37.32 13.97
CA GLY C 204 -29.38 38.60 13.58
C GLY C 204 -29.83 38.94 12.18
N LEU C 205 -29.81 37.93 11.34
CA LEU C 205 -30.21 38.09 9.96
C LEU C 205 -31.67 38.48 9.85
N HIS C 206 -32.48 37.95 10.76
CA HIS C 206 -33.87 38.30 10.82
C HIS C 206 -34.10 39.74 11.21
N SER C 207 -33.33 40.21 12.19
CA SER C 207 -33.50 41.56 12.67
C SER C 207 -33.17 42.55 11.58
N ALA C 208 -32.09 42.25 10.86
CA ALA C 208 -31.65 43.11 9.80
C ALA C 208 -32.67 43.17 8.70
N PHE C 209 -33.32 42.04 8.45
CA PHE C 209 -34.33 41.98 7.41
C PHE C 209 -35.53 42.85 7.74
N GLN C 210 -36.00 42.77 8.97
CA GLN C 210 -37.11 43.63 9.41
C GLN C 210 -36.69 45.06 9.47
N SER C 211 -35.50 45.27 10.00
CA SER C 211 -35.01 46.62 10.26
C SER C 211 -34.81 47.39 8.96
N LEU C 212 -34.14 46.78 8.00
CA LEU C 212 -33.83 47.47 6.77
C LEU C 212 -35.07 47.65 5.92
N GLN C 213 -36.06 46.78 6.11
CA GLN C 213 -37.32 46.94 5.39
C GLN C 213 -38.13 48.07 5.99
N SER C 214 -38.01 48.23 7.30
CA SER C 214 -38.80 49.22 8.03
C SER C 214 -38.19 50.60 7.95
N GLY C 215 -37.05 50.72 7.26
CA GLY C 215 -36.47 52.04 7.03
C GLY C 215 -35.80 52.64 8.25
N GLU C 216 -35.69 51.86 9.31
CA GLU C 216 -35.00 52.35 10.49
C GLU C 216 -33.54 52.58 10.17
N ALA C 217 -33.00 51.77 9.28
CA ALA C 217 -31.61 51.92 8.93
C ALA C 217 -31.33 51.69 7.47
N LYS C 218 -30.32 52.37 6.96
CA LYS C 218 -29.86 52.13 5.60
C LYS C 218 -28.99 50.86 5.40
N TYR C 219 -28.22 50.44 6.42
CA TYR C 219 -27.27 49.32 6.29
C TYR C 219 -27.49 48.51 7.55
N ALA C 220 -27.11 47.23 7.63
CA ALA C 220 -27.20 46.49 8.87
C ALA C 220 -26.01 45.60 8.94
N LEU C 221 -25.55 45.36 10.14
CA LEU C 221 -24.33 44.62 10.32
C LEU C 221 -24.58 43.48 11.28
N VAL C 222 -24.36 42.27 10.82
CA VAL C 222 -24.67 41.07 11.59
C VAL C 222 -23.42 40.22 11.72
N GLY C 223 -23.09 39.84 12.95
CA GLY C 223 -21.90 39.05 13.21
C GLY C 223 -22.15 38.02 14.29
N GLY C 224 -21.33 36.98 14.32
CA GLY C 224 -21.46 35.94 15.33
C GLY C 224 -20.12 35.35 15.71
N ALA C 225 -19.98 34.97 16.97
CA ALA C 225 -18.73 34.38 17.45
C ALA C 225 -18.94 33.32 18.51
N THR C 226 -18.07 32.31 18.52
CA THR C 226 -17.83 31.48 19.71
C THR C 226 -16.35 31.24 19.87
N LEU C 227 -15.81 31.68 21.00
CA LEU C 227 -14.49 31.25 21.41
C LEU C 227 -14.60 30.84 22.86
N HIS C 228 -14.18 29.63 23.15
CA HIS C 228 -14.27 29.13 24.52
C HIS C 228 -13.03 29.47 25.28
N THR C 229 -13.09 29.27 26.58
CA THR C 229 -12.03 29.70 27.50
C THR C 229 -11.35 28.55 28.20
N GLU C 230 -11.10 27.48 27.47
CA GLU C 230 -10.49 26.30 28.06
C GLU C 230 -9.32 25.78 27.28
N SER C 231 -8.75 24.71 27.82
CA SER C 231 -7.74 23.93 27.13
C SER C 231 -8.25 22.50 26.99
N SER C 232 -7.81 21.83 25.94
CA SER C 232 -8.27 20.47 25.73
C SER C 232 -7.51 19.81 24.59
N PRO C 239 -21.52 8.63 25.85
CA PRO C 239 -22.86 8.16 25.60
C PRO C 239 -23.38 9.36 26.36
N GLY C 240 -24.66 9.36 26.76
CA GLY C 240 -25.28 10.42 27.50
C GLY C 240 -25.24 11.78 26.82
N LEU C 241 -24.70 11.79 25.61
CA LEU C 241 -24.59 13.01 24.82
C LEU C 241 -24.64 12.74 23.33
N ASN C 242 -24.39 13.78 22.54
CA ASN C 242 -24.41 13.71 21.10
C ASN C 242 -22.97 13.82 20.63
N PHE C 243 -22.00 13.39 21.41
CA PHE C 243 -20.63 13.53 20.93
C PHE C 243 -20.19 12.45 19.97
N SER C 244 -19.58 12.83 18.86
CA SER C 244 -19.16 11.89 17.84
C SER C 244 -18.09 10.95 18.35
N SER C 245 -18.14 9.72 17.86
CA SER C 245 -17.24 8.66 18.30
C SER C 245 -15.81 8.90 17.89
N ASP C 246 -15.62 9.34 16.66
CA ASP C 246 -14.27 9.54 16.15
C ASP C 246 -13.86 10.98 15.89
N GLY C 247 -14.74 11.92 16.21
CA GLY C 247 -14.44 13.34 15.99
C GLY C 247 -14.71 13.78 14.56
N HIS C 248 -15.42 12.95 13.81
CA HIS C 248 -15.77 13.25 12.43
C HIS C 248 -17.26 13.46 12.31
N ILE C 249 -17.65 14.66 11.86
CA ILE C 249 -19.05 14.95 11.64
C ILE C 249 -19.33 14.37 10.26
N LYS C 250 -19.97 13.20 10.24
CA LYS C 250 -20.27 12.52 8.97
C LYS C 250 -21.74 12.72 8.76
N ALA C 251 -22.06 13.85 8.16
CA ALA C 251 -23.44 14.26 8.01
C ALA C 251 -24.03 13.57 6.82
N PHE C 252 -25.13 12.87 7.07
CA PHE C 252 -25.89 12.15 6.05
C PHE C 252 -25.29 10.78 5.75
N ASP C 253 -24.25 10.47 6.50
CA ASP C 253 -23.61 9.17 6.50
C ASP C 253 -24.39 8.20 7.37
N ALA C 254 -24.25 6.92 7.04
CA ALA C 254 -24.96 5.87 7.75
C ALA C 254 -24.45 5.78 9.19
N ASP C 255 -23.16 6.06 9.36
CA ASP C 255 -22.50 5.90 10.65
C ASP C 255 -22.36 7.18 11.45
N ALA C 256 -23.21 8.16 11.14
CA ALA C 256 -23.19 9.40 11.89
C ALA C 256 -23.61 9.12 13.31
N ASP C 257 -22.74 9.46 14.25
CA ASP C 257 -22.96 9.09 15.65
C ASP C 257 -22.80 10.30 16.56
N GLY C 258 -22.61 11.48 15.99
CA GLY C 258 -22.46 12.67 16.79
C GLY C 258 -21.72 13.77 16.09
N MET C 259 -21.37 14.77 16.89
CA MET C 259 -20.84 16.03 16.38
C MET C 259 -19.65 16.44 17.22
N ILE C 260 -18.87 17.37 16.67
CA ILE C 260 -17.72 17.91 17.37
C ILE C 260 -17.76 19.44 17.40
N GLY C 261 -17.29 19.99 18.51
CA GLY C 261 -17.32 21.43 18.75
C GLY C 261 -16.29 22.23 17.96
N GLY C 262 -16.57 23.52 17.82
CA GLY C 262 -15.70 24.40 17.03
C GLY C 262 -15.71 25.83 17.53
N GLU C 263 -14.78 26.62 16.98
CA GLU C 263 -14.71 28.04 17.32
C GLU C 263 -14.63 28.88 16.06
N GLY C 264 -15.36 29.98 16.03
CA GLY C 264 -15.35 30.85 14.86
C GLY C 264 -15.95 32.21 15.12
N ALA C 265 -15.69 33.13 14.20
CA ALA C 265 -16.34 34.42 14.23
C ALA C 265 -16.45 35.00 12.82
N GLY C 266 -17.53 35.70 12.54
CA GLY C 266 -17.67 36.39 11.26
C GLY C 266 -18.72 37.48 11.28
N ALA C 267 -18.64 38.39 10.33
CA ALA C 267 -19.65 39.42 10.18
C ALA C 267 -19.93 39.67 8.72
N VAL C 268 -21.14 40.09 8.43
CA VAL C 268 -21.48 40.53 7.08
C VAL C 268 -22.16 41.88 7.12
N LEU C 269 -22.09 42.59 6.01
CA LEU C 269 -22.77 43.86 5.89
C LEU C 269 -23.87 43.75 4.87
N LEU C 270 -25.03 44.27 5.23
CA LEU C 270 -26.20 44.04 4.42
C LEU C 270 -26.79 45.36 3.98
N LYS C 271 -27.42 45.35 2.82
CA LYS C 271 -28.04 46.53 2.31
C LYS C 271 -29.30 46.12 1.62
N LYS C 272 -30.21 47.07 1.43
CA LYS C 272 -31.44 46.81 0.72
C LYS C 272 -30.92 46.55 -0.65
N ALA C 273 -31.54 45.65 -1.37
CA ALA C 273 -31.03 45.18 -2.66
C ALA C 273 -31.10 46.24 -3.74
N SER C 274 -32.22 46.94 -3.81
CA SER C 274 -32.41 47.95 -4.83
C SER C 274 -31.33 49.00 -4.63
N ASP C 275 -31.15 49.36 -3.37
CA ASP C 275 -30.21 50.43 -3.07
C ASP C 275 -28.83 50.02 -3.52
N ALA C 276 -28.52 48.74 -3.36
CA ALA C 276 -27.17 48.26 -3.62
C ALA C 276 -26.79 48.39 -5.08
N VAL C 277 -27.72 48.01 -5.95
CA VAL C 277 -27.53 48.16 -7.39
C VAL C 277 -27.46 49.62 -7.81
N LYS C 278 -28.38 50.43 -7.29
CA LYS C 278 -28.41 51.85 -7.64
C LYS C 278 -27.15 52.51 -7.14
N ASP C 279 -26.80 52.19 -5.90
CA ASP C 279 -25.63 52.79 -5.25
C ASP C 279 -24.32 52.21 -5.77
N GLY C 280 -24.40 51.12 -6.51
CA GLY C 280 -23.22 50.51 -7.12
C GLY C 280 -22.29 49.69 -6.24
N ASP C 281 -22.84 49.12 -5.18
CA ASP C 281 -22.00 48.37 -4.23
C ASP C 281 -21.66 47.02 -4.82
N HIS C 282 -20.70 46.35 -4.21
CA HIS C 282 -20.27 45.05 -4.67
C HIS C 282 -21.15 44.03 -3.99
N ILE C 283 -21.93 43.28 -4.76
CA ILE C 283 -22.86 42.32 -4.19
C ILE C 283 -22.43 40.87 -4.43
N TYR C 284 -22.20 40.16 -3.34
CA TYR C 284 -22.03 38.72 -3.43
C TYR C 284 -23.31 37.97 -3.70
N ALA C 285 -24.37 38.31 -3.00
CA ALA C 285 -25.57 37.50 -3.06
C ALA C 285 -26.76 38.27 -2.55
N LEU C 286 -27.93 37.68 -2.65
CA LEU C 286 -29.15 38.34 -2.19
C LEU C 286 -29.82 37.51 -1.12
N LEU C 287 -30.43 38.18 -0.15
CA LEU C 287 -31.22 37.50 0.84
C LEU C 287 -32.69 37.77 0.60
N ARG C 288 -33.42 36.74 0.18
CA ARG C 288 -34.83 36.91 -0.16
C ARG C 288 -35.76 36.95 1.03
N GLY C 289 -35.59 36.00 1.93
CA GLY C 289 -36.43 35.90 3.11
C GLY C 289 -35.81 35.07 4.20
N ILE C 290 -36.30 35.26 5.41
CA ILE C 290 -35.83 34.46 6.55
C ILE C 290 -36.98 34.25 7.51
N GLY C 291 -36.98 33.11 8.20
CA GLY C 291 -38.06 32.81 9.14
C GLY C 291 -37.65 32.26 10.47
N VAL C 292 -38.42 32.62 11.49
CA VAL C 292 -38.12 32.17 12.82
C VAL C 292 -39.35 31.64 13.51
N ASN C 293 -39.14 30.65 14.37
CA ASN C 293 -40.19 30.14 15.21
C ASN C 293 -39.60 29.19 16.23
N ASN C 294 -40.45 28.65 17.08
CA ASN C 294 -39.99 27.74 18.11
C ASN C 294 -40.88 26.51 18.09
N ASP C 295 -40.30 25.40 18.51
CA ASP C 295 -40.98 24.11 18.47
C ASP C 295 -42.24 24.10 19.30
N GLY C 296 -42.22 24.79 20.43
CA GLY C 296 -43.29 24.64 21.39
C GLY C 296 -42.97 23.46 22.28
N ALA C 297 -44.01 22.86 22.84
CA ALA C 297 -43.86 21.69 23.70
C ALA C 297 -44.36 20.42 23.02
N ASP C 298 -44.23 20.35 21.71
CA ASP C 298 -44.68 19.19 20.96
C ASP C 298 -43.78 17.97 21.23
N LYS C 299 -42.50 18.14 20.98
CA LYS C 299 -41.54 17.05 21.20
C LYS C 299 -41.34 16.79 22.68
N VAL C 300 -40.73 15.65 22.98
CA VAL C 300 -40.48 15.24 24.36
C VAL C 300 -39.05 15.58 24.78
N GLY C 301 -38.90 16.76 25.35
CA GLY C 301 -37.60 17.19 25.86
C GLY C 301 -37.17 18.51 25.26
N PHE C 302 -36.38 19.22 26.05
CA PHE C 302 -35.78 20.49 25.68
C PHE C 302 -34.76 20.34 24.55
N TYR C 303 -34.07 19.20 24.52
CA TYR C 303 -32.98 18.98 23.57
C TYR C 303 -33.41 18.24 22.33
N ALA C 304 -34.67 17.84 22.30
CA ALA C 304 -35.24 17.17 21.14
C ALA C 304 -35.59 18.14 20.03
N PRO C 305 -35.14 17.85 18.81
CA PRO C 305 -35.58 18.60 17.67
C PRO C 305 -36.86 17.99 17.14
N SER C 306 -37.77 18.82 16.64
CA SER C 306 -39.09 18.34 16.30
C SER C 306 -39.39 18.58 14.83
N VAL C 307 -39.98 17.56 14.22
CA VAL C 307 -40.25 17.59 12.79
C VAL C 307 -41.21 18.69 12.41
N LYS C 308 -42.29 18.80 13.18
CA LYS C 308 -43.36 19.72 12.84
C LYS C 308 -42.90 21.15 12.89
N GLY C 309 -42.09 21.46 13.90
CA GLY C 309 -41.61 22.82 14.09
C GLY C 309 -40.72 23.30 12.96
N GLN C 310 -39.79 22.45 12.55
CA GLN C 310 -38.92 22.80 11.44
C GLN C 310 -39.68 23.00 10.16
N ALA C 311 -40.70 22.20 9.99
CA ALA C 311 -41.45 22.20 8.75
C ALA C 311 -42.09 23.55 8.52
N GLU C 312 -42.59 24.12 9.60
CA GLU C 312 -43.33 25.37 9.53
C GLU C 312 -42.53 26.61 9.16
N VAL C 313 -41.31 26.70 9.65
CA VAL C 313 -40.47 27.82 9.30
C VAL C 313 -40.24 27.70 7.81
N ILE C 314 -39.97 26.48 7.39
CA ILE C 314 -39.65 26.26 6.00
C ILE C 314 -40.86 26.60 5.14
N GLN C 315 -42.01 26.14 5.59
CA GLN C 315 -43.25 26.49 4.90
C GLN C 315 -43.46 27.99 4.95
N LYS C 316 -43.22 28.55 6.13
CA LYS C 316 -43.54 29.93 6.41
C LYS C 316 -42.75 30.87 5.51
N VAL C 317 -41.48 30.54 5.34
CA VAL C 317 -40.60 31.32 4.50
C VAL C 317 -40.98 31.25 3.05
N ILE C 318 -41.38 30.07 2.60
CA ILE C 318 -41.75 29.90 1.20
C ILE C 318 -42.91 30.82 0.88
N ASP C 319 -43.90 30.85 1.75
CA ASP C 319 -45.06 31.71 1.57
C ASP C 319 -44.66 33.18 1.54
N GLN C 320 -43.67 33.54 2.36
CA GLN C 320 -43.19 34.90 2.43
C GLN C 320 -42.56 35.34 1.10
N THR C 321 -41.69 34.50 0.57
CA THR C 321 -41.01 34.77 -0.70
C THR C 321 -41.75 34.16 -1.87
N GLY C 322 -42.69 33.27 -1.57
CA GLY C 322 -43.42 32.53 -2.61
C GLY C 322 -42.52 31.64 -3.45
N ILE C 323 -41.22 31.79 -3.27
CA ILE C 323 -40.23 31.01 -4.01
C ILE C 323 -40.64 29.56 -4.16
N HIS C 324 -40.59 29.04 -5.37
CA HIS C 324 -40.93 27.65 -5.65
C HIS C 324 -39.78 26.74 -5.42
N PRO C 325 -40.04 25.73 -4.53
CA PRO C 325 -38.93 24.82 -4.28
C PRO C 325 -38.11 24.33 -5.47
N GLU C 326 -38.72 24.03 -6.57
CA GLU C 326 -37.98 23.52 -7.74
C GLU C 326 -36.90 24.51 -8.12
N THR C 327 -37.08 25.72 -7.62
CA THR C 327 -36.22 26.84 -7.92
C THR C 327 -34.86 26.68 -7.26
N ILE C 328 -34.76 25.77 -6.30
CA ILE C 328 -33.64 25.75 -5.38
C ILE C 328 -32.57 24.71 -5.71
N ALA C 329 -31.36 25.18 -6.04
CA ALA C 329 -30.22 24.30 -6.36
C ALA C 329 -29.60 23.53 -5.20
N TYR C 330 -29.33 24.22 -4.10
CA TYR C 330 -28.63 23.61 -2.98
C TYR C 330 -29.29 24.03 -1.69
N VAL C 331 -29.24 23.17 -0.69
CA VAL C 331 -29.72 23.52 0.63
C VAL C 331 -28.64 23.19 1.64
N GLU C 332 -28.24 24.18 2.42
CA GLU C 332 -27.30 23.92 3.49
C GLU C 332 -28.09 23.54 4.72
N ALA C 333 -28.01 22.26 5.07
CA ALA C 333 -28.81 21.71 6.13
C ALA C 333 -28.19 22.08 7.45
N HIS C 334 -28.89 21.80 8.54
CA HIS C 334 -28.29 21.95 9.86
C HIS C 334 -27.12 20.99 10.03
N GLY C 335 -27.31 19.75 9.62
CA GLY C 335 -26.21 18.81 9.42
C GLY C 335 -25.27 18.61 10.60
N THR C 336 -25.85 18.41 11.77
CA THR C 336 -25.05 18.16 12.98
C THR C 336 -24.29 16.85 12.90
N GLY C 337 -24.89 15.83 12.31
CA GLY C 337 -24.29 14.49 12.31
C GLY C 337 -24.85 13.53 13.35
N THR C 338 -26.09 13.76 13.76
CA THR C 338 -26.72 12.89 14.75
C THR C 338 -27.59 11.88 14.05
N LYS C 339 -27.72 10.70 14.64
CA LYS C 339 -28.44 9.62 14.00
C LYS C 339 -29.88 10.04 13.74
N LEU C 340 -30.46 10.70 14.73
CA LEU C 340 -31.88 11.03 14.71
C LEU C 340 -32.20 12.44 14.24
N GLY C 341 -31.25 13.35 14.40
CA GLY C 341 -31.43 14.72 13.92
C GLY C 341 -31.49 14.81 12.40
N ASP C 342 -30.59 14.08 11.73
CA ASP C 342 -30.47 14.15 10.27
C ASP C 342 -31.54 13.49 9.41
N PRO C 343 -32.44 12.74 10.05
CA PRO C 343 -33.50 12.07 9.34
C PRO C 343 -34.63 13.07 9.41
N ILE C 344 -34.70 13.73 10.55
CA ILE C 344 -35.75 14.69 10.80
C ILE C 344 -35.65 15.87 9.87
N GLU C 345 -34.45 16.36 9.64
CA GLU C 345 -34.29 17.56 8.85
C GLU C 345 -34.88 17.35 7.46
N LEU C 346 -34.49 16.24 6.85
CA LEU C 346 -34.94 15.93 5.50
C LEU C 346 -36.40 15.60 5.48
N SER C 347 -36.83 14.95 6.54
CA SER C 347 -38.21 14.58 6.67
C SER C 347 -39.05 15.83 6.60
N ALA C 348 -38.62 16.82 7.37
CA ALA C 348 -39.28 18.10 7.41
C ALA C 348 -39.16 18.81 6.09
N LEU C 349 -37.97 18.77 5.52
CA LEU C 349 -37.74 19.47 4.26
C LEU C 349 -38.60 18.90 3.16
N GLN C 350 -38.60 17.59 3.07
CA GLN C 350 -39.34 16.89 2.04
C GLN C 350 -40.82 17.14 2.15
N SER C 351 -41.31 17.07 3.37
CA SER C 351 -42.73 17.15 3.60
C SER C 351 -43.22 18.48 3.08
N VAL C 352 -42.44 19.52 3.28
CA VAL C 352 -42.79 20.81 2.73
C VAL C 352 -42.61 20.82 1.22
N TYR C 353 -41.44 20.41 0.78
CA TYR C 353 -41.09 20.49 -0.62
C TYR C 353 -42.01 19.63 -1.45
N GLY C 354 -42.38 18.49 -0.89
CA GLY C 354 -43.17 17.53 -1.62
C GLY C 354 -44.53 18.07 -2.04
N ARG C 355 -45.25 18.71 -1.15
CA ARG C 355 -46.53 19.22 -1.55
C ARG C 355 -46.42 20.17 -2.69
N TYR C 356 -45.20 20.46 -3.11
CA TYR C 356 -45.03 21.41 -4.18
C TYR C 356 -44.74 20.74 -5.44
N THR C 357 -44.37 21.47 -6.47
CA THR C 357 -44.08 20.88 -7.77
C THR C 357 -42.67 20.34 -7.56
N ASP C 358 -42.75 19.16 -6.96
CA ASP C 358 -41.69 18.33 -6.54
C ASP C 358 -41.82 17.04 -7.31
N LYS C 359 -41.02 16.09 -6.86
CA LYS C 359 -40.87 14.76 -7.35
C LYS C 359 -39.67 14.96 -8.19
N LYS C 360 -38.63 14.23 -7.84
CA LYS C 360 -37.34 14.27 -8.49
C LYS C 360 -36.33 13.94 -7.41
N GLN C 361 -35.12 14.32 -7.72
CA GLN C 361 -33.91 14.38 -6.89
C GLN C 361 -33.02 15.41 -7.53
N TYR C 362 -33.44 16.66 -7.39
CA TYR C 362 -32.80 17.79 -8.07
C TYR C 362 -31.98 18.73 -7.19
N CYS C 363 -32.08 18.58 -5.88
CA CYS C 363 -31.49 19.57 -4.99
C CYS C 363 -30.33 18.99 -4.23
N GLY C 364 -29.29 19.80 -4.09
CA GLY C 364 -28.09 19.39 -3.38
C GLY C 364 -28.26 19.75 -1.93
N ILE C 365 -27.87 18.83 -1.04
CA ILE C 365 -27.99 19.04 0.38
C ILE C 365 -26.66 18.77 1.05
N GLY C 366 -26.19 19.69 1.89
CA GLY C 366 -24.89 19.54 2.51
C GLY C 366 -24.74 20.33 3.79
N SER C 367 -23.70 20.00 4.55
CA SER C 367 -23.42 20.72 5.77
C SER C 367 -21.95 21.07 5.89
N VAL C 368 -21.68 22.34 6.13
CA VAL C 368 -20.31 22.83 6.25
C VAL C 368 -19.76 22.48 7.63
N LYS C 369 -20.64 22.00 8.50
CA LYS C 369 -20.25 21.54 9.82
C LYS C 369 -19.26 20.41 9.72
N THR C 370 -19.36 19.71 8.59
CA THR C 370 -18.48 18.61 8.31
C THR C 370 -17.05 19.09 8.21
N ASN C 371 -16.86 20.23 7.56
CA ASN C 371 -15.54 20.87 7.49
C ASN C 371 -15.04 21.50 8.79
N LEU C 372 -15.91 22.23 9.48
CA LEU C 372 -15.47 23.09 10.58
C LEU C 372 -15.86 22.58 11.95
N GLY C 373 -16.92 21.81 12.01
CA GLY C 373 -17.54 21.43 13.28
C GLY C 373 -18.77 22.27 13.59
N HIS C 374 -19.30 22.10 14.80
CA HIS C 374 -20.46 22.87 15.23
C HIS C 374 -20.01 24.08 16.04
N LEU C 375 -20.16 25.26 15.45
CA LEU C 375 -19.80 26.52 16.11
C LEU C 375 -21.07 27.13 16.68
N ASP C 376 -21.25 27.04 17.98
CA ASP C 376 -22.57 27.06 18.55
C ASP C 376 -23.31 28.29 18.09
N THR C 377 -22.70 29.42 18.32
CA THR C 377 -23.34 30.67 17.98
C THR C 377 -23.03 31.11 16.55
N ALA C 378 -21.91 30.64 16.00
CA ALA C 378 -21.49 31.07 14.67
C ALA C 378 -21.83 30.03 13.62
N ALA C 379 -22.65 29.06 13.99
CA ALA C 379 -23.07 28.03 13.07
C ALA C 379 -23.83 28.66 11.92
N GLY C 380 -24.75 29.55 12.24
CA GLY C 380 -25.56 30.22 11.22
C GLY C 380 -24.70 31.06 10.30
N MET C 381 -23.74 31.74 10.90
CA MET C 381 -22.85 32.62 10.18
C MET C 381 -22.09 31.81 9.15
N ALA C 382 -21.60 30.66 9.58
CA ALA C 382 -20.75 29.81 8.73
C ALA C 382 -21.51 29.26 7.54
N GLY C 383 -22.71 28.75 7.79
CA GLY C 383 -23.54 28.27 6.72
C GLY C 383 -23.86 29.40 5.77
N CYS C 384 -24.15 30.56 6.35
CA CYS C 384 -24.57 31.72 5.58
C CYS C 384 -23.51 32.15 4.59
N ILE C 385 -22.27 32.24 5.06
CA ILE C 385 -21.16 32.68 4.22
C ILE C 385 -20.89 31.69 3.10
N LYS C 386 -20.98 30.43 3.43
CA LYS C 386 -20.75 29.37 2.45
C LYS C 386 -21.76 29.41 1.32
N VAL C 387 -23.01 29.63 1.66
CA VAL C 387 -24.08 29.69 0.67
C VAL C 387 -23.93 30.95 -0.16
N VAL C 388 -23.55 32.03 0.50
CA VAL C 388 -23.36 33.29 -0.19
C VAL C 388 -22.20 33.19 -1.17
N MET C 389 -21.15 32.49 -0.77
CA MET C 389 -19.99 32.28 -1.65
C MET C 389 -20.29 31.40 -2.87
N SER C 390 -21.05 30.34 -2.65
CA SER C 390 -21.41 29.39 -3.72
C SER C 390 -22.24 30.07 -4.80
N LEU C 391 -23.16 30.91 -4.36
CA LEU C 391 -23.93 31.72 -5.31
C LEU C 391 -23.06 32.74 -6.00
N TYR C 392 -22.11 33.28 -5.26
CA TYR C 392 -21.20 34.26 -5.82
C TYR C 392 -20.43 33.61 -6.96
N HIS C 393 -19.96 32.40 -6.72
CA HIS C 393 -19.15 31.68 -7.71
C HIS C 393 -19.88 30.65 -8.54
N GLN C 394 -21.15 30.42 -8.24
CA GLN C 394 -21.93 29.48 -9.04
C GLN C 394 -21.36 28.06 -9.00
N GLU C 395 -20.80 27.69 -7.86
CA GLU C 395 -20.29 26.35 -7.66
C GLU C 395 -20.92 25.77 -6.42
N ILE C 396 -20.96 24.45 -6.32
CA ILE C 396 -21.44 23.79 -5.10
C ILE C 396 -20.27 23.17 -4.37
N ALA C 397 -20.13 23.51 -3.10
CA ALA C 397 -19.08 22.93 -2.31
C ALA C 397 -19.48 21.53 -1.92
N PRO C 398 -18.52 20.62 -1.95
CA PRO C 398 -18.74 19.26 -1.49
C PRO C 398 -18.96 19.14 -0.01
N SER C 399 -19.59 18.04 0.38
CA SER C 399 -19.73 17.70 1.79
C SER C 399 -18.90 16.46 2.05
N ILE C 400 -17.95 16.60 2.95
CA ILE C 400 -16.94 15.58 3.17
C ILE C 400 -17.40 14.56 4.20
N ASN C 401 -16.61 13.53 4.38
CA ASN C 401 -16.90 12.50 5.36
C ASN C 401 -18.18 11.74 5.05
N TYR C 402 -18.45 11.56 3.78
CA TYR C 402 -19.62 10.82 3.37
C TYR C 402 -19.20 9.68 2.47
N LYS C 403 -19.52 8.46 2.89
CA LYS C 403 -19.20 7.28 2.11
C LYS C 403 -20.46 6.58 1.61
N GLU C 404 -21.46 6.45 2.49
CA GLU C 404 -22.73 5.78 2.15
C GLU C 404 -23.95 6.61 2.58
N PRO C 405 -25.15 6.31 2.03
CA PRO C 405 -26.24 7.17 2.45
C PRO C 405 -27.01 6.53 3.59
N ASN C 406 -27.41 7.35 4.55
CA ASN C 406 -28.18 6.86 5.67
C ASN C 406 -29.44 6.20 5.11
N PRO C 407 -29.66 4.93 5.47
CA PRO C 407 -30.86 4.26 5.03
C PRO C 407 -32.12 5.05 5.33
N ASN C 408 -32.13 5.73 6.46
CA ASN C 408 -33.34 6.40 6.91
C ASN C 408 -33.76 7.56 6.04
N LEU C 409 -32.79 8.16 5.35
CA LEU C 409 -33.06 9.39 4.64
C LEU C 409 -34.12 9.21 3.57
N HIS C 410 -34.13 8.07 2.91
CA HIS C 410 -35.02 7.88 1.76
C HIS C 410 -34.68 8.81 0.64
N LEU C 411 -33.40 9.16 0.58
CA LEU C 411 -32.93 10.13 -0.35
C LEU C 411 -33.52 10.03 -1.75
N GLU C 412 -33.91 8.82 -2.11
CA GLU C 412 -34.33 8.54 -3.50
C GLU C 412 -35.68 9.18 -3.80
N ASP C 413 -36.61 9.08 -2.85
CA ASP C 413 -37.85 9.86 -2.88
C ASP C 413 -37.51 11.28 -2.52
N SER C 414 -36.34 11.44 -1.93
CA SER C 414 -35.82 12.73 -1.50
C SER C 414 -35.47 13.62 -2.70
N PRO C 415 -36.13 14.76 -2.75
CA PRO C 415 -35.96 15.76 -3.78
C PRO C 415 -34.53 16.24 -3.85
N PHE C 416 -33.69 15.77 -2.95
CA PHE C 416 -32.32 16.21 -2.96
C PHE C 416 -31.21 15.23 -2.68
N PHE C 417 -30.22 15.26 -3.55
CA PHE C 417 -29.04 14.43 -3.43
C PHE C 417 -27.86 14.95 -2.62
N VAL C 418 -27.23 14.07 -1.84
CA VAL C 418 -26.08 14.47 -1.02
C VAL C 418 -24.94 14.92 -1.91
N ALA C 419 -24.23 15.95 -1.46
CA ALA C 419 -23.08 16.49 -2.22
C ALA C 419 -21.80 15.69 -1.95
N GLU C 420 -21.04 15.43 -3.01
CA GLU C 420 -19.79 14.67 -2.90
C GLU C 420 -18.73 15.18 -3.88
N GLU C 421 -19.17 15.99 -4.84
CA GLU C 421 -18.25 16.58 -5.80
C GLU C 421 -18.46 18.05 -6.07
N LYS C 422 -17.57 18.65 -6.86
CA LYS C 422 -17.68 20.05 -7.23
C LYS C 422 -18.84 20.16 -8.13
N LYS C 423 -19.28 21.37 -8.39
CA LYS C 423 -20.41 21.48 -9.25
C LYS C 423 -20.27 22.42 -10.39
N GLU C 424 -21.21 22.24 -11.28
CA GLU C 424 -21.28 22.95 -12.50
C GLU C 424 -22.62 23.59 -12.36
N LEU C 425 -22.70 24.88 -12.63
CA LEU C 425 -23.95 25.54 -12.54
C LEU C 425 -24.15 26.48 -13.69
N THR C 426 -25.14 26.17 -14.51
CA THR C 426 -25.47 27.08 -15.60
C THR C 426 -26.95 27.00 -15.94
N ALA C 431 -31.80 34.14 -10.95
CA ALA C 431 -30.80 33.09 -11.11
C ALA C 431 -31.07 31.92 -10.17
N HIS C 432 -30.01 31.23 -9.78
CA HIS C 432 -30.13 30.09 -8.88
C HIS C 432 -30.40 30.54 -7.45
N ARG C 433 -31.12 29.71 -6.70
CA ARG C 433 -31.44 30.02 -5.31
C ARG C 433 -30.99 28.90 -4.37
N MET C 434 -30.55 29.28 -3.18
CA MET C 434 -30.10 28.32 -2.20
C MET C 434 -30.71 28.63 -0.87
N ALA C 435 -30.88 27.58 -0.07
CA ALA C 435 -31.54 27.74 1.20
C ALA C 435 -30.61 27.36 2.32
N LEU C 436 -30.92 27.85 3.50
CA LEU C 436 -30.09 27.58 4.65
C LEU C 436 -30.96 27.35 5.88
N SER C 437 -30.57 26.36 6.67
CA SER C 437 -31.30 26.02 7.87
C SER C 437 -30.39 26.10 9.07
N SER C 438 -30.97 26.55 10.19
CA SER C 438 -30.30 26.43 11.48
C SER C 438 -31.33 26.16 12.56
N PHE C 439 -31.10 25.13 13.36
CA PHE C 439 -32.04 24.78 14.40
C PHE C 439 -31.41 24.78 15.76
N GLY C 440 -32.01 25.56 16.64
CA GLY C 440 -31.43 25.82 17.94
C GLY C 440 -31.57 24.66 18.87
N LEU C 441 -30.69 24.61 19.86
CA LEU C 441 -30.83 23.68 20.96
C LEU C 441 -32.10 24.04 21.72
N GLY C 442 -32.39 25.32 21.78
CA GLY C 442 -33.55 25.82 22.51
C GLY C 442 -34.87 25.30 21.98
N GLY C 443 -34.94 25.07 20.68
CA GLY C 443 -36.22 24.81 20.04
C GLY C 443 -36.63 25.95 19.13
N THR C 444 -35.69 26.84 18.83
CA THR C 444 -35.96 27.93 17.92
C THR C 444 -35.34 27.63 16.58
N ASN C 445 -36.15 27.70 15.53
CA ASN C 445 -35.75 27.27 14.21
C ASN C 445 -35.66 28.40 13.22
N THR C 446 -34.72 28.30 12.30
CA THR C 446 -34.53 29.32 11.28
C THR C 446 -34.35 28.69 9.92
N HIS C 447 -34.92 29.32 8.91
CA HIS C 447 -34.65 28.95 7.52
C HIS C 447 -34.51 30.23 6.71
N ALA C 448 -33.65 30.21 5.71
CA ALA C 448 -33.46 31.35 4.84
C ALA C 448 -33.16 30.95 3.41
N ILE C 449 -33.47 31.84 2.48
CA ILE C 449 -33.23 31.57 1.08
C ILE C 449 -32.42 32.71 0.50
N PHE C 450 -31.56 32.38 -0.46
CA PHE C 450 -30.72 33.37 -1.10
C PHE C 450 -30.89 33.29 -2.58
N GLU C 451 -30.58 34.38 -3.28
CA GLU C 451 -30.68 34.45 -4.72
C GLU C 451 -29.37 34.96 -5.30
N GLN C 452 -28.92 34.35 -6.39
CA GLN C 452 -27.69 34.73 -7.05
C GLN C 452 -27.82 36.14 -7.55
N TYR C 453 -26.69 36.87 -7.58
CA TYR C 453 -26.68 38.17 -8.22
C TYR C 453 -25.87 38.13 -9.51
N PRO C 454 -26.52 38.48 -10.61
CA PRO C 454 -26.15 37.94 -11.92
C PRO C 454 -25.36 38.73 -12.96
N ASP C 455 -25.44 40.06 -12.92
CA ASP C 455 -25.04 40.82 -14.09
C ASP C 455 -23.77 41.58 -13.81
N ALA C 456 -22.75 41.32 -14.63
CA ALA C 456 -21.62 42.23 -14.72
C ALA C 456 -21.30 42.57 -16.15
N SER C 457 -21.22 43.87 -16.44
CA SER C 457 -20.78 44.34 -17.73
C SER C 457 -19.53 45.15 -17.48
N GLU C 458 -18.45 44.42 -17.20
CA GLU C 458 -17.18 45.01 -16.81
C GLU C 458 -16.61 45.79 -17.98
N ALA C 459 -15.91 46.89 -17.69
CA ALA C 459 -15.36 47.70 -18.75
C ALA C 459 -13.88 47.98 -18.53
N ALA C 460 -13.15 48.12 -19.63
CA ALA C 460 -11.72 48.33 -19.57
C ALA C 460 -11.48 49.67 -18.90
N ASP C 461 -10.22 49.97 -18.62
CA ASP C 461 -9.90 51.18 -17.89
C ASP C 461 -9.77 52.34 -18.85
N ALA C 462 -10.67 53.30 -18.76
CA ALA C 462 -10.63 54.48 -19.64
C ALA C 462 -9.35 55.30 -19.48
N ALA C 463 -8.84 55.38 -18.26
CA ALA C 463 -7.71 56.25 -17.96
C ALA C 463 -6.50 55.46 -17.50
N GLY C 464 -5.33 55.80 -18.03
CA GLY C 464 -4.13 55.01 -17.72
C GLY C 464 -3.30 55.18 -16.45
N PRO C 465 -3.52 56.27 -15.68
CA PRO C 465 -2.91 56.41 -14.34
C PRO C 465 -3.86 56.80 -13.24
N PHE C 466 -3.78 56.12 -12.10
CA PHE C 466 -4.49 56.61 -10.91
C PHE C 466 -3.77 56.27 -9.62
N ILE C 467 -4.30 56.85 -8.54
CA ILE C 467 -3.55 57.03 -7.32
C ILE C 467 -4.07 56.14 -6.22
N ILE C 468 -3.16 55.42 -5.60
CA ILE C 468 -3.54 54.57 -4.49
C ILE C 468 -3.14 55.44 -3.30
N PRO C 469 -3.99 55.44 -2.24
CA PRO C 469 -3.55 56.01 -0.98
C PRO C 469 -3.62 54.93 0.02
N LEU C 470 -2.47 54.54 0.53
CA LEU C 470 -2.37 53.46 1.50
C LEU C 470 -2.00 54.07 2.83
N SER C 471 -2.57 53.56 3.91
CA SER C 471 -2.28 54.12 5.21
C SER C 471 -2.44 53.13 6.33
N ALA C 472 -1.79 53.43 7.45
CA ALA C 472 -1.94 52.60 8.62
C ALA C 472 -1.60 53.38 9.86
N ARG C 473 -2.02 52.85 11.01
CA ARG C 473 -1.79 53.50 12.28
C ARG C 473 -0.41 53.24 12.86
N LYS C 474 0.43 52.55 12.10
CA LYS C 474 1.78 52.27 12.58
C LYS C 474 2.57 51.88 11.35
N LYS C 475 3.84 52.20 11.35
CA LYS C 475 4.61 51.92 10.16
C LYS C 475 4.78 50.46 9.91
N ASP C 476 4.92 49.69 10.95
CA ASP C 476 5.13 48.26 10.76
C ASP C 476 3.94 47.73 9.98
N ARG C 477 2.78 48.25 10.35
CA ARG C 477 1.51 47.86 9.76
C ARG C 477 1.43 48.22 8.30
N LEU C 478 1.89 49.41 8.00
CA LEU C 478 1.83 49.90 6.65
C LEU C 478 2.61 48.99 5.72
N LYS C 479 3.73 48.48 6.21
CA LYS C 479 4.58 47.62 5.40
C LYS C 479 3.90 46.31 5.06
N GLU C 480 3.29 45.69 6.06
CA GLU C 480 2.61 44.41 5.84
C GLU C 480 1.45 44.56 4.88
N TYR C 481 0.79 45.70 5.00
CA TYR C 481 -0.33 46.06 4.18
C TYR C 481 0.12 46.07 2.75
N ALA C 482 1.34 46.56 2.55
CA ALA C 482 1.94 46.52 1.26
C ALA C 482 2.11 45.07 0.87
N LYS C 483 2.62 44.28 1.79
CA LYS C 483 2.81 42.86 1.54
C LYS C 483 1.48 42.20 1.23
N GLN C 484 0.51 42.41 2.09
CA GLN C 484 -0.76 41.71 1.93
C GLN C 484 -1.37 42.11 0.60
N LEU C 485 -1.32 43.41 0.32
CA LEU C 485 -1.80 43.93 -0.96
C LEU C 485 -0.91 43.24 -1.97
N LEU C 486 0.39 43.39 -1.78
CA LEU C 486 1.33 42.86 -2.73
C LEU C 486 0.98 41.47 -3.21
N ALA C 487 0.72 40.59 -2.26
CA ALA C 487 0.50 39.18 -2.58
C ALA C 487 -0.71 39.02 -3.48
N PHE C 488 -1.68 39.85 -3.18
CA PHE C 488 -2.97 39.83 -3.80
C PHE C 488 -2.96 40.11 -5.28
N LEU C 489 -2.32 41.21 -5.65
CA LEU C 489 -2.24 41.62 -7.04
C LEU C 489 -1.90 40.41 -7.90
N GLU C 490 -0.81 39.75 -7.56
CA GLU C 490 -0.40 38.57 -8.28
C GLU C 490 -1.38 37.42 -8.16
N ARG C 491 -1.92 37.23 -6.98
CA ARG C 491 -2.91 36.17 -6.79
C ARG C 491 -4.15 36.37 -7.65
N LYS C 492 -4.70 37.57 -7.62
CA LYS C 492 -5.74 37.90 -8.57
C LYS C 492 -5.06 38.57 -9.74
N THR C 493 -4.97 37.83 -10.82
CA THR C 493 -4.11 38.17 -11.93
C THR C 493 -4.51 39.42 -12.70
N ASP C 494 -5.80 39.58 -13.02
CA ASP C 494 -6.28 40.86 -13.52
C ASP C 494 -7.46 41.38 -12.73
N THR C 495 -7.17 42.41 -11.93
CA THR C 495 -8.17 43.19 -11.25
C THR C 495 -8.02 44.64 -11.66
N ASP C 496 -9.13 45.32 -11.91
CA ASP C 496 -9.05 46.70 -12.33
C ASP C 496 -8.55 47.52 -11.17
N LEU C 497 -7.71 48.50 -11.43
CA LEU C 497 -7.23 49.36 -10.37
C LEU C 497 -8.02 50.63 -10.30
N ALA C 498 -8.77 50.92 -11.34
CA ALA C 498 -9.56 52.13 -11.35
C ALA C 498 -10.54 51.97 -10.22
N ASP C 499 -11.10 50.77 -10.14
CA ASP C 499 -11.85 50.36 -8.97
C ASP C 499 -10.95 50.04 -7.78
N LEU C 500 -9.82 49.40 -8.00
CA LEU C 500 -8.87 49.18 -6.91
C LEU C 500 -8.44 50.52 -6.36
N ALA C 501 -8.18 51.44 -7.28
CA ALA C 501 -7.83 52.80 -6.91
C ALA C 501 -9.01 53.40 -6.21
N TYR C 502 -10.18 53.22 -6.79
CA TYR C 502 -11.37 53.91 -6.32
C TYR C 502 -11.66 53.53 -4.88
N THR C 503 -11.57 52.23 -4.62
CA THR C 503 -11.94 51.68 -3.33
C THR C 503 -10.99 52.06 -2.21
N PHE C 504 -9.80 52.50 -2.53
CA PHE C 504 -8.80 52.79 -1.50
C PHE C 504 -8.95 54.27 -1.28
N GLN C 505 -9.29 54.99 -2.34
CA GLN C 505 -9.50 56.43 -2.24
C GLN C 505 -10.66 56.61 -1.29
N VAL C 506 -11.74 55.88 -1.56
CA VAL C 506 -12.92 55.90 -0.73
C VAL C 506 -13.00 54.54 -0.10
N GLY C 507 -13.58 54.44 1.08
CA GLY C 507 -13.75 53.14 1.70
C GLY C 507 -12.55 52.67 2.51
N ARG C 508 -11.47 53.47 2.48
CA ARG C 508 -10.39 53.34 3.46
C ARG C 508 -10.02 54.68 4.09
N GLU C 509 -9.98 54.66 5.41
CA GLU C 509 -9.77 55.85 6.23
C GLU C 509 -8.35 56.36 6.13
N ALA C 510 -8.20 57.64 6.47
CA ALA C 510 -6.91 58.29 6.42
C ALA C 510 -6.20 58.11 7.73
N MET C 511 -5.29 57.15 7.72
CA MET C 511 -4.48 56.86 8.86
C MET C 511 -3.28 57.79 8.88
N GLU C 512 -2.54 57.81 9.95
CA GLU C 512 -1.39 58.69 10.00
C GLU C 512 -0.28 58.23 9.11
N GLU C 513 0.19 57.01 9.21
CA GLU C 513 1.25 56.63 8.35
C GLU C 513 0.63 56.55 6.98
N ARG C 514 1.15 57.29 6.01
CA ARG C 514 0.54 57.35 4.69
C ARG C 514 1.57 57.02 3.63
N ALA C 515 1.21 56.15 2.70
CA ALA C 515 2.00 55.94 1.51
C ALA C 515 1.09 55.99 0.29
N ALA C 516 1.40 56.91 -0.60
CA ALA C 516 0.54 57.20 -1.73
C ALA C 516 1.30 56.87 -2.98
N PHE C 517 0.65 56.15 -3.87
CA PHE C 517 1.31 55.68 -5.07
C PHE C 517 0.59 56.22 -6.25
N ILE C 518 1.37 56.66 -7.24
CA ILE C 518 0.80 57.22 -8.46
C ILE C 518 1.33 56.47 -9.69
N THR C 519 1.03 55.18 -9.76
CA THR C 519 1.47 54.36 -10.88
C THR C 519 0.45 54.35 -12.01
N SER C 520 0.63 53.46 -12.96
CA SER C 520 -0.28 53.35 -14.10
C SER C 520 -0.51 51.89 -14.48
N GLY C 521 0.47 51.04 -14.17
CA GLY C 521 0.36 49.59 -14.49
C GLY C 521 0.60 48.56 -13.39
N THR C 522 -0.27 47.58 -13.33
CA THR C 522 -0.26 46.67 -12.20
C THR C 522 1.10 46.15 -11.79
N ALA C 523 1.83 45.57 -12.73
CA ALA C 523 3.20 45.10 -12.47
C ALA C 523 4.00 46.32 -12.08
N GLU C 524 3.66 47.43 -12.73
CA GLU C 524 4.31 48.70 -12.47
C GLU C 524 4.11 49.02 -11.01
N LEU C 525 2.85 48.98 -10.60
CA LEU C 525 2.47 49.32 -9.24
C LEU C 525 3.10 48.32 -8.30
N LYS C 526 2.88 47.06 -8.62
CA LYS C 526 3.31 45.93 -7.80
C LYS C 526 4.74 45.97 -7.32
N ARG C 527 5.67 46.06 -8.26
CA ARG C 527 7.10 46.06 -7.91
C ARG C 527 7.48 47.31 -7.15
N GLN C 528 6.89 48.43 -7.54
CA GLN C 528 7.14 49.67 -6.85
C GLN C 528 6.66 49.48 -5.40
N LEU C 529 5.59 48.73 -5.22
CA LEU C 529 5.20 48.26 -3.88
C LEU C 529 6.33 47.50 -3.14
N ALA C 530 6.78 46.37 -3.70
CA ALA C 530 8.04 45.74 -3.27
C ALA C 530 9.16 46.77 -3.20
N ASP C 531 8.91 47.88 -3.85
CA ASP C 531 9.88 48.93 -3.76
C ASP C 531 9.66 49.55 -2.39
N PHE C 532 8.42 49.87 -2.06
CA PHE C 532 8.15 50.43 -0.74
C PHE C 532 8.45 49.46 0.38
N ILE C 533 8.15 48.19 0.15
CA ILE C 533 8.33 47.17 1.17
C ILE C 533 9.81 47.04 1.46
N ASN C 534 10.57 47.20 0.38
CA ASN C 534 12.01 46.99 0.32
C ASN C 534 12.66 48.23 0.87
N ASP C 535 11.79 48.93 1.59
CA ASP C 535 12.11 49.77 2.73
C ASP C 535 12.79 51.14 2.67
N LYS C 536 14.00 51.26 2.15
CA LYS C 536 14.58 52.60 2.04
C LYS C 536 15.23 52.98 0.70
N PRO C 537 14.83 52.30 -0.38
CA PRO C 537 15.26 52.73 -1.70
C PRO C 537 14.33 53.79 -2.26
N ALA C 538 14.83 55.01 -2.42
CA ALA C 538 14.01 56.12 -2.87
C ALA C 538 13.84 56.07 -4.38
N VAL C 539 13.11 55.07 -4.88
CA VAL C 539 13.08 54.79 -6.31
C VAL C 539 11.76 55.21 -6.99
N THR C 540 10.68 55.01 -6.27
CA THR C 540 9.35 54.94 -6.86
C THR C 540 8.75 56.30 -7.07
N GLY C 541 7.56 56.26 -7.66
CA GLY C 541 6.74 57.44 -7.77
C GLY C 541 6.00 57.29 -6.46
N CYS C 542 6.74 57.27 -5.36
CA CYS C 542 6.14 57.10 -4.04
C CYS C 542 6.18 58.34 -3.21
N PHE C 543 5.43 58.33 -2.11
CA PHE C 543 5.35 59.47 -1.22
C PHE C 543 5.22 59.03 0.22
N ARG C 544 6.24 59.23 1.03
CA ARG C 544 6.26 58.79 2.42
C ARG C 544 5.19 59.63 3.07
N GLY C 545 4.65 59.17 4.19
CA GLY C 545 3.33 59.58 4.63
C GLY C 545 3.23 60.66 5.67
N GLU C 546 3.28 60.24 6.93
CA GLU C 546 3.44 61.17 8.04
C GLU C 546 4.65 61.95 7.65
N LYS C 547 5.77 61.24 7.66
CA LYS C 547 6.94 61.63 6.91
C LYS C 547 7.97 60.56 7.02
N GLU C 564 -1.05 71.58 11.01
CA GLU C 564 -1.30 72.61 10.00
C GLU C 564 -2.68 72.41 9.38
N LEU C 565 -3.46 73.48 9.30
CA LEU C 565 -4.76 73.40 8.73
C LEU C 565 -5.23 74.57 7.96
N ILE C 566 -5.30 74.27 6.69
CA ILE C 566 -5.77 75.17 5.66
C ILE C 566 -7.23 74.81 5.42
N GLU C 567 -7.88 74.46 6.52
CA GLU C 567 -9.26 74.00 6.49
C GLU C 567 -10.11 75.03 5.82
N LYS C 568 -9.72 76.29 6.00
CA LYS C 568 -10.63 77.36 5.71
C LYS C 568 -10.87 77.49 4.22
N TRP C 569 -12.07 77.10 3.83
CA TRP C 569 -12.69 77.54 2.59
C TRP C 569 -11.75 77.36 1.40
N LEU C 570 -11.11 76.20 1.33
CA LEU C 570 -10.13 75.94 0.27
C LEU C 570 -10.69 75.15 -0.90
N ALA C 571 -10.76 75.79 -2.06
CA ALA C 571 -11.11 75.10 -3.30
C ALA C 571 -9.99 74.15 -3.67
N LYS C 572 -10.34 73.10 -4.39
CA LYS C 572 -9.35 72.18 -4.92
C LYS C 572 -9.69 71.73 -6.34
N GLY C 573 -8.71 71.90 -7.22
CA GLY C 573 -8.88 71.56 -8.61
C GLY C 573 -8.20 70.26 -8.95
N LYS C 574 -8.97 69.36 -9.55
CA LYS C 574 -8.45 68.07 -9.92
C LYS C 574 -7.78 68.15 -11.28
N GLY C 575 -7.01 67.13 -11.59
CA GLY C 575 -6.29 67.06 -12.82
C GLY C 575 -4.92 66.53 -12.47
N PRO C 576 -4.34 67.03 -11.30
CA PRO C 576 -2.98 66.53 -11.00
C PRO C 576 -2.62 65.77 -9.72
N LYS C 577 -1.35 65.36 -9.67
CA LYS C 577 -0.74 64.61 -8.55
C LYS C 577 -0.98 65.43 -7.28
N LEU C 578 -1.72 64.80 -6.37
CA LEU C 578 -2.16 65.43 -5.13
C LEU C 578 -1.54 64.66 -3.99
N CYS C 579 -0.83 63.59 -4.33
CA CYS C 579 -0.43 62.61 -3.35
C CYS C 579 0.35 63.29 -2.26
N GLU C 580 1.17 64.25 -2.65
CA GLU C 580 1.94 65.01 -1.69
C GLU C 580 0.96 65.64 -0.71
N MET C 581 -0.08 66.24 -1.26
CA MET C 581 -1.07 66.94 -0.46
C MET C 581 -1.83 66.00 0.42
N TRP C 582 -2.05 64.80 -0.09
CA TRP C 582 -2.56 63.71 0.72
C TRP C 582 -1.49 63.20 1.65
N SER C 583 -0.25 63.25 1.20
CA SER C 583 0.84 62.63 1.92
C SER C 583 0.97 63.22 3.32
N LYS C 584 0.51 64.45 3.49
CA LYS C 584 0.34 65.03 4.81
C LYS C 584 -0.75 66.08 4.71
N GLY C 585 -1.98 65.64 4.54
CA GLY C 585 -3.03 66.55 4.11
C GLY C 585 -4.44 66.02 4.34
N VAL C 586 -5.40 66.73 3.76
CA VAL C 586 -6.80 66.37 3.95
C VAL C 586 -7.59 66.50 2.63
N ALA C 587 -7.35 65.55 1.74
CA ALA C 587 -7.90 65.62 0.39
C ALA C 587 -9.09 64.68 0.26
N ILE C 588 -10.11 65.10 -0.49
CA ILE C 588 -11.30 64.30 -0.69
C ILE C 588 -11.37 63.76 -2.12
N ASN C 589 -10.78 62.58 -2.33
CA ASN C 589 -10.78 61.96 -3.64
C ASN C 589 -12.16 61.47 -4.06
N TRP C 590 -12.97 62.36 -4.62
CA TRP C 590 -14.31 62.03 -5.06
C TRP C 590 -14.74 62.89 -6.24
N HIS C 591 -14.22 62.56 -7.42
CA HIS C 591 -14.54 63.31 -8.63
C HIS C 591 -14.74 62.29 -9.77
N LYS C 592 -14.03 61.17 -9.66
CA LYS C 592 -14.07 60.12 -10.67
C LYS C 592 -13.22 58.89 -10.27
N HIS C 598 -17.96 57.42 -12.47
CA HIS C 598 -16.96 56.87 -11.56
C HIS C 598 -17.00 55.34 -11.44
N PRO C 599 -15.90 54.76 -10.99
CA PRO C 599 -15.74 53.33 -10.82
C PRO C 599 -16.50 52.70 -9.67
N LYS C 600 -16.52 51.37 -9.69
CA LYS C 600 -17.26 50.58 -8.73
C LYS C 600 -16.37 50.12 -7.59
N ARG C 601 -16.97 50.00 -6.42
CA ARG C 601 -16.32 49.52 -5.19
C ARG C 601 -16.12 48.01 -5.28
N ILE C 602 -15.04 47.53 -4.66
CA ILE C 602 -14.59 46.18 -4.94
C ILE C 602 -13.87 45.65 -3.73
N SER C 603 -13.86 44.34 -3.59
CA SER C 603 -13.36 43.75 -2.39
C SER C 603 -11.88 43.48 -2.52
N LEU C 604 -11.10 44.17 -1.72
CA LEU C 604 -9.67 43.99 -1.73
C LEU C 604 -9.29 43.71 -0.32
N PRO C 605 -8.00 43.71 -0.03
CA PRO C 605 -7.51 43.44 1.29
C PRO C 605 -7.79 44.54 2.27
N VAL C 606 -7.79 44.17 3.54
CA VAL C 606 -8.27 45.05 4.59
C VAL C 606 -7.18 45.27 5.59
N TYR C 607 -7.44 46.16 6.52
CA TYR C 607 -6.43 46.60 7.43
C TYR C 607 -5.87 45.40 8.16
N PRO C 608 -4.55 45.27 8.13
CA PRO C 608 -3.86 44.21 8.83
C PRO C 608 -3.70 44.67 10.25
N PHE C 609 -4.30 43.92 11.16
CA PHE C 609 -4.24 44.28 12.56
C PHE C 609 -3.01 43.62 13.10
N ALA C 610 -2.45 44.24 14.12
CA ALA C 610 -1.28 43.69 14.80
C ALA C 610 -1.60 42.38 15.46
N LYS C 611 -0.55 41.73 15.93
CA LYS C 611 -0.61 40.37 16.46
C LYS C 611 -0.24 40.29 17.93
N GLU C 612 -0.78 41.20 18.73
CA GLU C 612 -0.50 41.21 20.18
C GLU C 612 -1.43 40.27 20.94
N PRO C 613 -0.86 39.31 21.72
CA PRO C 613 -1.80 38.43 22.42
C PRO C 613 -2.03 38.88 23.84
N TYR C 614 -3.28 38.86 24.26
CA TYR C 614 -3.63 39.21 25.62
C TYR C 614 -4.54 38.16 26.23
N TRP C 615 -4.16 37.65 27.40
CA TRP C 615 -4.95 36.64 28.11
C TRP C 615 -4.62 36.67 29.61
N PRO C 616 -5.58 36.31 30.46
CA PRO C 616 -5.39 36.32 31.93
C PRO C 616 -4.78 35.11 32.75
N LYS C 617 -3.55 35.41 33.24
CA LYS C 617 -2.65 34.40 33.81
C LYS C 617 -3.22 33.66 35.02
N PRO D 22 21.13 14.37 -25.05
CA PRO D 22 22.24 15.29 -25.24
C PRO D 22 21.86 16.73 -25.05
N ASP D 23 20.96 16.99 -24.11
CA ASP D 23 20.39 18.32 -23.98
C ASP D 23 21.40 19.38 -23.55
N TYR D 24 21.88 19.21 -22.32
CA TYR D 24 22.68 20.21 -21.60
C TYR D 24 24.17 19.84 -21.60
N TYR D 25 24.50 18.84 -22.41
CA TYR D 25 25.79 18.18 -22.28
C TYR D 25 27.00 18.95 -22.75
N GLU D 26 26.81 20.06 -23.46
CA GLU D 26 27.95 20.79 -23.97
C GLU D 26 28.51 21.74 -22.94
N ASP D 27 27.84 21.82 -21.80
CA ASP D 27 28.34 22.63 -20.69
C ASP D 27 28.46 21.80 -19.46
N SER D 28 28.84 20.55 -19.66
CA SER D 28 29.02 19.63 -18.58
C SER D 28 30.30 18.87 -18.80
N LEU D 29 30.78 18.28 -17.71
CA LEU D 29 32.03 17.56 -17.74
C LEU D 29 31.69 16.11 -17.49
N ALA D 30 32.65 15.26 -17.80
CA ALA D 30 32.50 13.85 -17.58
C ALA D 30 33.75 13.37 -16.92
N VAL D 31 33.57 12.47 -15.97
CA VAL D 31 34.71 11.87 -15.32
C VAL D 31 34.99 10.67 -16.16
N ILE D 32 36.11 10.70 -16.86
CA ILE D 32 36.42 9.61 -17.76
C ILE D 32 37.57 8.78 -17.22
N GLY D 33 38.23 9.28 -16.19
CA GLY D 33 39.29 8.52 -15.54
C GLY D 33 39.35 8.76 -14.06
N ILE D 34 39.70 7.71 -13.33
CA ILE D 34 39.89 7.78 -11.88
C ILE D 34 41.12 7.00 -11.41
N SER D 35 41.70 7.42 -10.31
CA SER D 35 42.83 6.72 -9.68
C SER D 35 42.90 7.09 -8.22
N CYS D 36 43.07 6.13 -7.33
CA CYS D 36 43.17 6.47 -5.92
C CYS D 36 43.71 5.48 -4.91
N GLU D 37 44.09 5.97 -3.74
CA GLU D 37 44.63 5.17 -2.67
C GLU D 37 44.06 5.83 -1.47
N PHE D 38 43.26 5.13 -0.70
CA PHE D 38 42.68 5.70 0.48
C PHE D 38 42.86 4.68 1.54
N PRO D 39 42.40 4.99 2.75
CA PRO D 39 42.51 4.03 3.83
C PRO D 39 41.70 2.80 3.50
N GLY D 40 42.37 1.66 3.51
CA GLY D 40 41.69 0.39 3.29
C GLY D 40 41.43 0.08 1.84
N ALA D 41 41.85 0.96 0.95
CA ALA D 41 41.66 0.75 -0.49
C ALA D 41 42.92 1.05 -1.26
N LYS D 42 43.31 0.14 -2.15
CA LYS D 42 44.41 0.42 -3.05
C LYS D 42 43.93 0.82 -4.43
N ASP D 43 42.63 0.66 -4.67
CA ASP D 43 42.04 0.87 -5.98
C ASP D 43 40.80 1.69 -5.79
N HIS D 44 40.37 2.36 -6.84
CA HIS D 44 39.09 3.05 -6.76
C HIS D 44 37.91 2.07 -6.74
N TYR D 45 38.10 0.89 -7.31
CA TYR D 45 37.11 -0.18 -7.21
C TYR D 45 37.01 -0.80 -5.80
N GLU D 46 38.15 -1.06 -5.17
CA GLU D 46 38.15 -1.62 -3.82
C GLU D 46 37.51 -0.64 -2.87
N PHE D 47 37.68 0.64 -3.17
CA PHE D 47 37.08 1.72 -2.39
C PHE D 47 35.54 1.66 -2.42
N TRP D 48 34.99 1.35 -3.59
CA TRP D 48 33.54 1.25 -3.75
C TRP D 48 32.93 0.11 -2.97
N ASN D 49 33.60 -1.04 -2.98
CA ASN D 49 33.09 -2.18 -2.22
C ASN D 49 33.16 -1.99 -0.72
N ASN D 50 34.19 -1.30 -0.25
CA ASN D 50 34.29 -1.06 1.18
C ASN D 50 33.17 -0.16 1.67
N ILE D 51 32.94 0.93 0.94
CA ILE D 51 31.90 1.88 1.34
C ILE D 51 30.50 1.31 1.20
N LYS D 52 30.30 0.49 0.17
CA LYS D 52 29.03 -0.20 -0.02
C LYS D 52 28.75 -1.25 1.07
N GLU D 53 29.77 -2.03 1.41
CA GLU D 53 29.60 -3.12 2.40
C GLU D 53 29.47 -2.55 3.80
N GLY D 54 29.83 -1.28 3.97
CA GLY D 54 29.79 -0.60 5.26
C GLY D 54 31.06 -0.65 6.08
N LYS D 55 32.16 -1.05 5.45
CA LYS D 55 33.43 -1.23 6.15
C LYS D 55 34.11 0.07 6.52
N GLU D 56 34.66 0.10 7.73
CA GLU D 56 35.32 1.27 8.27
C GLU D 56 36.81 1.04 8.19
N SER D 57 37.55 2.07 7.83
CA SER D 57 38.97 1.91 7.53
C SER D 57 39.88 2.50 8.59
N ILE D 58 39.28 2.86 9.72
CA ILE D 58 40.04 3.34 10.84
C ILE D 58 40.83 2.17 11.40
N THR D 59 41.81 2.50 12.22
CA THR D 59 42.54 1.50 12.95
C THR D 59 42.57 1.84 14.43
N PHE D 60 42.57 0.79 15.23
CA PHE D 60 42.70 0.92 16.66
C PHE D 60 43.68 -0.13 17.10
N PHE D 61 44.15 0.00 18.33
CA PHE D 61 45.13 -0.95 18.84
C PHE D 61 45.38 -0.77 20.33
N SER D 62 46.19 -1.66 20.86
CA SER D 62 46.60 -1.57 22.25
C SER D 62 47.93 -2.28 22.47
N LYS D 63 49.02 -1.59 22.17
CA LYS D 63 50.36 -2.15 22.38
C LYS D 63 50.73 -2.14 23.86
N PRO D 79 44.56 9.44 31.33
CA PRO D 79 45.15 10.26 30.28
C PRO D 79 44.12 11.05 29.46
N GLY D 80 42.95 10.46 29.22
CA GLY D 80 41.91 11.11 28.41
C GLY D 80 42.18 10.95 26.92
N PHE D 81 42.97 9.91 26.59
CA PHE D 81 43.52 9.69 25.24
C PHE D 81 42.69 8.69 24.41
N VAL D 82 42.95 8.66 23.11
CA VAL D 82 42.20 7.82 22.16
C VAL D 82 43.10 7.12 21.16
N PRO D 83 43.33 5.81 21.31
CA PRO D 83 44.27 5.12 20.43
C PRO D 83 43.68 4.72 19.08
N ALA D 84 43.30 5.70 18.28
CA ALA D 84 42.66 5.43 17.01
C ALA D 84 43.24 6.24 15.87
N LYS D 85 43.41 5.58 14.74
CA LYS D 85 43.99 6.23 13.58
C LYS D 85 43.40 5.74 12.26
N SER D 86 43.39 6.64 11.29
CA SER D 86 43.05 6.30 9.90
C SER D 86 44.29 6.38 9.07
N VAL D 87 44.67 5.27 8.46
CA VAL D 87 45.99 5.15 7.91
C VAL D 87 45.98 4.79 6.43
N LEU D 88 46.93 5.35 5.71
CA LEU D 88 47.18 4.92 4.36
C LEU D 88 48.48 4.14 4.45
N GLU D 89 48.44 2.85 4.12
CA GLU D 89 49.68 2.08 4.12
C GLU D 89 50.47 2.25 2.81
N GLY D 90 51.79 2.25 2.94
CA GLY D 90 52.69 2.39 1.80
C GLY D 90 52.78 3.82 1.32
N LYS D 91 52.66 4.76 2.25
CA LYS D 91 52.74 6.19 1.96
C LYS D 91 54.18 6.63 1.75
N GLU D 92 55.11 5.69 1.85
CA GLU D 92 56.52 5.95 1.61
C GLU D 92 57.03 5.38 0.28
N MET D 93 56.34 4.35 -0.20
CA MET D 93 56.73 3.67 -1.44
C MET D 93 56.67 4.54 -2.69
N PHE D 94 57.55 4.23 -3.65
CA PHE D 94 57.60 4.97 -4.91
C PHE D 94 58.37 4.16 -5.97
N ASP D 95 58.16 4.50 -7.24
CA ASP D 95 58.97 3.93 -8.34
C ASP D 95 59.69 5.04 -9.08
N PRO D 96 60.86 5.47 -8.58
CA PRO D 96 61.60 6.58 -9.18
C PRO D 96 62.11 6.31 -10.59
N GLY D 97 62.52 5.07 -10.84
CA GLY D 97 63.17 4.70 -12.08
C GLY D 97 62.24 4.89 -13.25
N PHE D 98 60.95 4.83 -12.96
CA PHE D 98 59.94 4.93 -13.99
C PHE D 98 60.08 6.29 -14.65
N PHE D 99 60.39 7.28 -13.82
CA PHE D 99 60.41 8.67 -14.25
C PHE D 99 61.79 9.25 -14.45
N GLY D 100 62.81 8.42 -14.52
CA GLY D 100 64.20 8.90 -14.61
C GLY D 100 64.67 9.71 -13.41
N PHE D 101 64.42 9.20 -12.22
CA PHE D 101 64.82 9.84 -10.99
C PHE D 101 65.82 8.98 -10.27
N SER D 102 66.76 9.60 -9.62
CA SER D 102 67.66 8.85 -8.74
C SER D 102 66.99 8.68 -7.38
N PRO D 103 67.43 7.67 -6.62
CA PRO D 103 66.90 7.47 -5.29
C PRO D 103 67.06 8.65 -4.36
N LYS D 104 68.14 9.40 -4.51
CA LYS D 104 68.31 10.59 -3.69
C LYS D 104 67.15 11.50 -3.98
N ASP D 105 66.84 11.62 -5.26
CA ASP D 105 65.85 12.59 -5.71
C ASP D 105 64.50 12.24 -5.14
N ALA D 106 64.21 10.95 -5.09
CA ALA D 106 62.97 10.48 -4.48
C ALA D 106 62.93 10.82 -3.01
N GLU D 107 64.07 10.65 -2.34
CA GLU D 107 64.19 10.86 -0.90
C GLU D 107 63.87 12.31 -0.54
N TYR D 108 64.29 13.20 -1.43
CA TYR D 108 64.03 14.64 -1.33
C TYR D 108 62.61 15.04 -1.61
N MET D 109 61.91 14.25 -2.41
CA MET D 109 60.58 14.64 -2.85
C MET D 109 59.54 14.44 -1.80
N ASP D 110 58.56 15.33 -1.79
CA ASP D 110 57.44 15.20 -0.89
C ASP D 110 56.73 13.90 -1.24
N PRO D 111 56.30 13.13 -0.24
CA PRO D 111 55.53 11.93 -0.50
C PRO D 111 54.27 12.23 -1.25
N GLN D 112 53.69 13.38 -0.95
CA GLN D 112 52.45 13.84 -1.59
C GLN D 112 52.65 14.07 -3.06
N LEU D 113 53.79 14.66 -3.39
CA LEU D 113 54.15 14.88 -4.76
C LEU D 113 54.31 13.56 -5.46
N ARG D 114 54.95 12.61 -4.81
CA ARG D 114 55.25 11.34 -5.46
C ARG D 114 53.99 10.57 -5.77
N MET D 115 53.10 10.51 -4.80
CA MET D 115 51.85 9.79 -4.99
C MET D 115 50.98 10.45 -6.03
N LEU D 116 50.92 11.77 -6.00
CA LEU D 116 50.16 12.52 -6.99
C LEU D 116 50.73 12.28 -8.38
N LEU D 117 52.04 12.15 -8.44
CA LEU D 117 52.67 11.88 -9.69
C LEU D 117 52.16 10.55 -10.15
N LEU D 118 52.11 9.60 -9.22
CA LEU D 118 51.68 8.24 -9.57
C LEU D 118 50.24 8.18 -10.00
N HIS D 119 49.38 8.82 -9.24
CA HIS D 119 47.97 8.77 -9.54
C HIS D 119 47.62 9.49 -10.80
N SER D 120 48.27 10.59 -11.06
CA SER D 120 47.95 11.34 -12.24
C SER D 120 48.23 10.49 -13.46
N TRP D 121 49.32 9.75 -13.39
CA TRP D 121 49.65 8.84 -14.45
C TRP D 121 48.59 7.75 -14.62
N LYS D 122 48.18 7.21 -13.50
CA LYS D 122 47.19 6.12 -13.47
C LYS D 122 45.86 6.55 -14.00
N ALA D 123 45.46 7.74 -13.61
CA ALA D 123 44.14 8.24 -13.95
C ALA D 123 43.98 8.36 -15.45
N ILE D 124 45.05 8.77 -16.11
CA ILE D 124 45.06 8.86 -17.56
C ILE D 124 44.95 7.48 -18.19
N GLU D 125 45.53 6.50 -17.52
CA GLU D 125 45.41 5.12 -17.96
C GLU D 125 44.04 4.50 -17.77
N ASP D 126 43.39 4.78 -16.64
CA ASP D 126 42.03 4.30 -16.45
C ASP D 126 41.16 4.85 -17.56
N ALA D 127 41.52 6.03 -18.04
CA ALA D 127 40.76 6.67 -19.09
C ALA D 127 41.09 6.04 -20.45
N GLY D 128 42.11 5.19 -20.47
CA GLY D 128 42.57 4.60 -21.72
C GLY D 128 43.25 5.55 -22.67
N TYR D 129 44.08 6.44 -22.15
CA TYR D 129 44.83 7.39 -22.98
C TYR D 129 46.31 7.33 -22.75
N ILE D 130 47.05 7.83 -23.72
CA ILE D 130 48.47 8.03 -23.60
C ILE D 130 48.74 9.52 -23.53
N SER D 131 49.36 9.93 -22.45
CA SER D 131 49.41 11.35 -22.09
C SER D 131 50.07 12.19 -23.16
N LYS D 132 51.18 11.71 -23.69
CA LYS D 132 51.86 12.42 -24.77
C LYS D 132 50.91 12.53 -25.96
N GLU D 133 50.07 11.52 -26.12
CA GLU D 133 49.09 11.57 -27.19
C GLU D 133 48.11 12.71 -26.92
N ILE D 134 47.77 12.91 -25.66
CA ILE D 134 46.95 14.06 -25.27
C ILE D 134 47.79 15.11 -24.59
N PRO D 135 48.32 16.05 -25.39
CA PRO D 135 49.00 17.25 -24.91
C PRO D 135 48.12 18.30 -24.24
N GLU D 136 46.92 18.54 -24.75
CA GLU D 136 46.16 19.73 -24.32
C GLU D 136 45.36 19.50 -23.06
N THR D 137 46.10 19.25 -21.99
CA THR D 137 45.54 18.90 -20.71
C THR D 137 46.04 19.88 -19.65
N SER D 138 45.16 20.22 -18.74
CA SER D 138 45.53 21.09 -17.64
C SER D 138 45.71 20.25 -16.40
N VAL D 139 46.49 20.75 -15.46
CA VAL D 139 46.71 20.03 -14.23
C VAL D 139 46.44 20.91 -13.03
N TYR D 140 45.56 20.44 -12.16
CA TYR D 140 45.31 21.12 -10.89
C TYR D 140 45.45 20.19 -9.73
N MET D 141 46.36 20.52 -8.83
CA MET D 141 46.59 19.67 -7.68
C MET D 141 46.59 20.46 -6.39
N SER D 142 46.27 19.78 -5.30
CA SER D 142 46.37 20.36 -3.98
C SER D 142 46.98 19.36 -3.06
N ALA D 143 47.72 19.87 -2.09
CA ALA D 143 48.34 19.01 -1.10
C ALA D 143 48.54 19.78 0.17
N SER D 144 48.63 19.05 1.27
CA SER D 144 48.86 19.67 2.55
C SER D 144 50.30 20.07 2.70
N THR D 145 50.52 20.99 3.62
CA THR D 145 51.84 21.44 3.96
C THR D 145 52.32 20.54 5.07
N ASN D 146 53.03 19.49 4.68
CA ASN D 146 53.37 18.47 5.63
C ASN D 146 54.67 18.75 6.33
N SER D 147 55.43 19.73 5.85
CA SER D 147 56.72 20.06 6.45
C SER D 147 57.73 18.93 6.30
N TYR D 148 57.69 18.27 5.15
CA TYR D 148 58.56 17.13 4.88
C TYR D 148 60.02 17.55 4.87
N ARG D 149 60.29 18.74 4.37
CA ARG D 149 61.67 19.18 4.19
C ARG D 149 62.39 19.28 5.52
N SER D 150 61.62 19.54 6.57
CA SER D 150 62.16 19.60 7.92
C SER D 150 62.64 18.25 8.38
N LEU D 151 62.17 17.19 7.73
CA LEU D 151 62.56 15.82 8.08
C LEU D 151 63.98 15.53 7.60
N LEU D 152 64.33 16.09 6.44
CA LEU D 152 65.66 15.88 5.88
C LEU D 152 66.78 16.47 6.73
N PRO D 153 68.04 15.98 6.48
CA PRO D 153 69.08 16.52 7.36
C PRO D 153 69.63 17.91 7.04
N GLU D 154 70.05 18.64 8.08
CA GLU D 154 70.60 19.97 7.90
C GLU D 154 71.29 19.50 6.63
N GLU D 155 71.09 20.24 5.56
CA GLU D 155 71.77 20.05 4.34
C GLU D 155 71.24 21.40 3.95
N PRO D 163 73.67 24.75 4.81
CA PRO D 163 75.01 24.59 4.29
C PRO D 163 75.21 25.29 2.98
N ASP D 164 76.08 26.28 3.01
CA ASP D 164 76.38 27.07 1.79
C ASP D 164 77.39 26.35 0.88
N GLY D 165 77.56 26.86 -0.34
CA GLY D 165 78.43 26.25 -1.32
C GLY D 165 77.93 24.89 -1.78
N TYR D 166 77.14 24.23 -0.93
CA TYR D 166 76.56 22.94 -1.26
C TYR D 166 75.51 23.08 -2.35
N VAL D 167 74.81 21.99 -2.62
CA VAL D 167 73.79 21.96 -3.64
C VAL D 167 72.51 21.37 -3.10
N SER D 168 71.81 22.13 -2.27
CA SER D 168 70.52 21.71 -1.76
C SER D 168 69.60 22.92 -1.78
N TRP D 169 69.50 23.50 -2.97
CA TRP D 169 68.55 24.53 -3.26
C TRP D 169 67.29 23.72 -3.55
N VAL D 170 66.87 22.97 -2.53
CA VAL D 170 65.97 21.82 -2.71
C VAL D 170 64.57 22.17 -2.25
N LEU D 171 64.22 23.45 -2.34
CA LEU D 171 62.87 23.86 -2.00
C LEU D 171 62.02 23.20 -3.08
N ALA D 172 61.36 22.11 -2.72
CA ALA D 172 60.28 21.56 -3.54
C ALA D 172 58.99 22.15 -2.99
N GLN D 173 58.38 22.95 -3.84
CA GLN D 173 57.31 23.84 -3.46
C GLN D 173 56.02 23.25 -3.89
N SER D 174 54.95 23.93 -3.54
CA SER D 174 53.65 23.44 -3.86
C SER D 174 53.47 23.44 -5.35
N GLY D 175 54.04 24.44 -5.98
CA GLY D 175 53.93 24.63 -7.43
C GLY D 175 54.62 23.53 -8.19
N THR D 176 55.58 22.89 -7.54
CA THR D 176 56.35 21.85 -8.18
C THR D 176 55.51 20.64 -8.53
N ILE D 177 54.56 20.33 -7.68
CA ILE D 177 53.81 19.10 -7.86
C ILE D 177 53.09 19.04 -9.19
N PRO D 178 52.25 20.03 -9.47
CA PRO D 178 51.58 20.04 -10.76
C PRO D 178 52.53 20.17 -11.93
N THR D 179 53.54 20.99 -11.78
CA THR D 179 54.52 21.21 -12.85
C THR D 179 55.40 20.00 -13.16
N MET D 180 55.71 19.23 -12.12
CA MET D 180 56.44 17.98 -12.29
C MET D 180 55.60 16.92 -12.99
N ILE D 181 54.32 16.88 -12.67
CA ILE D 181 53.39 15.97 -13.32
C ILE D 181 53.23 16.34 -14.78
N SER D 182 53.15 17.62 -15.06
CA SER D 182 53.01 18.11 -16.43
C SER D 182 54.22 17.78 -17.27
N HIS D 183 55.39 17.97 -16.71
CA HIS D 183 56.63 17.68 -17.41
C HIS D 183 56.87 16.19 -17.71
N LYS D 184 56.58 15.34 -16.74
CA LYS D 184 56.72 13.90 -16.91
C LYS D 184 55.70 13.29 -17.83
N LEU D 185 54.49 13.83 -17.82
CA LEU D 185 53.40 13.29 -18.64
C LEU D 185 53.27 14.01 -19.98
N GLY D 186 54.08 15.04 -20.18
CA GLY D 186 54.01 15.80 -21.41
C GLY D 186 52.70 16.55 -21.64
N LEU D 187 52.29 17.32 -20.64
CA LEU D 187 51.07 18.12 -20.76
C LEU D 187 51.34 19.62 -20.85
N LYS D 188 50.70 20.27 -21.81
CA LYS D 188 51.00 21.67 -22.10
C LYS D 188 49.86 22.59 -21.71
N GLY D 189 48.84 22.03 -21.11
CA GLY D 189 47.74 22.84 -20.61
C GLY D 189 48.20 23.60 -19.38
N PRO D 190 47.39 24.57 -18.91
CA PRO D 190 47.74 25.28 -17.69
C PRO D 190 47.95 24.36 -16.51
N SER D 191 49.08 24.51 -15.83
CA SER D 191 49.39 23.66 -14.69
C SER D 191 49.71 24.49 -13.46
N TYR D 192 48.89 24.37 -12.44
CA TYR D 192 49.19 25.05 -11.19
C TYR D 192 48.59 24.41 -9.98
N PHE D 193 48.95 24.97 -8.83
CA PHE D 193 48.59 24.43 -7.56
C PHE D 193 47.53 25.34 -6.99
N VAL D 194 46.47 24.73 -6.47
CA VAL D 194 45.36 25.46 -5.82
C VAL D 194 45.10 24.88 -4.46
N HIS D 195 44.90 25.72 -3.47
CA HIS D 195 44.60 25.18 -2.16
C HIS D 195 43.56 26.00 -1.40
N ALA D 196 42.56 25.32 -0.87
CA ALA D 196 41.60 25.97 0.04
C ALA D 196 41.27 25.12 1.27
N ASN D 197 42.26 24.44 1.79
CA ASN D 197 42.14 23.73 3.09
C ASN D 197 41.37 22.46 3.45
N CYS D 198 40.07 22.47 3.16
CA CYS D 198 39.22 21.26 3.23
C CYS D 198 38.51 21.16 1.88
N SER D 199 38.23 22.30 1.26
CA SER D 199 37.46 22.27 0.02
C SER D 199 38.37 22.27 -1.20
N SER D 200 39.64 21.91 -0.99
CA SER D 200 40.68 22.15 -1.98
C SER D 200 40.43 21.36 -3.26
N SER D 201 39.98 20.13 -3.15
CA SER D 201 39.75 19.31 -4.32
C SER D 201 38.64 19.85 -5.20
N LEU D 202 37.58 20.35 -4.59
CA LEU D 202 36.47 20.94 -5.34
C LEU D 202 36.90 22.21 -6.04
N ILE D 203 37.86 22.89 -5.43
CA ILE D 203 38.50 24.05 -6.03
C ILE D 203 39.20 23.67 -7.31
N GLY D 204 39.83 22.50 -7.31
CA GLY D 204 40.39 21.94 -8.53
C GLY D 204 39.31 21.67 -9.56
N LEU D 205 38.20 21.11 -9.12
CA LEU D 205 37.10 20.78 -10.02
C LEU D 205 36.53 22.02 -10.66
N HIS D 206 36.49 23.08 -9.87
CA HIS D 206 36.04 24.37 -10.33
C HIS D 206 36.96 24.95 -11.37
N SER D 207 38.25 24.78 -11.15
CA SER D 207 39.23 25.30 -12.07
C SER D 207 39.03 24.63 -13.42
N ALA D 208 38.90 23.33 -13.38
CA ALA D 208 38.79 22.55 -14.61
C ALA D 208 37.53 22.91 -15.37
N PHE D 209 36.47 23.16 -14.63
CA PHE D 209 35.18 23.45 -15.25
C PHE D 209 35.24 24.73 -16.05
N GLN D 210 35.83 25.76 -15.46
CA GLN D 210 36.01 27.02 -16.18
C GLN D 210 36.93 26.76 -17.33
N SER D 211 37.95 25.97 -17.08
CA SER D 211 38.97 25.74 -18.09
C SER D 211 38.41 25.10 -19.34
N LEU D 212 37.69 24.00 -19.17
CA LEU D 212 37.15 23.27 -20.33
C LEU D 212 36.03 24.03 -20.99
N GLN D 213 35.25 24.74 -20.19
CA GLN D 213 34.17 25.56 -20.71
C GLN D 213 34.77 26.67 -21.54
N SER D 214 35.90 27.19 -21.07
CA SER D 214 36.58 28.30 -21.71
C SER D 214 37.24 27.89 -23.02
N GLY D 215 37.37 26.59 -23.24
CA GLY D 215 38.01 26.10 -24.44
C GLY D 215 39.53 26.17 -24.38
N GLU D 216 40.08 26.53 -23.23
CA GLU D 216 41.54 26.59 -23.06
C GLU D 216 42.22 25.22 -23.02
N ALA D 217 41.48 24.18 -22.68
CA ALA D 217 42.04 22.83 -22.73
C ALA D 217 41.03 21.78 -23.14
N LYS D 218 41.55 20.74 -23.78
CA LYS D 218 40.77 19.55 -24.11
C LYS D 218 40.47 18.66 -22.92
N TYR D 219 41.46 18.47 -22.05
CA TYR D 219 41.28 17.64 -20.87
C TYR D 219 41.73 18.41 -19.65
N ALA D 220 41.26 17.97 -18.50
CA ALA D 220 41.68 18.55 -17.23
C ALA D 220 41.96 17.46 -16.26
N LEU D 221 42.89 17.70 -15.37
CA LEU D 221 43.30 16.70 -14.42
C LEU D 221 43.26 17.31 -13.05
N VAL D 222 42.51 16.68 -12.16
CA VAL D 222 42.38 17.21 -10.82
C VAL D 222 42.81 16.15 -9.84
N GLY D 223 43.66 16.54 -8.90
CA GLY D 223 44.14 15.61 -7.89
C GLY D 223 44.21 16.24 -6.53
N GLY D 224 44.15 15.41 -5.50
CA GLY D 224 44.26 15.89 -4.13
C GLY D 224 45.02 14.90 -3.29
N ALA D 225 45.82 15.42 -2.36
CA ALA D 225 46.59 14.58 -1.47
C ALA D 225 46.75 15.15 -0.06
N THR D 226 46.67 14.27 0.92
CA THR D 226 47.20 14.54 2.25
C THR D 226 47.93 13.39 2.87
N LEU D 227 49.25 13.48 2.91
CA LEU D 227 50.05 12.64 3.78
C LEU D 227 50.79 13.42 4.83
N HIS D 228 50.58 13.08 6.08
CA HIS D 228 51.22 13.80 7.15
C HIS D 228 52.61 13.22 7.38
N THR D 229 53.45 13.89 8.14
CA THR D 229 54.80 13.38 8.35
C THR D 229 55.01 12.83 9.73
N GLU D 230 53.97 12.88 10.55
CA GLU D 230 54.04 12.26 11.85
C GLU D 230 52.67 12.29 12.53
N VAL D 236 45.43 8.53 17.72
CA VAL D 236 46.19 9.05 18.86
C VAL D 236 45.95 10.54 19.07
N HIS D 237 44.83 10.85 19.73
CA HIS D 237 44.37 12.24 19.88
C HIS D 237 43.61 12.37 21.19
N GLN D 238 42.97 13.49 21.47
CA GLN D 238 42.24 13.57 22.72
C GLN D 238 41.15 14.62 22.69
N PRO D 239 39.89 14.22 22.89
CA PRO D 239 38.87 15.26 22.86
C PRO D 239 39.19 16.53 23.62
N GLY D 240 38.82 17.64 23.00
CA GLY D 240 39.00 18.98 23.49
C GLY D 240 38.51 19.87 22.36
N LEU D 241 39.39 20.70 21.83
CA LEU D 241 39.06 21.63 20.76
C LEU D 241 37.90 21.26 19.82
N ASN D 242 37.87 20.01 19.38
CA ASN D 242 36.83 19.53 18.45
C ASN D 242 37.08 18.17 17.78
N PHE D 243 37.46 17.16 18.55
CA PHE D 243 37.78 15.89 17.92
C PHE D 243 37.02 14.74 18.54
N SER D 244 36.35 13.93 17.73
CA SER D 244 35.56 12.84 18.26
C SER D 244 36.14 12.02 19.36
N SER D 245 35.30 11.54 20.27
CA SER D 245 35.76 10.89 21.49
C SER D 245 36.20 9.44 21.36
N ASP D 246 35.38 8.64 20.70
CA ASP D 246 35.66 7.21 20.63
C ASP D 246 36.46 6.87 19.39
N GLY D 247 36.77 7.89 18.61
CA GLY D 247 37.50 7.69 17.36
C GLY D 247 36.58 7.30 16.24
N HIS D 248 35.29 7.56 16.44
CA HIS D 248 34.30 7.29 15.41
C HIS D 248 33.63 8.57 15.04
N ILE D 249 33.51 8.80 13.76
CA ILE D 249 32.86 9.98 13.28
C ILE D 249 31.42 9.58 13.06
N LYS D 250 30.57 10.03 13.96
CA LYS D 250 29.17 9.74 13.93
C LYS D 250 28.40 10.92 13.41
N ALA D 251 28.17 10.94 12.11
CA ALA D 251 27.48 12.00 11.45
C ALA D 251 25.98 11.93 11.57
N PHE D 252 25.35 13.08 11.74
CA PHE D 252 23.91 13.21 11.90
C PHE D 252 23.37 12.01 12.64
N ASP D 253 23.99 11.70 13.75
CA ASP D 253 23.55 10.64 14.60
C ASP D 253 23.87 11.28 15.87
N ALA D 254 22.96 11.32 16.84
CA ALA D 254 23.26 11.90 18.14
C ALA D 254 24.50 11.14 18.62
N ASP D 255 25.24 11.70 19.54
CA ASP D 255 26.48 11.14 20.03
C ASP D 255 27.47 11.85 19.18
N ALA D 256 27.00 12.76 18.33
CA ALA D 256 27.95 13.51 17.56
C ALA D 256 28.86 14.31 18.41
N ASP D 257 30.13 13.97 18.42
CA ASP D 257 31.10 14.70 19.23
C ASP D 257 32.39 15.18 18.57
N GLY D 258 32.56 14.92 17.29
CA GLY D 258 33.75 15.37 16.56
C GLY D 258 34.12 14.43 15.42
N MET D 259 35.21 14.75 14.73
CA MET D 259 35.68 13.93 13.62
C MET D 259 37.04 13.30 13.91
N ILE D 260 37.72 12.84 12.85
CA ILE D 260 39.02 12.22 12.97
C ILE D 260 39.87 12.45 11.72
N GLY D 261 41.16 12.65 11.91
CA GLY D 261 42.09 12.90 10.82
C GLY D 261 42.23 11.70 9.92
N GLY D 262 42.62 11.96 8.67
CA GLY D 262 42.79 10.90 7.69
C GLY D 262 43.81 11.26 6.62
N GLU D 263 44.23 10.25 5.86
CA GLU D 263 45.19 10.46 4.77
C GLU D 263 44.79 9.71 3.50
N GLY D 264 44.93 10.38 2.36
CA GLY D 264 44.58 9.76 1.09
C GLY D 264 45.11 10.55 -0.09
N ALA D 265 45.05 9.96 -1.27
CA ALA D 265 45.35 10.69 -2.48
C ALA D 265 44.48 10.17 -3.60
N GLY D 266 44.08 11.05 -4.50
CA GLY D 266 43.35 10.61 -5.67
C GLY D 266 43.42 11.58 -6.82
N ALA D 267 43.13 11.09 -8.01
CA ALA D 267 43.09 11.95 -9.18
C ALA D 267 42.04 11.48 -10.17
N VAL D 268 41.47 12.42 -10.89
CA VAL D 268 40.52 12.06 -11.95
C VAL D 268 40.80 12.82 -13.21
N LEU D 269 40.40 12.26 -14.34
CA LEU D 269 40.60 12.94 -15.63
C LEU D 269 39.29 13.41 -16.18
N LEU D 270 39.28 14.63 -16.73
CA LEU D 270 38.04 15.26 -17.19
C LEU D 270 38.04 16.01 -18.51
N LYS D 271 36.97 15.78 -19.26
CA LYS D 271 36.81 16.44 -20.53
C LYS D 271 35.36 16.81 -20.79
N LYS D 272 35.14 17.70 -21.76
CA LYS D 272 33.79 18.07 -22.14
C LYS D 272 33.00 16.76 -22.29
N ALA D 273 31.75 16.78 -21.86
CA ALA D 273 30.93 15.57 -21.86
C ALA D 273 30.54 15.27 -23.28
N SER D 274 30.13 16.30 -24.01
CA SER D 274 29.75 16.12 -25.40
C SER D 274 30.93 15.55 -26.14
N ASP D 275 32.10 16.12 -25.91
CA ASP D 275 33.32 15.61 -26.51
C ASP D 275 33.62 14.19 -26.04
N ALA D 276 33.32 13.89 -24.77
CA ALA D 276 33.58 12.57 -24.25
C ALA D 276 32.74 11.52 -24.96
N VAL D 277 31.44 11.77 -25.05
CA VAL D 277 30.54 10.83 -25.70
C VAL D 277 30.86 10.74 -27.18
N LYS D 278 31.13 11.89 -27.78
CA LYS D 278 31.34 11.98 -29.22
C LYS D 278 32.56 11.18 -29.62
N ASP D 279 33.56 11.22 -28.76
CA ASP D 279 34.81 10.53 -29.05
C ASP D 279 34.87 9.13 -28.44
N GLY D 280 33.73 8.69 -27.91
CA GLY D 280 33.62 7.33 -27.39
C GLY D 280 34.45 6.99 -26.16
N ASP D 281 34.55 7.94 -25.25
CA ASP D 281 35.23 7.68 -23.98
C ASP D 281 34.31 6.98 -23.01
N HIS D 282 34.93 6.46 -21.95
CA HIS D 282 34.23 5.63 -20.98
C HIS D 282 33.90 6.48 -19.79
N ILE D 283 32.63 6.70 -19.55
CA ILE D 283 32.22 7.66 -18.55
C ILE D 283 31.67 7.00 -17.33
N TYR D 284 32.28 7.26 -16.18
CA TYR D 284 31.66 6.91 -14.92
C TYR D 284 30.47 7.81 -14.64
N ALA D 285 30.61 9.10 -14.83
CA ALA D 285 29.53 10.03 -14.48
C ALA D 285 29.71 11.41 -15.05
N LEU D 286 28.74 12.27 -14.78
CA LEU D 286 28.70 13.61 -15.32
C LEU D 286 28.65 14.65 -14.24
N LEU D 287 29.40 15.71 -14.42
CA LEU D 287 29.39 16.83 -13.48
C LEU D 287 28.76 18.00 -14.14
N ARG D 288 27.58 18.36 -13.66
CA ARG D 288 26.83 19.45 -14.23
C ARG D 288 27.27 20.83 -13.85
N GLY D 289 27.55 21.04 -12.58
CA GLY D 289 27.93 22.37 -12.15
C GLY D 289 28.62 22.38 -10.80
N ILE D 290 29.35 23.45 -10.55
CA ILE D 290 30.07 23.60 -9.29
C ILE D 290 30.24 25.07 -8.93
N GLY D 291 30.15 25.36 -7.63
CA GLY D 291 30.18 26.72 -7.12
C GLY D 291 31.09 26.92 -5.94
N VAL D 292 31.60 28.13 -5.81
CA VAL D 292 32.53 28.43 -4.74
C VAL D 292 32.18 29.78 -4.16
N ASN D 293 32.44 29.92 -2.88
CA ASN D 293 32.27 31.20 -2.25
C ASN D 293 32.89 31.17 -0.86
N ASN D 294 32.81 32.28 -0.15
CA ASN D 294 33.39 32.36 1.17
C ASN D 294 32.39 32.93 2.15
N ASP D 295 32.59 32.56 3.41
CA ASP D 295 31.70 32.97 4.51
C ASP D 295 31.62 34.46 4.75
N GLY D 296 32.74 35.14 4.60
CA GLY D 296 32.79 36.54 4.98
C GLY D 296 33.10 36.61 6.44
N ALA D 297 32.74 37.73 7.05
CA ALA D 297 33.06 37.95 8.45
C ALA D 297 31.90 37.67 9.38
N ASP D 298 30.78 37.18 8.85
CA ASP D 298 29.56 37.10 9.64
C ASP D 298 29.48 35.75 10.32
N LYS D 299 30.44 35.50 11.20
CA LYS D 299 30.35 34.35 12.07
C LYS D 299 31.12 34.58 13.34
N VAL D 300 30.88 33.69 14.30
CA VAL D 300 31.58 33.70 15.61
C VAL D 300 33.06 33.98 15.38
N GLY D 301 33.70 33.11 14.64
CA GLY D 301 35.14 33.09 14.59
C GLY D 301 35.57 32.63 13.23
N PHE D 302 36.88 32.52 13.08
CA PHE D 302 37.45 32.01 11.86
C PHE D 302 37.04 30.57 11.64
N TYR D 303 36.91 29.83 12.73
CA TYR D 303 36.76 28.37 12.66
C TYR D 303 35.32 27.91 12.63
N ALA D 304 34.40 28.85 12.73
CA ALA D 304 33.00 28.52 12.95
C ALA D 304 32.22 28.41 11.64
N PRO D 305 31.50 27.30 11.43
CA PRO D 305 30.69 27.19 10.22
C PRO D 305 29.56 28.19 10.20
N SER D 306 29.13 28.59 9.01
CA SER D 306 27.99 29.49 8.91
C SER D 306 26.97 28.94 7.92
N VAL D 307 25.73 28.86 8.36
CA VAL D 307 24.63 28.35 7.54
C VAL D 307 24.38 29.26 6.35
N LYS D 308 24.40 30.56 6.60
CA LYS D 308 24.01 31.52 5.59
C LYS D 308 24.98 31.47 4.41
N GLY D 309 26.25 31.27 4.73
CA GLY D 309 27.28 31.08 3.72
C GLY D 309 27.12 29.81 2.94
N GLN D 310 26.88 28.71 3.63
CA GLN D 310 26.69 27.42 2.98
C GLN D 310 25.48 27.42 2.06
N ALA D 311 24.46 28.13 2.48
CA ALA D 311 23.22 28.20 1.73
C ALA D 311 23.42 28.86 0.37
N GLU D 312 24.21 29.93 0.38
CA GLU D 312 24.39 30.75 -0.83
C GLU D 312 25.07 29.95 -1.91
N VAL D 313 26.05 29.15 -1.50
CA VAL D 313 26.74 28.30 -2.44
C VAL D 313 25.79 27.28 -3.01
N ILE D 314 25.01 26.66 -2.14
CA ILE D 314 24.10 25.63 -2.57
C ILE D 314 23.17 26.30 -3.54
N GLN D 315 22.66 27.44 -3.11
CA GLN D 315 21.69 28.14 -3.90
C GLN D 315 22.24 28.43 -5.28
N LYS D 316 23.51 28.82 -5.30
CA LYS D 316 24.13 29.29 -6.52
C LYS D 316 24.12 28.25 -7.60
N VAL D 317 24.33 27.01 -7.20
CA VAL D 317 24.49 25.92 -8.16
C VAL D 317 23.19 25.61 -8.88
N ILE D 318 22.11 25.60 -8.14
CA ILE D 318 20.82 25.21 -8.67
C ILE D 318 20.43 26.19 -9.76
N ASP D 319 20.70 27.47 -9.52
CA ASP D 319 20.41 28.48 -10.49
C ASP D 319 21.23 28.32 -11.74
N GLN D 320 22.52 28.15 -11.54
CA GLN D 320 23.43 28.00 -12.64
C GLN D 320 23.06 26.72 -13.37
N THR D 321 22.90 25.67 -12.61
CA THR D 321 22.60 24.37 -13.16
C THR D 321 21.24 24.34 -13.82
N GLY D 322 20.29 25.05 -13.25
CA GLY D 322 18.92 24.99 -13.73
C GLY D 322 18.19 23.77 -13.20
N ILE D 323 18.88 23.01 -12.35
CA ILE D 323 18.34 21.80 -11.75
C ILE D 323 17.27 22.06 -10.72
N HIS D 324 16.28 21.17 -10.68
CA HIS D 324 15.29 21.15 -9.61
C HIS D 324 15.64 20.20 -8.48
N PRO D 325 15.58 20.70 -7.25
CA PRO D 325 15.95 20.01 -6.02
C PRO D 325 15.24 18.69 -5.76
N GLU D 326 14.03 18.53 -6.30
CA GLU D 326 13.32 17.28 -6.15
C GLU D 326 13.97 16.23 -7.03
N THR D 327 14.91 16.67 -7.85
CA THR D 327 15.56 15.81 -8.80
C THR D 327 16.69 15.02 -8.18
N ILE D 328 16.97 15.30 -6.91
CA ILE D 328 18.17 14.78 -6.27
C ILE D 328 17.87 13.62 -5.34
N ALA D 329 18.42 12.47 -5.68
CA ALA D 329 18.31 11.27 -4.85
C ALA D 329 19.16 11.30 -3.59
N TYR D 330 20.41 11.74 -3.71
CA TYR D 330 21.35 11.64 -2.61
C TYR D 330 22.18 12.88 -2.49
N VAL D 331 22.53 13.24 -1.27
CA VAL D 331 23.44 14.35 -1.04
C VAL D 331 24.58 13.90 -0.16
N GLU D 332 25.80 14.15 -0.62
CA GLU D 332 26.97 13.89 0.21
C GLU D 332 27.40 15.16 0.91
N ALA D 333 27.12 15.25 2.20
CA ALA D 333 27.40 16.45 2.96
C ALA D 333 28.82 16.45 3.43
N HIS D 334 29.26 17.59 3.92
CA HIS D 334 30.54 17.66 4.60
C HIS D 334 30.68 16.53 5.63
N GLY D 335 29.60 16.23 6.35
CA GLY D 335 29.57 15.09 7.26
C GLY D 335 30.68 15.21 8.29
N THR D 336 30.78 16.41 8.82
CA THR D 336 31.83 16.78 9.72
C THR D 336 31.77 15.99 11.01
N GLY D 337 30.56 15.66 11.43
CA GLY D 337 30.35 14.98 12.71
C GLY D 337 30.46 15.95 13.86
N THR D 338 30.06 17.18 13.60
CA THR D 338 30.19 18.27 14.58
C THR D 338 29.00 18.36 15.51
N LYS D 339 29.32 18.83 16.71
CA LYS D 339 28.33 19.11 17.71
C LYS D 339 27.36 20.14 17.16
N LEU D 340 27.92 21.19 16.57
CA LEU D 340 27.13 22.27 16.00
C LEU D 340 27.21 22.51 14.51
N GLY D 341 27.70 21.52 13.77
CA GLY D 341 27.83 21.61 12.33
C GLY D 341 26.88 20.65 11.64
N ASP D 342 26.66 19.49 12.26
CA ASP D 342 25.76 18.48 11.71
C ASP D 342 24.37 19.06 11.53
N PRO D 343 24.05 20.12 12.36
CA PRO D 343 22.69 20.66 12.16
C PRO D 343 22.73 21.88 11.24
N ILE D 344 23.88 22.54 11.17
CA ILE D 344 24.05 23.71 10.33
C ILE D 344 24.07 23.30 8.86
N GLU D 345 24.73 22.18 8.58
CA GLU D 345 24.83 21.68 7.22
C GLU D 345 23.46 21.43 6.63
N LEU D 346 22.62 20.76 7.40
CA LEU D 346 21.25 20.44 6.98
C LEU D 346 20.31 21.62 7.03
N SER D 347 20.54 22.49 7.97
CA SER D 347 19.69 23.65 8.11
C SER D 347 19.79 24.41 6.80
N ALA D 348 21.01 24.45 6.28
CA ALA D 348 21.28 25.12 5.01
C ALA D 348 20.65 24.41 3.84
N LEU D 349 20.79 23.09 3.85
CA LEU D 349 20.25 22.27 2.79
C LEU D 349 18.75 22.38 2.77
N GLN D 350 18.16 22.28 3.95
CA GLN D 350 16.72 22.37 4.10
C GLN D 350 16.24 23.74 3.63
N SER D 351 17.01 24.76 3.97
CA SER D 351 16.66 26.14 3.68
C SER D 351 16.49 26.38 2.21
N VAL D 352 17.43 25.88 1.42
CA VAL D 352 17.36 26.08 -0.02
C VAL D 352 16.24 25.26 -0.64
N TYR D 353 16.16 23.98 -0.35
CA TYR D 353 15.10 23.17 -0.93
C TYR D 353 13.75 23.58 -0.43
N GLY D 354 13.70 23.93 0.84
CA GLY D 354 12.43 24.34 1.41
C GLY D 354 11.77 25.47 0.65
N ARG D 355 12.45 25.96 -0.38
CA ARG D 355 11.92 27.05 -1.20
C ARG D 355 11.67 26.60 -2.63
N TYR D 356 11.27 25.35 -2.79
CA TYR D 356 11.00 24.79 -4.11
C TYR D 356 9.85 23.79 -4.07
N THR D 357 10.00 22.79 -3.19
CA THR D 357 9.01 21.75 -3.02
C THR D 357 8.26 21.94 -1.70
N ASP D 358 7.15 21.23 -1.48
CA ASP D 358 6.57 20.25 -2.41
C ASP D 358 7.31 18.91 -2.42
N LYS D 359 8.12 18.90 -1.35
CA LYS D 359 9.09 17.95 -0.84
C LYS D 359 8.58 17.37 0.47
N LYS D 360 9.33 16.45 1.05
CA LYS D 360 8.89 15.78 2.27
C LYS D 360 9.78 14.60 2.72
N GLN D 361 11.03 14.86 3.05
CA GLN D 361 11.93 13.78 3.45
C GLN D 361 12.02 12.90 2.21
N TYR D 362 12.72 13.37 1.19
CA TYR D 362 12.80 12.61 -0.03
C TYR D 362 14.20 12.30 -0.50
N CYS D 363 15.17 12.92 0.15
CA CYS D 363 16.56 12.77 -0.24
C CYS D 363 17.52 12.10 0.71
N GLY D 364 18.28 11.12 0.23
CA GLY D 364 19.25 10.49 1.10
C GLY D 364 20.46 11.36 1.30
N ILE D 365 20.87 11.47 2.55
CA ILE D 365 22.02 12.27 2.92
C ILE D 365 22.99 11.42 3.70
N GLY D 366 24.27 11.51 3.36
CA GLY D 366 25.27 10.60 3.91
C GLY D 366 26.64 11.24 3.91
N SER D 367 27.60 10.57 4.52
CA SER D 367 28.98 11.07 4.48
C SER D 367 30.00 9.95 4.42
N VAL D 368 30.94 10.08 3.49
CA VAL D 368 32.02 9.10 3.36
C VAL D 368 33.09 9.23 4.44
N LYS D 369 33.09 10.36 5.13
CA LYS D 369 34.08 10.60 6.19
C LYS D 369 33.97 9.61 7.31
N THR D 370 32.76 9.10 7.48
CA THR D 370 32.47 8.11 8.52
C THR D 370 33.23 6.82 8.28
N ASN D 371 33.30 6.45 7.01
CA ASN D 371 34.12 5.35 6.61
C ASN D 371 35.60 5.60 6.76
N LEU D 372 36.00 6.78 6.32
CA LEU D 372 37.41 7.06 6.02
C LEU D 372 38.10 7.97 7.00
N GLY D 373 37.32 8.81 7.66
CA GLY D 373 37.92 9.91 8.39
C GLY D 373 38.01 11.12 7.50
N HIS D 374 38.54 12.19 8.08
CA HIS D 374 38.68 13.48 7.43
C HIS D 374 40.03 13.58 6.75
N LEU D 375 39.98 13.67 5.43
CA LEU D 375 41.15 13.76 4.61
C LEU D 375 41.01 15.17 4.07
N ASP D 376 41.63 16.11 4.75
CA ASP D 376 41.31 17.52 4.59
C ASP D 376 41.38 17.92 3.13
N THR D 377 42.57 17.76 2.55
CA THR D 377 42.79 18.24 1.22
C THR D 377 42.04 17.34 0.28
N ALA D 378 42.06 16.05 0.62
CA ALA D 378 41.54 15.01 -0.26
C ALA D 378 40.12 14.65 0.13
N ALA D 379 39.51 15.46 0.98
CA ALA D 379 38.14 15.24 1.40
C ALA D 379 37.21 15.32 0.22
N GLY D 380 37.35 16.41 -0.54
CA GLY D 380 36.45 16.64 -1.65
C GLY D 380 36.60 15.46 -2.59
N MET D 381 37.84 15.03 -2.74
CA MET D 381 38.18 14.02 -3.71
C MET D 381 37.47 12.72 -3.41
N ALA D 382 37.51 12.33 -2.14
CA ALA D 382 36.88 11.09 -1.70
C ALA D 382 35.39 11.17 -1.86
N GLY D 383 34.82 12.30 -1.46
CA GLY D 383 33.39 12.52 -1.58
C GLY D 383 33.01 12.43 -3.04
N CYS D 384 33.83 13.04 -3.88
CA CYS D 384 33.60 13.10 -5.31
C CYS D 384 33.56 11.70 -5.93
N ILE D 385 34.54 10.88 -5.63
CA ILE D 385 34.62 9.53 -6.20
C ILE D 385 33.48 8.65 -5.70
N LYS D 386 33.13 8.79 -4.43
CA LYS D 386 32.06 8.00 -3.87
C LYS D 386 30.77 8.28 -4.62
N VAL D 387 30.52 9.56 -4.88
CA VAL D 387 29.35 9.99 -5.64
C VAL D 387 29.37 9.62 -7.10
N VAL D 388 30.53 9.83 -7.70
CA VAL D 388 30.71 9.48 -9.09
C VAL D 388 30.51 7.97 -9.22
N MET D 389 31.01 7.25 -8.23
CA MET D 389 30.87 5.80 -8.15
C MET D 389 29.45 5.31 -7.88
N SER D 390 28.75 5.99 -6.99
CA SER D 390 27.38 5.60 -6.66
C SER D 390 26.51 5.67 -7.90
N LEU D 391 26.71 6.72 -8.69
CA LEU D 391 25.95 6.89 -9.93
C LEU D 391 26.30 5.87 -11.01
N TYR D 392 27.55 5.48 -11.04
CA TYR D 392 28.02 4.53 -12.02
C TYR D 392 27.29 3.21 -11.86
N HIS D 393 27.11 2.81 -10.61
CA HIS D 393 26.45 1.57 -10.27
C HIS D 393 25.00 1.74 -9.82
N GLN D 394 24.52 2.98 -9.83
CA GLN D 394 23.12 3.25 -9.47
C GLN D 394 22.75 2.74 -8.07
N GLU D 395 23.63 2.97 -7.10
CA GLU D 395 23.33 2.58 -5.73
C GLU D 395 23.58 3.72 -4.79
N ILE D 396 22.98 3.64 -3.62
CA ILE D 396 23.24 4.60 -2.57
C ILE D 396 23.98 3.88 -1.48
N ALA D 397 25.09 4.47 -1.07
CA ALA D 397 25.97 3.82 -0.15
C ALA D 397 25.60 4.29 1.23
N PRO D 398 25.60 3.39 2.21
CA PRO D 398 25.15 3.70 3.55
C PRO D 398 26.12 4.56 4.34
N SER D 399 25.58 5.33 5.26
CA SER D 399 26.40 6.08 6.19
C SER D 399 26.44 5.27 7.45
N ILE D 400 27.65 5.05 7.98
CA ILE D 400 27.79 4.19 9.13
C ILE D 400 27.91 4.95 10.45
N ASN D 401 28.00 4.18 11.52
CA ASN D 401 28.07 4.74 12.87
C ASN D 401 26.83 5.56 13.20
N TYR D 402 25.69 5.09 12.74
CA TYR D 402 24.45 5.79 12.97
C TYR D 402 23.54 4.91 13.80
N LYS D 403 23.16 5.40 14.96
CA LYS D 403 22.28 4.67 15.85
C LYS D 403 20.89 5.30 15.85
N GLU D 404 20.84 6.58 16.14
CA GLU D 404 19.59 7.33 16.02
C GLU D 404 19.92 8.78 15.67
N PRO D 405 18.99 9.48 15.01
CA PRO D 405 19.27 10.81 14.54
C PRO D 405 19.34 11.80 15.67
N ASN D 406 20.17 12.83 15.50
CA ASN D 406 20.25 13.91 16.47
C ASN D 406 18.96 14.69 16.18
N PRO D 407 18.11 14.87 17.19
CA PRO D 407 16.83 15.55 17.03
C PRO D 407 16.98 17.03 16.77
N ASN D 408 18.22 17.49 16.63
CA ASN D 408 18.49 18.91 16.39
C ASN D 408 18.42 19.25 14.90
N LEU D 409 18.22 18.24 14.07
CA LEU D 409 18.13 18.40 12.64
C LEU D 409 16.70 18.53 12.20
N HIS D 410 15.83 17.91 12.95
CA HIS D 410 14.41 17.90 12.62
C HIS D 410 14.18 17.39 11.20
N LEU D 411 14.76 16.23 10.88
CA LEU D 411 14.62 15.63 9.56
C LEU D 411 13.16 15.37 9.24
N GLU D 412 12.34 15.26 10.28
CA GLU D 412 10.91 15.00 10.11
C GLU D 412 10.33 15.85 8.99
N ASP D 413 10.73 17.12 8.93
CA ASP D 413 10.24 18.04 7.91
C ASP D 413 11.32 18.28 6.87
N SER D 414 12.48 17.70 7.14
CA SER D 414 13.58 17.70 6.20
C SER D 414 13.18 16.84 5.03
N PRO D 415 13.51 17.30 3.83
CA PRO D 415 13.40 16.48 2.66
C PRO D 415 14.21 15.22 2.80
N PHE D 416 15.22 15.32 3.66
CA PHE D 416 16.23 14.29 3.83
C PHE D 416 15.91 13.18 4.81
N PHE D 417 16.46 12.02 4.51
CA PHE D 417 16.53 10.95 5.46
C PHE D 417 17.94 10.39 5.43
N VAL D 418 18.49 10.13 6.59
CA VAL D 418 19.82 9.57 6.65
C VAL D 418 19.79 8.20 6.04
N ALA D 419 20.88 7.83 5.38
CA ALA D 419 20.96 6.55 4.72
C ALA D 419 21.52 5.51 5.67
N GLU D 420 20.63 4.86 6.38
CA GLU D 420 21.08 3.88 7.37
C GLU D 420 21.69 2.63 6.72
N GLU D 421 21.14 2.16 5.60
CA GLU D 421 21.59 0.88 5.05
C GLU D 421 21.49 1.41 3.62
N LYS D 422 21.73 0.57 2.63
CA LYS D 422 21.63 0.99 1.25
C LYS D 422 20.40 1.00 0.42
N LYS D 423 20.54 1.42 -0.82
CA LYS D 423 19.42 1.46 -1.70
C LYS D 423 19.87 1.18 -3.10
N GLU D 424 19.58 -0.01 -3.58
CA GLU D 424 19.91 -0.40 -4.93
C GLU D 424 18.96 0.45 -5.70
N LEU D 425 19.28 0.95 -6.87
CA LEU D 425 18.29 1.81 -7.51
C LEU D 425 17.83 1.40 -8.86
N THR D 426 16.74 2.00 -9.29
CA THR D 426 16.13 1.66 -10.55
C THR D 426 16.02 2.87 -11.43
N ARG D 427 16.25 2.68 -12.72
CA ARG D 427 16.21 3.76 -13.67
C ARG D 427 14.84 4.32 -13.82
N GLU D 428 14.71 5.55 -14.29
CA GLU D 428 13.39 6.14 -14.43
C GLU D 428 13.33 7.35 -15.37
N ALA D 431 17.67 10.03 -15.82
CA ALA D 431 18.98 10.18 -15.68
C ALA D 431 18.85 10.68 -14.05
N HIS D 432 19.69 9.98 -13.30
CA HIS D 432 19.79 10.33 -11.99
C HIS D 432 20.95 11.47 -11.75
N ARG D 433 20.71 12.24 -10.67
CA ARG D 433 21.58 13.22 -9.86
C ARG D 433 21.86 13.06 -8.34
N MET D 434 23.00 13.60 -7.93
CA MET D 434 23.47 13.56 -6.52
C MET D 434 24.30 14.81 -6.29
N ALA D 435 24.01 15.50 -5.20
CA ALA D 435 24.80 16.68 -4.83
C ALA D 435 25.95 16.34 -3.89
N LEU D 436 26.93 17.22 -3.87
CA LEU D 436 28.13 17.06 -3.08
C LEU D 436 28.51 18.38 -2.44
N SER D 437 28.93 18.34 -1.18
CA SER D 437 29.30 19.54 -0.47
C SER D 437 30.66 19.39 0.15
N SER D 438 31.43 20.47 0.11
CA SER D 438 32.65 20.59 0.85
C SER D 438 32.71 21.99 1.40
N PHE D 439 32.89 22.10 2.69
CA PHE D 439 33.02 23.41 3.30
C PHE D 439 34.35 23.50 4.00
N GLY D 440 35.10 24.51 3.62
CA GLY D 440 36.47 24.65 4.09
C GLY D 440 36.58 25.08 5.53
N LEU D 441 37.75 24.80 6.08
CA LEU D 441 38.09 25.24 7.42
C LEU D 441 38.20 26.74 7.44
N GLY D 442 38.76 27.27 6.37
CA GLY D 442 38.90 28.71 6.22
C GLY D 442 37.58 29.45 6.06
N GLY D 443 36.57 28.77 5.54
CA GLY D 443 35.33 29.43 5.18
C GLY D 443 35.05 29.48 3.70
N THR D 444 35.79 28.71 2.93
CA THR D 444 35.50 28.60 1.51
C THR D 444 34.65 27.36 1.34
N ASN D 445 33.46 27.57 0.79
CA ASN D 445 32.47 26.53 0.70
C ASN D 445 32.37 26.12 -0.73
N THR D 446 32.25 24.83 -0.98
CA THR D 446 32.11 24.34 -2.33
C THR D 446 30.93 23.42 -2.40
N HIS D 447 30.18 23.54 -3.48
CA HIS D 447 29.07 22.66 -3.72
C HIS D 447 29.08 22.24 -5.19
N ALA D 448 28.85 20.96 -5.44
CA ALA D 448 28.84 20.47 -6.82
C ALA D 448 27.69 19.53 -7.03
N ILE D 449 27.28 19.38 -8.29
CA ILE D 449 26.22 18.42 -8.61
C ILE D 449 26.63 17.52 -9.74
N PHE D 450 26.26 16.25 -9.64
CA PHE D 450 26.55 15.31 -10.72
C PHE D 450 25.30 14.65 -11.22
N GLU D 451 25.39 14.14 -12.43
CA GLU D 451 24.25 13.52 -13.07
C GLU D 451 24.71 12.18 -13.65
N GLN D 452 23.81 11.22 -13.66
CA GLN D 452 24.12 9.87 -14.14
C GLN D 452 24.22 9.82 -15.65
N TYR D 453 25.11 8.98 -16.14
CA TYR D 453 25.27 8.76 -17.58
C TYR D 453 24.88 7.34 -17.94
N PRO D 454 23.71 7.18 -18.56
CA PRO D 454 23.25 5.86 -18.98
C PRO D 454 24.08 5.28 -20.12
N ASP D 455 24.18 3.96 -20.14
CA ASP D 455 24.90 3.25 -21.19
C ASP D 455 26.28 3.87 -21.43
N ALA D 463 34.89 -9.33 -34.85
CA ALA D 463 36.18 -9.87 -35.26
C ALA D 463 36.47 -11.12 -34.46
N GLY D 464 37.30 -11.99 -35.01
CA GLY D 464 37.65 -13.20 -34.31
C GLY D 464 38.99 -13.17 -33.59
N PRO D 465 39.97 -12.51 -34.24
CA PRO D 465 41.34 -12.45 -33.83
C PRO D 465 41.83 -11.08 -33.26
N PHE D 466 42.42 -11.15 -32.06
CA PHE D 466 42.79 -9.94 -31.31
C PHE D 466 44.19 -9.90 -30.82
N ILE D 467 44.74 -8.69 -30.72
CA ILE D 467 46.11 -8.50 -30.24
C ILE D 467 46.15 -7.77 -28.91
N ILE D 468 46.97 -8.29 -28.01
CA ILE D 468 47.24 -7.63 -26.75
C ILE D 468 48.73 -7.36 -26.61
N PRO D 469 49.11 -6.09 -26.56
CA PRO D 469 50.48 -5.73 -26.27
C PRO D 469 50.70 -5.40 -24.81
N LEU D 470 51.58 -6.14 -24.16
CA LEU D 470 51.88 -5.87 -22.76
C LEU D 470 53.26 -5.28 -22.62
N SER D 471 53.36 -4.16 -21.92
CA SER D 471 54.64 -3.46 -21.81
C SER D 471 54.92 -2.96 -20.40
N ALA D 472 56.19 -2.87 -20.08
CA ALA D 472 56.60 -2.33 -18.79
C ALA D 472 58.06 -1.93 -18.79
N ARG D 473 58.44 -1.18 -17.75
CA ARG D 473 59.79 -0.67 -17.60
C ARG D 473 60.82 -1.77 -17.46
N LYS D 474 60.48 -2.80 -16.70
CA LYS D 474 61.42 -3.88 -16.51
C LYS D 474 60.69 -5.16 -16.59
N LYS D 475 61.46 -6.23 -16.69
CA LYS D 475 60.90 -7.56 -16.88
C LYS D 475 60.22 -8.03 -15.60
N ASP D 476 60.77 -7.63 -14.46
CA ASP D 476 60.17 -7.98 -13.17
C ASP D 476 58.82 -7.32 -13.06
N ARG D 477 58.76 -6.07 -13.52
CA ARG D 477 57.52 -5.31 -13.56
C ARG D 477 56.52 -5.89 -14.53
N LEU D 478 56.97 -6.14 -15.73
CA LEU D 478 56.06 -6.56 -16.77
C LEU D 478 55.37 -7.82 -16.31
N LYS D 479 56.17 -8.71 -15.74
CA LYS D 479 55.66 -10.00 -15.34
C LYS D 479 54.59 -9.80 -14.29
N GLU D 480 54.85 -8.92 -13.33
CA GLU D 480 53.83 -8.62 -12.33
C GLU D 480 52.62 -8.02 -13.00
N TYR D 481 52.87 -7.38 -14.14
CA TYR D 481 51.82 -6.73 -14.88
C TYR D 481 50.79 -7.77 -15.22
N ALA D 482 51.30 -8.91 -15.66
CA ALA D 482 50.48 -10.05 -16.05
C ALA D 482 49.74 -10.58 -14.85
N LYS D 483 50.44 -10.67 -13.72
CA LYS D 483 49.86 -11.20 -12.51
C LYS D 483 48.66 -10.45 -12.09
N GLN D 484 48.57 -9.20 -12.50
CA GLN D 484 47.44 -8.40 -12.10
C GLN D 484 46.53 -8.13 -13.25
N LEU D 485 46.95 -8.48 -14.46
CA LEU D 485 46.11 -8.25 -15.61
C LEU D 485 44.86 -9.00 -16.00
N LEU D 486 44.84 -10.23 -16.10
CA LEU D 486 43.60 -10.91 -16.44
C LEU D 486 43.69 -11.83 -15.21
N ALA D 487 44.88 -11.86 -14.60
CA ALA D 487 45.09 -12.69 -13.42
C ALA D 487 43.95 -12.56 -12.43
N PHE D 488 43.40 -11.36 -12.32
CA PHE D 488 42.29 -11.10 -11.41
C PHE D 488 40.95 -11.12 -12.14
N LEU D 489 40.86 -11.96 -13.17
CA LEU D 489 39.63 -12.07 -13.95
C LEU D 489 38.74 -12.65 -12.87
N GLU D 490 38.37 -11.83 -11.90
CA GLU D 490 37.51 -12.27 -10.80
C GLU D 490 36.55 -11.12 -11.10
N ARG D 491 37.01 -10.18 -11.92
CA ARG D 491 36.21 -9.02 -12.30
C ARG D 491 35.40 -10.14 -12.94
N LYS D 492 34.39 -9.78 -13.73
CA LYS D 492 33.62 -10.81 -14.42
C LYS D 492 34.11 -11.56 -15.66
N THR D 493 33.24 -12.32 -16.31
CA THR D 493 33.65 -13.02 -17.51
C THR D 493 32.58 -12.19 -18.18
N ASP D 494 32.38 -11.04 -17.60
CA ASP D 494 31.42 -10.07 -18.05
C ASP D 494 32.06 -8.98 -18.88
N THR D 495 33.22 -9.29 -19.43
CA THR D 495 34.08 -8.29 -20.00
C THR D 495 34.45 -8.70 -21.43
N ASP D 496 34.18 -7.79 -22.34
CA ASP D 496 34.52 -7.97 -23.73
C ASP D 496 36.04 -7.88 -23.81
N LEU D 497 36.64 -8.59 -24.76
CA LEU D 497 38.07 -8.47 -24.98
C LEU D 497 38.40 -7.68 -26.23
N ALA D 498 37.36 -7.38 -27.01
CA ALA D 498 37.55 -6.51 -28.15
C ALA D 498 38.11 -5.22 -27.60
N ASP D 499 37.46 -4.78 -26.53
CA ASP D 499 37.82 -3.55 -25.83
C ASP D 499 39.08 -3.61 -24.99
N LEU D 500 39.25 -4.72 -24.30
CA LEU D 500 40.44 -4.90 -23.48
C LEU D 500 41.63 -4.80 -24.39
N ALA D 501 41.48 -5.39 -25.56
CA ALA D 501 42.49 -5.32 -26.57
C ALA D 501 42.68 -3.89 -27.02
N TYR D 502 41.56 -3.17 -27.21
CA TYR D 502 41.61 -1.80 -27.76
C TYR D 502 42.39 -0.91 -26.82
N THR D 503 42.06 -1.04 -25.55
CA THR D 503 42.64 -0.18 -24.55
C THR D 503 44.09 -0.45 -24.23
N PHE D 504 44.61 -1.57 -24.72
CA PHE D 504 46.03 -1.89 -24.53
C PHE D 504 46.63 -1.29 -25.80
N GLN D 505 46.02 -1.60 -26.93
CA GLN D 505 46.46 -1.05 -28.21
C GLN D 505 46.67 0.46 -28.16
N VAL D 506 45.66 1.18 -27.66
CA VAL D 506 45.71 2.62 -27.54
C VAL D 506 45.49 2.91 -26.08
N GLY D 507 46.16 3.92 -25.56
CA GLY D 507 45.94 4.26 -24.16
C GLY D 507 46.85 3.49 -23.24
N ARG D 508 47.87 2.85 -23.82
CA ARG D 508 48.99 2.37 -23.04
C ARG D 508 50.25 2.67 -23.82
N GLU D 509 51.22 3.26 -23.14
CA GLU D 509 52.49 3.55 -23.77
C GLU D 509 53.19 2.24 -24.01
N ALA D 510 54.00 2.19 -25.06
CA ALA D 510 54.76 1.00 -25.34
C ALA D 510 56.15 1.16 -24.76
N MET D 511 56.38 0.46 -23.66
CA MET D 511 57.59 0.61 -22.89
C MET D 511 58.72 -0.27 -23.38
N GLU D 512 59.79 -0.26 -22.60
CA GLU D 512 61.05 -0.86 -23.02
C GLU D 512 60.87 -2.34 -23.29
N GLU D 513 60.16 -3.01 -22.41
CA GLU D 513 60.03 -4.46 -22.51
C GLU D 513 58.60 -4.88 -22.78
N ARG D 514 58.45 -5.78 -23.74
CA ARG D 514 57.17 -6.03 -24.36
C ARG D 514 56.82 -7.50 -24.48
N ALA D 515 55.57 -7.81 -24.17
CA ALA D 515 54.98 -9.11 -24.47
C ALA D 515 53.63 -8.96 -25.17
N ALA D 516 53.50 -9.59 -26.33
CA ALA D 516 52.31 -9.43 -27.17
C ALA D 516 51.56 -10.73 -27.31
N PHE D 517 50.26 -10.65 -27.06
CA PHE D 517 49.43 -11.83 -27.01
C PHE D 517 48.16 -11.59 -27.81
N ILE D 518 47.74 -12.61 -28.51
CA ILE D 518 46.53 -12.50 -29.30
C ILE D 518 45.76 -13.81 -29.21
N THR D 519 44.45 -13.76 -29.19
CA THR D 519 43.76 -15.04 -29.06
C THR D 519 42.30 -14.99 -29.43
N SER D 520 41.67 -16.13 -29.31
CA SER D 520 40.24 -16.25 -29.63
C SER D 520 39.51 -15.65 -28.43
N GLY D 521 39.94 -16.06 -27.24
CA GLY D 521 39.17 -15.85 -26.01
C GLY D 521 39.83 -15.85 -24.64
N THR D 522 39.06 -15.35 -23.69
CA THR D 522 39.50 -15.15 -22.32
C THR D 522 39.48 -16.38 -21.49
N ALA D 523 39.24 -17.53 -22.11
CA ALA D 523 39.13 -18.75 -21.35
C ALA D 523 40.37 -19.44 -21.80
N GLU D 524 40.69 -19.21 -23.06
CA GLU D 524 41.82 -19.85 -23.72
C GLU D 524 42.93 -18.90 -23.31
N LEU D 525 42.89 -17.72 -23.91
CA LEU D 525 43.90 -16.68 -23.74
C LEU D 525 44.55 -16.62 -22.37
N LYS D 526 43.72 -16.72 -21.35
CA LYS D 526 44.21 -16.71 -19.99
C LYS D 526 45.33 -17.70 -19.91
N ARG D 527 45.18 -18.78 -20.65
CA ARG D 527 46.15 -19.86 -20.59
C ARG D 527 47.50 -19.22 -20.88
N GLN D 528 47.52 -18.30 -21.83
CA GLN D 528 48.77 -17.63 -22.23
C GLN D 528 49.35 -16.63 -21.21
N LEU D 529 48.60 -16.30 -20.17
CA LEU D 529 49.08 -15.35 -19.17
C LEU D 529 49.79 -16.21 -18.14
N ALA D 530 49.16 -17.33 -17.77
CA ALA D 530 49.83 -18.35 -16.98
C ALA D 530 51.06 -18.96 -17.65
N ASP D 531 51.07 -18.83 -18.98
CA ASP D 531 52.17 -19.28 -19.81
C ASP D 531 53.52 -18.61 -19.54
N PHE D 532 53.50 -17.29 -19.36
CA PHE D 532 54.76 -16.62 -19.03
C PHE D 532 54.98 -16.28 -17.57
N ILE D 533 53.93 -16.28 -16.74
CA ILE D 533 54.20 -16.08 -15.33
C ILE D 533 55.15 -17.19 -14.92
N ASN D 534 54.89 -18.37 -15.47
CA ASN D 534 55.73 -19.53 -15.22
C ASN D 534 57.11 -19.28 -15.75
N ASP D 535 57.18 -18.66 -16.94
CA ASP D 535 58.44 -18.57 -17.63
C ASP D 535 59.08 -19.93 -17.46
N PHE D 543 55.31 -11.66 -26.30
CA PHE D 543 56.44 -12.53 -26.14
C PHE D 543 57.71 -11.70 -26.06
N ARG D 544 58.80 -12.38 -25.72
CA ARG D 544 60.10 -11.73 -25.59
C ARG D 544 60.28 -10.80 -26.78
N GLY D 545 60.44 -9.51 -26.49
CA GLY D 545 60.58 -8.50 -27.51
C GLY D 545 61.18 -7.26 -26.92
N ALA D 571 55.61 2.40 -43.78
CA ALA D 571 54.59 1.55 -43.19
C ALA D 571 54.53 0.18 -43.85
N LYS D 572 53.38 -0.46 -43.74
CA LYS D 572 53.07 -1.68 -44.45
C LYS D 572 51.57 -1.75 -44.51
N GLY D 573 51.08 -2.58 -45.43
CA GLY D 573 49.69 -3.03 -45.35
C GLY D 573 49.61 -3.91 -44.13
N LYS D 574 48.40 -4.15 -43.62
CA LYS D 574 48.25 -4.84 -42.35
C LYS D 574 47.87 -6.30 -42.49
N GLY D 575 48.76 -7.15 -41.99
CA GLY D 575 48.52 -8.58 -41.96
C GLY D 575 48.47 -9.03 -40.50
N PRO D 576 47.35 -9.66 -40.10
CA PRO D 576 47.15 -10.02 -38.71
C PRO D 576 48.31 -10.75 -38.06
N LYS D 577 48.49 -10.51 -36.77
CA LYS D 577 49.58 -11.10 -36.00
C LYS D 577 50.94 -10.92 -36.65
N LEU D 578 51.34 -9.66 -36.78
CA LEU D 578 52.74 -9.31 -36.90
C LEU D 578 53.03 -8.24 -35.91
N CYS D 579 52.91 -8.63 -34.66
CA CYS D 579 53.42 -7.85 -33.56
C CYS D 579 54.89 -7.73 -33.82
N GLU D 580 55.52 -8.87 -34.10
CA GLU D 580 56.71 -8.87 -34.90
C GLU D 580 57.66 -7.91 -34.23
N MET D 581 57.99 -6.82 -34.91
CA MET D 581 58.96 -5.83 -34.48
C MET D 581 58.38 -4.92 -33.39
N TRP D 582 57.08 -5.00 -33.12
CA TRP D 582 56.55 -4.34 -31.94
C TRP D 582 57.29 -4.93 -30.76
N SER D 583 57.84 -6.12 -30.96
CA SER D 583 58.78 -6.70 -30.01
C SER D 583 60.00 -5.78 -29.88
N LYS D 584 60.19 -4.87 -30.83
CA LYS D 584 61.14 -3.75 -30.65
C LYS D 584 60.63 -2.36 -31.11
N GLY D 585 59.47 -1.98 -30.59
CA GLY D 585 59.04 -0.59 -30.53
C GLY D 585 58.95 0.29 -31.77
N VAL D 586 58.25 -0.14 -32.82
CA VAL D 586 58.00 0.77 -33.95
C VAL D 586 56.56 0.84 -34.51
N ALA D 587 55.57 0.34 -33.77
CA ALA D 587 54.24 0.19 -34.35
C ALA D 587 53.16 1.01 -33.66
N ILE D 588 52.21 1.51 -34.46
CA ILE D 588 51.09 2.29 -33.95
C ILE D 588 49.75 1.61 -34.30
N ASN D 589 49.26 0.80 -33.38
CA ASN D 589 48.16 -0.12 -33.67
C ASN D 589 46.84 0.63 -33.70
N TRP D 590 46.64 1.46 -34.71
CA TRP D 590 45.43 2.24 -34.77
C TRP D 590 44.57 2.01 -36.01
N HIS D 591 45.06 1.28 -37.01
CA HIS D 591 44.50 1.51 -38.42
C HIS D 591 43.27 1.08 -39.09
N LYS D 592 42.70 0.00 -38.68
CA LYS D 592 41.30 -0.14 -39.05
C LYS D 592 40.40 1.14 -39.20
N HIS D 598 35.83 0.92 -34.52
CA HIS D 598 36.27 1.57 -33.31
C HIS D 598 35.81 0.82 -32.08
N PRO D 599 36.74 -0.02 -31.47
CA PRO D 599 36.25 -0.68 -30.25
C PRO D 599 36.08 0.37 -29.16
N LYS D 600 35.93 -0.01 -27.89
CA LYS D 600 35.72 1.01 -26.88
C LYS D 600 36.73 1.13 -25.74
N ARG D 601 37.21 2.34 -25.41
CA ARG D 601 38.13 2.48 -24.29
C ARG D 601 37.49 1.92 -23.02
N ILE D 602 38.22 1.06 -22.32
CA ILE D 602 37.70 0.46 -21.09
C ILE D 602 38.65 0.54 -19.90
N SER D 603 38.07 0.43 -18.72
CA SER D 603 38.85 0.54 -17.51
C SER D 603 39.46 -0.80 -17.17
N LEU D 604 40.78 -0.84 -17.19
CA LEU D 604 41.53 -2.05 -16.92
C LEU D 604 42.74 -1.72 -16.10
N PRO D 605 43.33 -2.74 -15.47
CA PRO D 605 44.43 -2.50 -14.57
C PRO D 605 45.54 -1.74 -15.23
N VAL D 606 46.08 -0.83 -14.45
CA VAL D 606 47.04 0.13 -14.96
C VAL D 606 48.40 -0.31 -14.50
N TYR D 607 49.41 0.39 -14.96
CA TYR D 607 50.78 -0.03 -14.74
C TYR D 607 50.99 -0.22 -13.26
N PRO D 608 51.62 -1.34 -12.90
CA PRO D 608 51.96 -1.57 -11.53
C PRO D 608 53.38 -1.10 -11.32
N PHE D 609 53.52 -0.10 -10.48
CA PHE D 609 54.82 0.45 -10.20
C PHE D 609 55.45 -0.40 -9.16
N ALA D 610 56.77 -0.39 -9.15
CA ALA D 610 57.51 -1.08 -8.14
C ALA D 610 57.20 -0.43 -6.82
N LYS D 611 57.31 -1.20 -5.75
CA LYS D 611 57.03 -0.71 -4.44
C LYS D 611 58.41 -0.62 -3.83
N GLU D 612 58.84 0.59 -3.54
CA GLU D 612 60.15 0.82 -2.97
C GLU D 612 60.01 1.95 -1.98
N PRO D 613 60.68 1.82 -0.84
CA PRO D 613 60.49 2.79 0.23
C PRO D 613 61.55 3.87 0.22
N TYR D 614 61.11 5.13 0.28
CA TYR D 614 62.02 6.24 0.47
C TYR D 614 61.47 7.17 1.51
N TRP D 615 62.29 7.52 2.48
CA TRP D 615 61.89 8.48 3.48
C TRP D 615 63.15 9.24 3.87
N PRO D 616 62.99 10.27 4.68
CA PRO D 616 64.17 11.05 5.07
C PRO D 616 65.15 10.37 6.01
N LYS D 617 64.66 10.01 7.19
CA LYS D 617 65.34 9.05 8.04
C LYS D 617 64.27 8.03 8.42
#